data_8CY4
#
_entry.id   8CY4
#
_cell.length_a   81.313
_cell.length_b   161.764
_cell.length_c   229.946
_cell.angle_alpha   90.000
_cell.angle_beta   90.000
_cell.angle_gamma   90.000
#
_symmetry.space_group_name_H-M   'P 21 21 21'
#
loop_
_entity.id
_entity.type
_entity.pdbx_description
1 polymer 'Site-specific DNA-methyltransferase (adenine-specific)'
2 polymer "DNA (5'-D(*AP*TP*GP*GP*GP*AP*CP*TP*TP*TP*TP*TP*GP*A)-3')"
3 polymer "DNA (5'-D(*AP*TP*GP*GP*GP*AP*CP*TP*TP*TP*TP*TP*GP*A)-3')"
4 non-polymer 1,2-ETHANEDIOL
5 non-polymer N-[3-(4-hydroxyphenyl)propyl]adenosine
6 non-polymer 'POTASSIUM ION'
7 water water
#
loop_
_entity_poly.entity_id
_entity_poly.type
_entity_poly.pdbx_seq_one_letter_code
_entity_poly.pdbx_strand_id
1 'polypeptide(L)'
;MDDISQDNFLLSKEYENSLDVDTKKASGIYYTPKIIVDYIVKKTLKNHDIIKNPYPRILDISCGCGNFLLEVYDILYDLF
EENIYELKKKYDENYWTVDNIHRHILNYCIYGADIDEKAISILKDSLTNKKVVNDLDESDIKINLFCCDSLKKKWRYKFD
YIVGNPPYIGHKKLEKKYKKFLLEKYSEVYKDKADLYFCFYKKIIDILKQGGIGSVITPRYFLESLSGKDLREYIKSNVN
VQEIVDFLGANIFKNIGVSSCILTFDKKKTKETYIDVFKIKNEDICINKFETLEELLKSSKFEHFNINQRLLSDEWILVN
KDDETFYNKIQEKCKYSLEDIAISFQGIITGCDKAFILSKDDVKLNLVDDKFLKCWIKSKNINKYIVDKSEYRLIYSNDI
DNENTNKRILDEIIGLYKTKLENRRECKSGIRKWYELQWGREKLFFERKKIMYPYKSNENRFAIDYDNNFSSADVYSFFI
KEEYLDKFSYEYLVGILNSSVYDKYFKITAKKMSKNIYDYYPNKVMKIRIFRDNNYEEIENLSKQIISILLNKSIDKGKV
EKLQIKMDNLIMDSLGI
;
A,B,C
2 'polydeoxyribonucleotide' (DA)(DT)(DG)(DG)(DG)(DA)(DC)(DT)(DT)(DT)(DT)(DT)(DG)(DA) E,G,I
3 'polydeoxyribonucleotide' (DT)(DT)(DC)(DA)(DA)(DA)(DA)(DA)(DG)(DT)(DC)(DC)(DC)(DA) D,F,H
#
# COMPACT_ATOMS: atom_id res chain seq x y z
N GLY A 28 -33.49 -32.60 17.09
CA GLY A 28 -33.59 -31.17 17.32
C GLY A 28 -34.20 -30.81 18.66
N ILE A 29 -35.03 -31.70 19.20
CA ILE A 29 -35.72 -31.50 20.46
C ILE A 29 -35.30 -32.61 21.42
N TYR A 30 -34.85 -32.23 22.61
CA TYR A 30 -34.30 -33.16 23.59
C TYR A 30 -35.17 -33.16 24.84
N TYR A 31 -35.48 -34.37 25.32
CA TYR A 31 -36.41 -34.55 26.44
C TYR A 31 -35.63 -34.64 27.75
N THR A 32 -35.81 -33.64 28.61
CA THR A 32 -35.19 -33.65 29.93
C THR A 32 -35.94 -34.63 30.84
N PRO A 33 -35.23 -35.49 31.58
CA PRO A 33 -35.92 -36.44 32.46
C PRO A 33 -36.81 -35.73 33.47
N LYS A 34 -37.99 -36.31 33.71
CA LYS A 34 -38.99 -35.66 34.55
C LYS A 34 -38.46 -35.38 35.95
N ILE A 35 -37.60 -36.26 36.47
CA ILE A 35 -37.09 -36.07 37.82
C ILE A 35 -36.24 -34.80 37.90
N ILE A 36 -35.50 -34.50 36.83
CA ILE A 36 -34.70 -33.27 36.82
C ILE A 36 -35.59 -32.05 36.59
N VAL A 37 -36.60 -32.18 35.74
CA VAL A 37 -37.52 -31.06 35.50
C VAL A 37 -38.18 -30.64 36.80
N ASP A 38 -38.73 -31.61 37.54
CA ASP A 38 -39.40 -31.31 38.80
C ASP A 38 -38.43 -30.67 39.80
N TYR A 39 -37.18 -31.14 39.83
CA TYR A 39 -36.19 -30.56 40.72
C TYR A 39 -35.92 -29.09 40.38
N ILE A 40 -35.74 -28.79 39.09
CA ILE A 40 -35.39 -27.43 38.69
C ILE A 40 -36.55 -26.47 38.97
N VAL A 41 -37.78 -26.90 38.69
CA VAL A 41 -38.93 -26.06 38.97
C VAL A 41 -39.11 -25.85 40.47
N LYS A 42 -38.94 -26.91 41.26
CA LYS A 42 -39.02 -26.77 42.71
C LYS A 42 -37.94 -25.83 43.22
N LYS A 43 -36.73 -25.92 42.66
CA LYS A 43 -35.62 -25.09 43.12
C LYS A 43 -35.95 -23.61 43.00
N THR A 44 -36.62 -23.21 41.91
CA THR A 44 -36.90 -21.79 41.69
C THR A 44 -38.14 -21.30 42.43
N LEU A 45 -39.15 -22.15 42.61
CA LEU A 45 -40.47 -21.70 43.05
C LEU A 45 -40.87 -22.15 44.45
N LYS A 46 -40.08 -22.99 45.13
CA LYS A 46 -40.58 -23.62 46.35
C LYS A 46 -40.76 -22.64 47.50
N ASN A 47 -40.05 -21.51 47.50
CA ASN A 47 -40.16 -20.53 48.57
C ASN A 47 -40.73 -19.20 48.10
N HIS A 48 -41.41 -19.19 46.95
CA HIS A 48 -42.01 -17.95 46.48
C HIS A 48 -43.15 -17.53 47.38
N ASP A 49 -43.19 -16.25 47.72
CA ASP A 49 -44.23 -15.67 48.56
C ASP A 49 -45.34 -15.16 47.65
N ILE A 50 -46.33 -16.02 47.40
CA ILE A 50 -47.38 -15.67 46.45
C ILE A 50 -48.31 -14.59 46.99
N ILE A 51 -48.39 -14.43 48.31
CA ILE A 51 -49.19 -13.34 48.87
C ILE A 51 -48.52 -11.99 48.59
N LYS A 52 -47.20 -11.91 48.80
CA LYS A 52 -46.49 -10.67 48.56
C LYS A 52 -46.47 -10.31 47.08
N ASN A 53 -46.27 -11.30 46.21
CA ASN A 53 -46.21 -11.07 44.76
C ASN A 53 -47.00 -12.16 44.05
N PRO A 54 -48.28 -11.91 43.77
CA PRO A 54 -49.09 -12.89 43.03
C PRO A 54 -48.95 -12.78 41.52
N TYR A 55 -47.93 -12.06 41.03
CA TYR A 55 -47.68 -11.92 39.60
C TYR A 55 -46.25 -12.31 39.23
N PRO A 56 -45.82 -13.53 39.58
CA PRO A 56 -44.46 -13.93 39.20
C PRO A 56 -44.38 -14.21 37.71
N ARG A 57 -43.26 -13.82 37.10
CA ARG A 57 -43.00 -14.08 35.69
C ARG A 57 -41.99 -15.23 35.58
N ILE A 58 -42.46 -16.37 35.08
CA ILE A 58 -41.62 -17.55 34.92
C ILE A 58 -41.43 -17.81 33.42
N LEU A 59 -40.18 -17.95 33.01
CA LEU A 59 -39.82 -17.98 31.60
C LEU A 59 -38.96 -19.19 31.28
N ASP A 60 -39.16 -19.75 30.09
CA ASP A 60 -38.28 -20.75 29.49
C ASP A 60 -38.02 -20.30 28.06
N ILE A 61 -36.77 -19.95 27.74
CA ILE A 61 -36.47 -19.38 26.43
C ILE A 61 -36.10 -20.45 25.39
N SER A 62 -36.12 -21.72 25.76
CA SER A 62 -36.03 -22.83 24.81
C SER A 62 -37.04 -23.90 25.21
N CYS A 63 -38.29 -23.47 25.42
CA CYS A 63 -39.29 -24.29 26.09
C CYS A 63 -39.67 -25.56 25.32
N GLY A 64 -39.48 -25.58 24.01
CA GLY A 64 -39.86 -26.77 23.25
C GLY A 64 -41.34 -27.05 23.37
N CYS A 65 -41.69 -28.31 23.65
CA CYS A 65 -43.08 -28.69 23.82
C CYS A 65 -43.62 -28.40 25.21
N GLY A 66 -42.80 -27.87 26.10
CA GLY A 66 -43.26 -27.47 27.42
C GLY A 66 -42.89 -28.39 28.54
N ASN A 67 -41.74 -29.07 28.45
CA ASN A 67 -41.31 -29.98 29.50
C ASN A 67 -41.30 -29.27 30.85
N PHE A 68 -40.79 -28.04 30.88
CA PHE A 68 -40.71 -27.29 32.13
C PHE A 68 -41.96 -26.46 32.39
N LEU A 69 -42.51 -25.83 31.35
CA LEU A 69 -43.60 -24.89 31.55
C LEU A 69 -44.88 -25.57 32.04
N LEU A 70 -45.16 -26.78 31.53
CA LEU A 70 -46.34 -27.51 32.00
C LEU A 70 -46.21 -27.86 33.48
N GLU A 71 -45.01 -28.25 33.92
CA GLU A 71 -44.78 -28.50 35.33
C GLU A 71 -44.87 -27.20 36.14
N VAL A 72 -44.38 -26.09 35.58
CA VAL A 72 -44.52 -24.80 36.24
C VAL A 72 -46.00 -24.48 36.47
N TYR A 73 -46.84 -24.78 35.48
CA TYR A 73 -48.28 -24.53 35.61
C TYR A 73 -48.84 -25.27 36.83
N ASP A 74 -48.50 -26.56 36.97
CA ASP A 74 -49.00 -27.34 38.10
C ASP A 74 -48.55 -26.74 39.43
N ILE A 75 -47.27 -26.37 39.52
CA ILE A 75 -46.76 -25.78 40.77
C ILE A 75 -47.47 -24.46 41.06
N LEU A 76 -47.65 -23.63 40.03
CA LEU A 76 -48.33 -22.35 40.24
C LEU A 76 -49.78 -22.55 40.67
N TYR A 77 -50.48 -23.50 40.03
CA TYR A 77 -51.91 -23.68 40.33
C TYR A 77 -52.12 -24.07 41.79
N ASP A 78 -51.33 -25.01 42.29
CA ASP A 78 -51.42 -25.37 43.70
C ASP A 78 -51.08 -24.19 44.60
N LEU A 79 -50.08 -23.41 44.21
CA LEU A 79 -49.66 -22.25 45.00
C LEU A 79 -50.80 -21.24 45.13
N PHE A 80 -51.51 -20.94 44.04
CA PHE A 80 -52.61 -20.00 44.10
C PHE A 80 -53.81 -20.59 44.84
N GLU A 81 -54.16 -21.85 44.55
CA GLU A 81 -55.33 -22.43 45.19
C GLU A 81 -55.12 -22.58 46.69
N GLU A 82 -53.89 -22.89 47.12
CA GLU A 82 -53.62 -23.04 48.54
C GLU A 82 -53.85 -21.74 49.31
N ASN A 83 -53.70 -20.59 48.64
CA ASN A 83 -53.79 -19.30 49.31
C ASN A 83 -54.90 -18.43 48.73
N ILE A 84 -55.92 -19.03 48.11
CA ILE A 84 -56.90 -18.25 47.35
C ILE A 84 -57.67 -17.30 48.26
N TYR A 85 -57.99 -17.73 49.48
CA TYR A 85 -58.77 -16.86 50.36
C TYR A 85 -57.93 -15.73 50.93
N GLU A 86 -56.64 -15.96 51.18
CA GLU A 86 -55.78 -14.86 51.60
C GLU A 86 -55.62 -13.83 50.50
N LEU A 87 -55.46 -14.28 49.25
CA LEU A 87 -55.41 -13.34 48.13
C LEU A 87 -56.73 -12.60 47.98
N LYS A 88 -57.85 -13.31 48.13
CA LYS A 88 -59.17 -12.69 48.02
C LYS A 88 -59.33 -11.59 49.06
N LYS A 89 -58.88 -11.84 50.29
CA LYS A 89 -59.03 -10.85 51.36
C LYS A 89 -58.11 -9.65 51.15
N LYS A 90 -56.87 -9.90 50.72
CA LYS A 90 -55.88 -8.83 50.61
C LYS A 90 -56.07 -7.97 49.36
N TYR A 91 -56.51 -8.56 48.26
CA TYR A 91 -56.60 -7.92 46.96
C TYR A 91 -58.06 -7.88 46.50
N ASP A 92 -58.26 -7.57 45.23
CA ASP A 92 -59.59 -7.54 44.63
C ASP A 92 -60.30 -8.86 44.88
N GLU A 93 -61.34 -8.83 45.70
CA GLU A 93 -61.99 -10.07 46.12
C GLU A 93 -62.81 -10.70 45.01
N ASN A 94 -63.16 -9.94 43.97
CA ASN A 94 -63.84 -10.53 42.81
C ASN A 94 -62.85 -11.17 41.85
N TYR A 95 -61.60 -10.69 41.82
CA TYR A 95 -60.61 -11.23 40.90
C TYR A 95 -60.08 -12.58 41.38
N TRP A 96 -59.90 -12.74 42.69
CA TRP A 96 -59.21 -13.91 43.24
C TRP A 96 -60.24 -14.97 43.64
N THR A 97 -60.61 -15.78 42.65
CA THR A 97 -61.44 -16.95 42.83
C THR A 97 -60.71 -18.15 42.22
N VAL A 98 -61.05 -19.34 42.70
CA VAL A 98 -60.41 -20.54 42.17
C VAL A 98 -60.68 -20.67 40.67
N ASP A 99 -61.91 -20.34 40.25
CA ASP A 99 -62.28 -20.46 38.85
C ASP A 99 -61.44 -19.55 37.95
N ASN A 100 -60.80 -18.53 38.50
CA ASN A 100 -60.03 -17.57 37.72
C ASN A 100 -58.53 -17.85 37.70
N ILE A 101 -58.06 -18.87 38.43
CA ILE A 101 -56.63 -19.11 38.54
C ILE A 101 -56.03 -19.44 37.18
N HIS A 102 -56.72 -20.28 36.41
CA HIS A 102 -56.21 -20.71 35.10
C HIS A 102 -55.95 -19.52 34.18
N ARG A 103 -56.93 -18.63 34.07
CA ARG A 103 -56.77 -17.44 33.24
C ARG A 103 -55.64 -16.56 33.75
N HIS A 104 -55.52 -16.40 35.07
CA HIS A 104 -54.50 -15.53 35.63
C HIS A 104 -53.10 -16.07 35.36
N ILE A 105 -52.92 -17.39 35.49
CA ILE A 105 -51.61 -18.00 35.27
C ILE A 105 -51.15 -17.74 33.83
N LEU A 106 -52.05 -17.94 32.86
CA LEU A 106 -51.68 -17.81 31.47
C LEU A 106 -51.51 -16.35 31.05
N ASN A 107 -52.23 -15.43 31.69
CA ASN A 107 -52.10 -14.03 31.32
C ASN A 107 -50.80 -13.42 31.83
N TYR A 108 -50.40 -13.72 33.07
CA TYR A 108 -49.36 -12.96 33.73
C TYR A 108 -48.17 -13.76 34.23
N CYS A 109 -48.20 -15.08 34.15
CA CYS A 109 -47.18 -15.85 34.87
C CYS A 109 -46.27 -16.69 33.98
N ILE A 110 -46.80 -17.30 32.93
CA ILE A 110 -46.06 -18.28 32.14
C ILE A 110 -45.65 -17.66 30.82
N TYR A 111 -44.36 -17.72 30.51
CA TYR A 111 -43.80 -17.19 29.27
C TYR A 111 -42.88 -18.24 28.66
N GLY A 112 -42.91 -18.35 27.35
CA GLY A 112 -42.07 -19.33 26.66
C GLY A 112 -41.64 -18.84 25.29
N ALA A 113 -40.49 -19.34 24.85
CA ALA A 113 -39.95 -19.00 23.54
C ALA A 113 -39.24 -20.20 22.94
N ASP A 114 -39.33 -20.34 21.62
CA ASP A 114 -38.68 -21.44 20.90
C ASP A 114 -38.76 -21.13 19.41
N ILE A 115 -37.70 -21.52 18.68
CA ILE A 115 -37.68 -21.28 17.23
C ILE A 115 -38.60 -22.23 16.48
N ASP A 116 -38.94 -23.38 17.05
CA ASP A 116 -39.74 -24.39 16.37
C ASP A 116 -41.22 -24.09 16.59
N GLU A 117 -41.90 -23.65 15.53
CA GLU A 117 -43.29 -23.24 15.67
C GLU A 117 -44.21 -24.42 15.94
N LYS A 118 -43.85 -25.62 15.48
CA LYS A 118 -44.65 -26.79 15.78
C LYS A 118 -44.67 -27.08 17.28
N ALA A 119 -43.52 -26.91 17.93
CA ALA A 119 -43.47 -27.11 19.38
C ALA A 119 -44.31 -26.07 20.11
N ILE A 120 -44.26 -24.82 19.66
CA ILE A 120 -45.06 -23.78 20.29
C ILE A 120 -46.54 -24.08 20.12
N SER A 121 -46.94 -24.55 18.94
CA SER A 121 -48.34 -24.89 18.70
C SER A 121 -48.81 -25.99 19.64
N ILE A 122 -47.99 -27.02 19.82
CA ILE A 122 -48.36 -28.12 20.73
C ILE A 122 -48.44 -27.63 22.16
N LEU A 123 -47.47 -26.80 22.58
CA LEU A 123 -47.49 -26.28 23.94
C LEU A 123 -48.71 -25.40 24.19
N LYS A 124 -49.09 -24.59 23.19
CA LYS A 124 -50.30 -23.77 23.34
C LYS A 124 -51.54 -24.63 23.55
N ASP A 125 -51.62 -25.76 22.82
CA ASP A 125 -52.73 -26.69 23.03
C ASP A 125 -52.70 -27.27 24.43
N SER A 126 -51.50 -27.64 24.92
CA SER A 126 -51.40 -28.23 26.24
C SER A 126 -51.80 -27.25 27.33
N LEU A 127 -51.33 -26.00 27.24
CA LEU A 127 -51.70 -25.00 28.25
C LEU A 127 -53.20 -24.70 28.19
N THR A 128 -53.75 -24.62 26.97
CA THR A 128 -55.20 -24.39 26.84
C THR A 128 -56.00 -25.54 27.43
N ASN A 129 -55.49 -26.76 27.33
CA ASN A 129 -56.21 -27.94 27.79
C ASN A 129 -56.04 -28.23 29.28
N LYS A 130 -55.29 -27.40 30.01
CA LYS A 130 -55.17 -27.59 31.45
C LYS A 130 -56.51 -27.40 32.15
N LYS A 131 -57.38 -26.58 31.58
CA LYS A 131 -58.74 -26.37 32.09
C LYS A 131 -59.72 -26.88 31.04
N VAL A 132 -60.66 -27.73 31.48
CA VAL A 132 -61.67 -28.28 30.58
C VAL A 132 -62.95 -27.48 30.68
N ASP A 137 -65.14 -21.03 22.79
CA ASP A 137 -64.34 -20.70 23.97
C ASP A 137 -65.08 -19.73 24.87
N GLU A 138 -64.46 -19.37 26.00
CA GLU A 138 -65.11 -18.42 26.91
C GLU A 138 -64.87 -16.98 26.43
N SER A 139 -63.62 -16.51 26.48
CA SER A 139 -63.24 -15.31 25.74
C SER A 139 -61.72 -15.30 25.60
N ASP A 140 -61.22 -15.75 24.44
CA ASP A 140 -59.88 -15.37 23.96
C ASP A 140 -58.76 -15.26 24.99
N ILE A 141 -58.38 -16.32 25.69
CA ILE A 141 -57.27 -16.24 26.65
C ILE A 141 -55.96 -16.14 25.88
N LYS A 142 -55.15 -15.12 26.21
CA LYS A 142 -53.88 -14.91 25.51
C LYS A 142 -52.75 -15.59 26.27
N ILE A 143 -51.90 -16.31 25.54
CA ILE A 143 -50.81 -17.08 26.12
C ILE A 143 -49.49 -16.48 25.63
N ASN A 144 -48.56 -16.27 26.56
CA ASN A 144 -47.30 -15.58 26.26
C ASN A 144 -46.27 -16.58 25.74
N LEU A 145 -46.48 -17.02 24.51
CA LEU A 145 -45.56 -17.91 23.80
C LEU A 145 -45.08 -17.25 22.53
N PHE A 146 -43.76 -17.19 22.37
CA PHE A 146 -43.15 -16.51 21.23
C PHE A 146 -42.39 -17.51 20.39
N CYS A 147 -42.69 -17.54 19.10
CA CYS A 147 -41.89 -18.32 18.14
C CYS A 147 -40.84 -17.38 17.56
N CYS A 148 -39.60 -17.54 17.99
CA CYS A 148 -38.55 -16.58 17.68
C CYS A 148 -37.20 -17.18 18.08
N ASP A 149 -36.14 -16.52 17.62
CA ASP A 149 -34.80 -16.79 18.14
C ASP A 149 -34.63 -16.03 19.45
N SER A 150 -34.44 -16.77 20.54
CA SER A 150 -34.37 -16.12 21.85
C SER A 150 -33.14 -15.24 22.00
N LEU A 151 -32.08 -15.51 21.24
CA LEU A 151 -30.89 -14.69 21.31
C LEU A 151 -31.01 -13.38 20.54
N LYS A 152 -32.05 -13.23 19.72
CA LYS A 152 -32.27 -12.01 18.96
C LYS A 152 -33.48 -11.21 19.40
N LYS A 153 -34.39 -11.80 20.17
CA LYS A 153 -35.63 -11.13 20.53
C LYS A 153 -35.35 -9.89 21.37
N LYS A 154 -36.04 -8.80 21.04
CA LYS A 154 -36.06 -7.62 21.89
C LYS A 154 -36.93 -7.93 23.10
N TRP A 155 -36.30 -8.37 24.19
CA TRP A 155 -37.01 -8.68 25.42
C TRP A 155 -37.41 -7.39 26.12
N ARG A 156 -38.71 -7.19 26.31
CA ARG A 156 -39.26 -5.91 26.72
C ARG A 156 -39.49 -5.80 28.22
N TYR A 157 -39.14 -6.82 29.00
CA TYR A 157 -39.10 -6.73 30.45
C TYR A 157 -38.32 -7.91 30.98
N LYS A 158 -37.97 -7.84 32.27
CA LYS A 158 -37.22 -8.90 32.93
C LYS A 158 -38.16 -9.85 33.66
N PHE A 159 -37.58 -10.91 34.22
CA PHE A 159 -38.35 -12.03 34.73
C PHE A 159 -37.90 -12.43 36.13
N ASP A 160 -38.86 -12.89 36.92
CA ASP A 160 -38.57 -13.35 38.28
C ASP A 160 -37.85 -14.70 38.26
N TYR A 161 -38.32 -15.62 37.42
CA TYR A 161 -37.81 -17.00 37.44
C TYR A 161 -37.60 -17.49 36.02
N ILE A 162 -36.44 -18.08 35.76
CA ILE A 162 -36.09 -18.60 34.44
C ILE A 162 -35.59 -20.03 34.61
N VAL A 163 -36.19 -20.96 33.87
CA VAL A 163 -35.83 -22.38 33.92
C VAL A 163 -35.74 -22.91 32.49
N GLY A 164 -35.01 -24.01 32.34
CA GLY A 164 -35.08 -24.76 31.10
C GLY A 164 -33.77 -25.44 30.75
N ASN A 165 -33.73 -25.93 29.51
CA ASN A 165 -32.61 -26.69 28.97
C ASN A 165 -32.28 -26.11 27.60
N PRO A 166 -31.21 -25.33 27.49
CA PRO A 166 -30.92 -24.63 26.22
C PRO A 166 -30.38 -25.58 25.18
N PRO A 167 -30.27 -25.14 23.93
CA PRO A 167 -29.59 -25.96 22.92
C PRO A 167 -28.07 -25.93 23.11
N TYR A 168 -27.44 -27.08 22.85
CA TYR A 168 -25.98 -27.21 22.88
C TYR A 168 -25.52 -27.41 21.44
N ILE A 169 -24.76 -26.44 20.92
CA ILE A 169 -24.20 -26.56 19.58
C ILE A 169 -22.75 -26.10 19.60
N GLY A 170 -21.83 -26.99 19.24
CA GLY A 170 -20.41 -26.69 19.25
C GLY A 170 -19.96 -25.99 17.99
N HIS A 171 -18.64 -25.82 17.88
CA HIS A 171 -18.09 -24.96 16.85
C HIS A 171 -18.13 -25.61 15.47
N LYS A 172 -18.13 -26.95 15.41
CA LYS A 172 -18.22 -27.60 14.11
C LYS A 172 -19.65 -27.57 13.57
N LYS A 173 -20.64 -27.73 14.44
CA LYS A 173 -22.02 -27.91 14.03
C LYS A 173 -22.83 -26.61 13.96
N LEU A 174 -22.26 -25.48 14.36
CA LEU A 174 -22.97 -24.21 14.33
C LEU A 174 -22.74 -23.51 12.99
N GLU A 175 -23.81 -22.99 12.41
CA GLU A 175 -23.73 -22.33 11.11
C GLU A 175 -22.83 -21.10 11.19
N LYS A 176 -21.96 -20.95 10.19
CA LYS A 176 -20.93 -19.90 10.25
C LYS A 176 -21.56 -18.51 10.17
N LYS A 177 -22.62 -18.35 9.38
CA LYS A 177 -23.28 -17.06 9.30
C LYS A 177 -23.85 -16.64 10.65
N TYR A 178 -24.43 -17.60 11.38
CA TYR A 178 -24.91 -17.32 12.73
C TYR A 178 -23.75 -17.00 13.67
N LYS A 179 -22.61 -17.68 13.51
CA LYS A 179 -21.45 -17.41 14.34
C LYS A 179 -20.99 -15.96 14.22
N LYS A 180 -21.11 -15.36 13.03
CA LYS A 180 -20.80 -13.96 12.86
C LYS A 180 -21.59 -13.11 13.85
N PHE A 181 -22.90 -13.36 13.93
CA PHE A 181 -23.76 -12.59 14.84
C PHE A 181 -23.36 -12.82 16.29
N LEU A 182 -23.10 -14.07 16.66
CA LEU A 182 -22.69 -14.37 18.03
C LEU A 182 -21.37 -13.71 18.39
N LEU A 183 -20.40 -13.75 17.48
CA LEU A 183 -19.11 -13.13 17.75
C LEU A 183 -19.25 -11.62 17.91
N GLU A 184 -20.14 -11.00 17.14
CA GLU A 184 -20.32 -9.56 17.23
C GLU A 184 -21.10 -9.14 18.49
N LYS A 185 -22.14 -9.88 18.84
CA LYS A 185 -23.08 -9.44 19.87
C LYS A 185 -23.00 -10.21 21.18
N TYR A 186 -22.26 -11.32 21.23
CA TYR A 186 -22.11 -12.09 22.46
C TYR A 186 -20.64 -12.31 22.79
N SER A 187 -19.79 -11.35 22.43
CA SER A 187 -18.35 -11.51 22.57
C SER A 187 -17.90 -11.63 24.02
N GLU A 188 -18.73 -11.21 24.98
CA GLU A 188 -18.35 -11.35 26.38
C GLU A 188 -18.29 -12.80 26.83
N VAL A 189 -19.01 -13.70 26.17
CA VAL A 189 -18.98 -15.11 26.51
C VAL A 189 -18.62 -16.01 25.34
N TYR A 190 -18.66 -15.51 24.11
CA TYR A 190 -18.51 -16.35 22.92
C TYR A 190 -17.34 -15.86 22.07
N LYS A 191 -16.23 -16.61 22.12
CA LYS A 191 -15.14 -16.48 21.16
C LYS A 191 -14.65 -17.88 20.81
N ASP A 192 -13.86 -17.95 19.74
CA ASP A 192 -13.11 -19.15 19.37
C ASP A 192 -13.99 -20.39 19.33
N LYS A 193 -13.64 -21.40 20.14
CA LYS A 193 -14.33 -22.69 20.12
C LYS A 193 -15.45 -22.77 21.15
N ALA A 194 -16.05 -21.64 21.52
CA ALA A 194 -17.12 -21.61 22.51
C ALA A 194 -18.38 -22.29 21.95
N ASP A 195 -19.36 -22.47 22.83
CA ASP A 195 -20.59 -23.17 22.52
C ASP A 195 -21.78 -22.22 22.55
N LEU A 196 -22.83 -22.59 21.82
CA LEU A 196 -24.04 -21.78 21.75
C LEU A 196 -24.65 -21.57 23.13
N TYR A 197 -24.63 -22.60 23.99
CA TYR A 197 -25.28 -22.48 25.28
C TYR A 197 -24.58 -21.47 26.19
N PHE A 198 -23.34 -21.09 25.88
CA PHE A 198 -22.73 -19.97 26.59
C PHE A 198 -23.60 -18.72 26.46
N CYS A 199 -24.09 -18.48 25.24
CA CYS A 199 -24.90 -17.28 25.00
C CYS A 199 -26.24 -17.35 25.71
N PHE A 200 -26.80 -18.55 25.84
CA PHE A 200 -28.06 -18.69 26.58
C PHE A 200 -27.86 -18.39 28.07
N TYR A 201 -26.72 -18.80 28.64
CA TYR A 201 -26.37 -18.34 29.98
C TYR A 201 -26.33 -16.81 30.04
N LYS A 202 -25.71 -16.19 29.04
CA LYS A 202 -25.63 -14.73 29.00
C LYS A 202 -27.01 -14.10 28.93
N LYS A 203 -27.85 -14.60 28.04
CA LYS A 203 -29.18 -14.02 27.86
C LYS A 203 -30.04 -14.20 29.10
N ILE A 204 -29.97 -15.37 29.73
CA ILE A 204 -30.76 -15.63 30.94
C ILE A 204 -30.36 -14.66 32.04
N ILE A 205 -29.06 -14.47 32.23
CA ILE A 205 -28.58 -13.58 33.29
C ILE A 205 -29.02 -12.15 33.04
N ASP A 206 -29.01 -11.75 31.76
CA ASP A 206 -29.27 -10.35 31.43
C ASP A 206 -30.74 -9.97 31.62
N ILE A 207 -31.67 -10.91 31.46
CA ILE A 207 -33.09 -10.62 31.56
C ILE A 207 -33.69 -11.17 32.84
N LEU A 208 -32.87 -11.57 33.81
CA LEU A 208 -33.37 -11.96 35.11
C LEU A 208 -33.58 -10.72 35.98
N LYS A 209 -34.75 -10.62 36.60
CA LYS A 209 -35.05 -9.49 37.47
C LYS A 209 -34.09 -9.46 38.65
N GLN A 210 -33.90 -8.26 39.21
CA GLN A 210 -33.18 -8.15 40.47
C GLN A 210 -33.93 -8.95 41.53
N GLY A 211 -33.20 -9.79 42.25
CA GLY A 211 -33.82 -10.72 43.18
C GLY A 211 -34.38 -11.98 42.56
N GLY A 212 -34.25 -12.17 41.24
CA GLY A 212 -34.78 -13.34 40.60
C GLY A 212 -33.88 -14.56 40.74
N ILE A 213 -34.42 -15.71 40.32
CA ILE A 213 -33.73 -16.99 40.44
C ILE A 213 -33.77 -17.70 39.09
N GLY A 214 -32.62 -18.23 38.66
CA GLY A 214 -32.55 -19.02 37.46
C GLY A 214 -31.99 -20.41 37.75
N SER A 215 -32.47 -21.39 36.99
CA SER A 215 -32.04 -22.77 37.18
C SER A 215 -32.13 -23.51 35.86
N VAL A 216 -30.99 -24.00 35.37
CA VAL A 216 -30.89 -24.63 34.05
C VAL A 216 -30.03 -25.88 34.14
N ILE A 217 -30.22 -26.77 33.17
CA ILE A 217 -29.36 -27.93 32.96
C ILE A 217 -28.64 -27.72 31.63
N THR A 218 -27.31 -27.75 31.67
CA THR A 218 -26.46 -27.54 30.50
C THR A 218 -25.36 -28.60 30.51
N PRO A 219 -24.49 -28.64 29.50
CA PRO A 219 -23.28 -29.46 29.62
C PRO A 219 -22.41 -28.93 30.75
N ARG A 220 -21.63 -29.83 31.33
CA ARG A 220 -20.75 -29.50 32.44
C ARG A 220 -19.42 -28.89 31.99
N TYR A 221 -19.10 -28.96 30.69
CA TYR A 221 -17.73 -28.72 30.25
C TYR A 221 -17.26 -27.29 30.52
N PHE A 222 -18.17 -26.32 30.52
CA PHE A 222 -17.78 -24.93 30.74
C PHE A 222 -17.19 -24.72 32.14
N LEU A 223 -17.42 -25.64 33.07
CA LEU A 223 -16.88 -25.50 34.41
C LEU A 223 -15.36 -25.54 34.41
N GLU A 224 -14.76 -26.30 33.48
CA GLU A 224 -13.31 -26.44 33.43
C GLU A 224 -12.69 -26.05 32.09
N SER A 225 -13.45 -26.01 31.01
CA SER A 225 -12.86 -25.87 29.69
C SER A 225 -12.25 -24.49 29.50
N LEU A 226 -11.24 -24.44 28.63
CA LEU A 226 -10.60 -23.18 28.28
C LEU A 226 -11.59 -22.22 27.63
N SER A 227 -12.50 -22.75 26.80
CA SER A 227 -13.46 -21.90 26.12
C SER A 227 -14.43 -21.24 27.10
N GLY A 228 -14.69 -21.89 28.23
CA GLY A 228 -15.62 -21.37 29.21
C GLY A 228 -15.08 -20.32 30.13
N LYS A 229 -13.83 -19.88 29.94
CA LYS A 229 -13.21 -18.94 30.86
C LYS A 229 -13.99 -17.63 30.94
N ASP A 230 -14.34 -17.05 29.79
CA ASP A 230 -15.08 -15.79 29.80
C ASP A 230 -16.48 -15.99 30.37
N LEU A 231 -17.14 -17.11 30.04
CA LEU A 231 -18.46 -17.37 30.58
C LEU A 231 -18.42 -17.51 32.11
N ARG A 232 -17.41 -18.19 32.64
CA ARG A 232 -17.28 -18.33 34.08
C ARG A 232 -17.11 -16.97 34.75
N GLU A 233 -16.30 -16.10 34.13
CA GLU A 233 -16.13 -14.74 34.66
C GLU A 233 -17.46 -13.97 34.63
N TYR A 234 -18.24 -14.16 33.57
CA TYR A 234 -19.53 -13.47 33.47
C TYR A 234 -20.49 -13.94 34.55
N ILE A 235 -20.58 -15.25 34.78
CA ILE A 235 -21.48 -15.78 35.80
C ILE A 235 -21.06 -15.31 37.18
N LYS A 236 -19.77 -15.43 37.48
CA LYS A 236 -19.26 -15.13 38.82
C LYS A 236 -19.53 -13.68 39.22
N SER A 237 -19.37 -12.76 38.27
CA SER A 237 -19.42 -11.33 38.56
C SER A 237 -20.81 -10.72 38.41
N ASN A 238 -21.81 -11.49 37.98
CA ASN A 238 -23.14 -10.94 37.76
C ASN A 238 -24.25 -11.62 38.56
N VAL A 239 -24.07 -12.86 38.98
CA VAL A 239 -25.07 -13.55 39.79
C VAL A 239 -24.39 -14.22 40.97
N ASN A 240 -25.20 -14.60 41.96
CA ASN A 240 -24.76 -15.48 43.04
C ASN A 240 -25.14 -16.89 42.67
N VAL A 241 -24.16 -17.78 42.58
CA VAL A 241 -24.41 -19.18 42.25
C VAL A 241 -24.85 -19.88 43.53
N GLN A 242 -26.13 -20.27 43.58
CA GLN A 242 -26.63 -20.99 44.75
C GLN A 242 -26.07 -22.40 44.81
N GLU A 243 -26.11 -23.12 43.69
CA GLU A 243 -25.87 -24.55 43.73
C GLU A 243 -25.41 -25.06 42.37
N ILE A 244 -24.48 -26.01 42.41
CA ILE A 244 -24.03 -26.73 41.21
C ILE A 244 -24.20 -28.22 41.49
N VAL A 245 -25.02 -28.88 40.69
CA VAL A 245 -25.12 -30.33 40.68
C VAL A 245 -24.31 -30.84 39.49
N ASP A 246 -23.27 -31.62 39.77
CA ASP A 246 -22.35 -32.11 38.74
C ASP A 246 -22.53 -33.61 38.59
N PHE A 247 -23.11 -34.05 37.46
CA PHE A 247 -23.33 -35.46 37.23
C PHE A 247 -22.12 -36.17 36.63
N LEU A 248 -21.03 -35.43 36.37
CA LEU A 248 -19.77 -35.99 35.84
C LEU A 248 -20.10 -36.76 34.57
N GLY A 249 -19.60 -37.98 34.40
CA GLY A 249 -19.81 -38.77 33.20
C GLY A 249 -21.09 -39.58 33.16
N ALA A 250 -21.98 -39.42 34.14
CA ALA A 250 -23.22 -40.16 34.16
C ALA A 250 -24.05 -39.82 32.93
N ASN A 251 -24.85 -40.79 32.48
CA ASN A 251 -25.64 -40.65 31.26
C ASN A 251 -27.05 -40.19 31.67
N ILE A 252 -27.25 -38.88 31.67
CA ILE A 252 -28.53 -38.30 32.04
C ILE A 252 -29.52 -38.34 30.88
N PHE A 253 -29.06 -38.03 29.67
CA PHE A 253 -29.91 -38.05 28.48
C PHE A 253 -29.65 -39.36 27.75
N LYS A 254 -30.66 -40.23 27.72
CA LYS A 254 -30.52 -41.54 27.10
C LYS A 254 -30.15 -41.40 25.63
N ASN A 255 -29.16 -42.19 25.20
CA ASN A 255 -28.68 -42.22 23.81
C ASN A 255 -28.08 -40.88 23.37
N ILE A 256 -27.61 -40.06 24.30
CA ILE A 256 -26.96 -38.80 23.99
C ILE A 256 -25.57 -38.79 24.60
N GLY A 257 -24.56 -38.49 23.78
CA GLY A 257 -23.20 -38.40 24.27
C GLY A 257 -22.88 -37.03 24.84
N VAL A 258 -23.40 -36.73 26.03
CA VAL A 258 -23.12 -35.46 26.69
C VAL A 258 -23.11 -35.68 28.19
N SER A 259 -22.39 -34.82 28.90
CA SER A 259 -22.29 -34.86 30.35
C SER A 259 -22.85 -33.57 30.93
N SER A 260 -23.69 -33.70 31.96
CA SER A 260 -24.62 -32.64 32.35
C SER A 260 -24.30 -32.09 33.74
N CYS A 261 -24.75 -30.86 33.97
CA CYS A 261 -24.77 -30.26 35.29
C CYS A 261 -26.00 -29.37 35.41
N ILE A 262 -26.40 -29.09 36.66
CA ILE A 262 -27.52 -28.20 36.94
C ILE A 262 -26.97 -27.01 37.72
N LEU A 263 -27.22 -25.81 37.22
CA LEU A 263 -26.80 -24.58 37.89
C LEU A 263 -28.02 -23.81 38.37
N THR A 264 -27.97 -23.36 39.62
CA THR A 264 -29.00 -22.48 40.16
C THR A 264 -28.33 -21.22 40.68
N PHE A 265 -28.84 -20.06 40.25
CA PHE A 265 -28.22 -18.79 40.57
C PHE A 265 -29.32 -17.77 40.82
N ASP A 266 -28.94 -16.67 41.48
CA ASP A 266 -29.90 -15.62 41.77
C ASP A 266 -29.21 -14.26 41.71
N LYS A 267 -30.03 -13.22 41.68
CA LYS A 267 -29.61 -11.82 41.76
C LYS A 267 -30.11 -11.19 43.05
N LYS A 268 -30.01 -11.93 44.16
CA LYS A 268 -30.42 -11.43 45.46
C LYS A 268 -29.24 -10.74 46.15
N LYS A 269 -29.52 -9.62 46.79
CA LYS A 269 -28.50 -8.87 47.53
C LYS A 269 -28.25 -9.59 48.86
N THR A 270 -27.17 -10.36 48.91
CA THR A 270 -26.81 -11.10 50.11
C THR A 270 -25.30 -11.06 50.29
N LYS A 271 -24.88 -11.20 51.55
CA LYS A 271 -23.46 -11.26 51.88
C LYS A 271 -22.91 -12.69 51.88
N GLU A 272 -23.74 -13.69 51.57
CA GLU A 272 -23.39 -15.09 51.73
C GLU A 272 -22.22 -15.52 50.83
N THR A 273 -22.45 -15.50 49.52
CA THR A 273 -21.43 -15.83 48.53
C THR A 273 -20.86 -17.25 48.70
N TYR A 274 -21.70 -18.20 49.10
CA TYR A 274 -21.27 -19.60 49.23
C TYR A 274 -22.13 -20.51 48.37
N ILE A 275 -21.47 -21.42 47.64
CA ILE A 275 -22.11 -22.30 46.67
C ILE A 275 -22.24 -23.70 47.27
N ASP A 276 -23.41 -24.30 47.13
CA ASP A 276 -23.57 -25.72 47.40
C ASP A 276 -23.13 -26.50 46.17
N VAL A 277 -22.19 -27.43 46.33
CA VAL A 277 -21.76 -28.29 45.25
C VAL A 277 -22.14 -29.72 45.59
N PHE A 278 -22.93 -30.35 44.73
CA PHE A 278 -23.26 -31.76 44.81
C PHE A 278 -22.57 -32.47 43.65
N LYS A 279 -21.57 -33.29 43.96
CA LYS A 279 -20.80 -34.00 42.95
C LYS A 279 -21.08 -35.49 43.09
N ILE A 280 -21.45 -36.12 41.98
CA ILE A 280 -21.80 -37.54 42.02
C ILE A 280 -20.55 -38.37 42.30
N LYS A 281 -20.73 -39.47 43.02
CA LYS A 281 -19.64 -40.36 43.37
C LYS A 281 -19.58 -41.61 42.50
N ASN A 282 -20.72 -42.10 42.03
CA ASN A 282 -20.79 -43.29 41.19
C ASN A 282 -21.45 -42.90 39.87
N GLU A 283 -20.66 -42.90 38.79
CA GLU A 283 -21.19 -42.52 37.48
C GLU A 283 -22.09 -43.58 36.87
N ASP A 284 -22.16 -44.77 37.44
CA ASP A 284 -22.97 -45.86 36.90
C ASP A 284 -24.40 -45.84 37.39
N ILE A 285 -24.77 -44.87 38.24
CA ILE A 285 -26.11 -44.87 38.80
C ILE A 285 -27.13 -44.52 37.72
N CYS A 286 -28.34 -45.04 37.88
CA CYS A 286 -29.46 -44.70 37.02
C CYS A 286 -30.34 -43.69 37.75
N ILE A 287 -30.77 -42.66 37.01
CA ILE A 287 -31.30 -41.44 37.62
C ILE A 287 -32.58 -41.69 38.42
N ASN A 288 -33.28 -42.80 38.16
CA ASN A 288 -34.59 -43.04 38.74
C ASN A 288 -34.54 -43.87 40.02
N LYS A 289 -33.46 -43.75 40.79
CA LYS A 289 -33.32 -44.54 42.01
C LYS A 289 -34.42 -44.23 43.02
N PHE A 290 -34.76 -42.96 43.17
CA PHE A 290 -35.80 -42.53 44.09
C PHE A 290 -36.85 -41.73 43.33
N GLU A 291 -37.89 -41.31 44.06
CA GLU A 291 -38.96 -40.54 43.45
C GLU A 291 -38.52 -39.12 43.12
N THR A 292 -37.53 -38.58 43.84
CA THR A 292 -37.09 -37.21 43.68
C THR A 292 -35.58 -37.16 43.52
N LEU A 293 -35.10 -36.09 42.90
CA LEU A 293 -33.66 -35.89 42.81
C LEU A 293 -33.06 -35.51 44.16
N GLU A 294 -33.85 -34.88 45.04
CA GLU A 294 -33.34 -34.49 46.35
C GLU A 294 -32.92 -35.70 47.16
N GLU A 295 -33.69 -36.79 47.08
CA GLU A 295 -33.31 -38.02 47.77
C GLU A 295 -31.96 -38.53 47.26
N LEU A 296 -31.76 -38.49 45.94
CA LEU A 296 -30.48 -38.90 45.37
C LEU A 296 -29.34 -37.99 45.85
N LEU A 297 -29.59 -36.67 45.89
CA LEU A 297 -28.55 -35.73 46.27
C LEU A 297 -28.11 -35.93 47.72
N LYS A 298 -29.05 -36.17 48.63
CA LYS A 298 -28.71 -36.39 50.03
C LYS A 298 -28.14 -37.77 50.31
N SER A 299 -28.21 -38.69 49.35
CA SER A 299 -27.83 -40.07 49.58
C SER A 299 -26.31 -40.22 49.55
N SER A 300 -25.85 -41.46 49.76
CA SER A 300 -24.44 -41.78 49.65
C SER A 300 -23.95 -41.76 48.21
N LYS A 301 -24.86 -41.67 47.23
CA LYS A 301 -24.47 -41.62 45.83
C LYS A 301 -23.80 -40.29 45.46
N PHE A 302 -24.04 -39.23 46.23
CA PHE A 302 -23.45 -37.93 45.99
C PHE A 302 -22.64 -37.49 47.20
N GLU A 303 -21.68 -36.62 46.96
CA GLU A 303 -20.99 -35.89 48.02
C GLU A 303 -21.34 -34.42 47.92
N HIS A 304 -21.41 -33.76 49.07
CA HIS A 304 -21.72 -32.35 49.15
C HIS A 304 -20.57 -31.60 49.81
N PHE A 305 -20.31 -30.39 49.31
CA PHE A 305 -19.35 -29.50 49.94
C PHE A 305 -19.65 -28.08 49.48
N ASN A 306 -19.00 -27.11 50.13
CA ASN A 306 -19.25 -25.69 49.90
C ASN A 306 -18.01 -25.01 49.34
N ILE A 307 -18.23 -24.04 48.46
CA ILE A 307 -17.18 -23.28 47.81
C ILE A 307 -17.51 -21.80 47.93
N ASN A 308 -16.52 -21.00 48.33
CA ASN A 308 -16.68 -19.56 48.44
C ASN A 308 -16.56 -18.94 47.05
N GLN A 309 -17.66 -18.38 46.54
CA GLN A 309 -17.65 -17.76 45.22
C GLN A 309 -16.65 -16.62 45.14
N ARG A 310 -16.39 -15.95 46.27
CA ARG A 310 -15.40 -14.88 46.30
C ARG A 310 -13.99 -15.39 46.03
N LEU A 311 -13.72 -16.66 46.30
CA LEU A 311 -12.39 -17.23 46.14
C LEU A 311 -12.17 -17.91 44.80
N LEU A 312 -13.16 -17.85 43.90
CA LEU A 312 -12.98 -18.42 42.58
C LEU A 312 -12.08 -17.53 41.74
N SER A 313 -11.04 -18.12 41.15
CA SER A 313 -10.19 -17.44 40.18
C SER A 313 -10.84 -17.61 38.80
N ASP A 314 -10.08 -17.34 37.74
CA ASP A 314 -10.58 -17.69 36.41
C ASP A 314 -10.83 -19.19 36.28
N GLU A 315 -10.21 -20.00 37.14
CA GLU A 315 -10.53 -21.42 37.26
C GLU A 315 -11.44 -21.64 38.45
N TRP A 316 -12.37 -22.58 38.32
CA TRP A 316 -13.26 -22.98 39.41
C TRP A 316 -12.80 -24.36 39.88
N ILE A 317 -12.09 -24.38 41.00
CA ILE A 317 -11.60 -25.63 41.57
C ILE A 317 -12.62 -26.10 42.59
N LEU A 318 -13.50 -27.01 42.17
CA LEU A 318 -14.64 -27.44 42.98
C LEU A 318 -14.33 -28.80 43.58
N VAL A 319 -13.67 -28.79 44.73
CA VAL A 319 -13.27 -30.01 45.43
C VAL A 319 -13.57 -29.87 46.92
N ASN A 320 -13.63 -31.02 47.59
CA ASN A 320 -13.83 -31.00 49.03
C ASN A 320 -12.55 -30.55 49.74
N LYS A 321 -12.66 -30.35 51.05
CA LYS A 321 -11.55 -29.79 51.81
C LYS A 321 -10.32 -30.70 51.78
N ASP A 322 -10.52 -32.02 51.76
CA ASP A 322 -9.39 -32.94 51.68
C ASP A 322 -8.63 -32.77 50.37
N ASP A 323 -9.36 -32.68 49.26
CA ASP A 323 -8.72 -32.51 47.96
C ASP A 323 -8.09 -31.14 47.82
N GLU A 324 -8.73 -30.11 48.36
CA GLU A 324 -8.16 -28.76 48.30
C GLU A 324 -6.84 -28.71 49.06
N THR A 325 -6.79 -29.29 50.25
CA THR A 325 -5.54 -29.37 51.01
C THR A 325 -4.47 -30.12 50.23
N PHE A 326 -4.87 -31.26 49.65
CA PHE A 326 -3.97 -32.05 48.82
C PHE A 326 -3.45 -31.24 47.64
N TYR A 327 -4.36 -30.58 46.92
CA TYR A 327 -3.98 -29.81 45.75
C TYR A 327 -3.06 -28.64 46.13
N ASN A 328 -3.38 -27.94 47.21
CA ASN A 328 -2.58 -26.78 47.60
C ASN A 328 -1.18 -27.17 48.06
N LYS A 329 -1.05 -28.33 48.71
CA LYS A 329 0.27 -28.81 49.12
C LYS A 329 1.17 -29.01 47.91
N ILE A 330 0.65 -29.67 46.87
CA ILE A 330 1.45 -29.95 45.69
C ILE A 330 1.80 -28.67 44.96
N GLN A 331 0.83 -27.75 44.81
CA GLN A 331 1.09 -26.50 44.12
C GLN A 331 2.17 -25.69 44.83
N GLU A 332 2.11 -25.61 46.15
CA GLU A 332 3.10 -24.84 46.89
C GLU A 332 4.48 -25.50 46.86
N LYS A 333 4.53 -26.82 46.83
CA LYS A 333 5.80 -27.53 46.92
C LYS A 333 6.57 -27.51 45.60
N CYS A 334 5.88 -27.45 44.47
CA CYS A 334 6.51 -27.59 43.16
C CYS A 334 6.91 -26.23 42.60
N LYS A 335 8.18 -26.08 42.27
CA LYS A 335 8.71 -24.81 41.77
C LYS A 335 8.68 -24.71 40.24
N TYR A 336 8.29 -25.77 39.55
CA TYR A 336 8.27 -25.76 38.09
C TYR A 336 6.93 -26.30 37.60
N SER A 337 6.59 -25.92 36.37
CA SER A 337 5.50 -26.55 35.64
C SER A 337 6.09 -27.20 34.39
N LEU A 338 5.33 -28.13 33.82
CA LEU A 338 5.74 -28.73 32.55
C LEU A 338 5.96 -27.66 31.49
N GLU A 339 5.14 -26.62 31.50
CA GLU A 339 5.29 -25.53 30.54
C GLU A 339 6.64 -24.85 30.69
N ASP A 340 7.11 -24.70 31.93
CA ASP A 340 8.40 -24.06 32.16
C ASP A 340 9.55 -24.82 31.51
N ILE A 341 9.45 -26.15 31.45
CA ILE A 341 10.60 -27.00 31.14
C ILE A 341 10.45 -27.75 29.83
N ALA A 342 9.31 -27.66 29.15
CA ALA A 342 9.05 -28.53 28.01
C ALA A 342 8.44 -27.75 26.86
N ILE A 343 8.54 -28.33 25.67
CA ILE A 343 7.91 -27.82 24.46
C ILE A 343 6.81 -28.79 24.07
N SER A 344 5.57 -28.29 24.02
CA SER A 344 4.41 -29.12 23.73
C SER A 344 3.97 -28.93 22.28
N PHE A 345 3.40 -29.98 21.70
CA PHE A 345 2.80 -29.81 20.37
C PHE A 345 1.76 -30.89 20.11
N GLN A 346 0.76 -30.52 19.31
CA GLN A 346 -0.26 -31.45 18.84
C GLN A 346 0.26 -32.27 17.67
N GLY A 347 -0.31 -33.46 17.49
CA GLY A 347 0.14 -34.36 16.45
C GLY A 347 -0.28 -33.90 15.06
N ILE A 348 0.02 -34.75 14.08
CA ILE A 348 -0.32 -34.48 12.69
C ILE A 348 -1.84 -34.44 12.52
N ILE A 349 -2.30 -33.58 11.62
CA ILE A 349 -3.68 -33.60 11.15
C ILE A 349 -3.62 -33.73 9.63
N THR A 350 -3.80 -34.95 9.14
CA THR A 350 -3.74 -35.16 7.69
C THR A 350 -4.92 -34.50 6.99
N GLY A 351 -6.07 -34.44 7.64
CA GLY A 351 -7.29 -34.00 7.03
C GLY A 351 -8.05 -35.09 6.32
N CYS A 352 -7.40 -36.22 6.02
CA CYS A 352 -8.11 -37.41 5.56
C CYS A 352 -7.21 -38.61 5.86
N ASP A 353 -7.46 -39.29 6.98
CA ASP A 353 -6.55 -40.34 7.43
C ASP A 353 -6.51 -41.52 6.46
N LYS A 354 -7.66 -41.88 5.89
CA LYS A 354 -7.72 -43.04 5.00
C LYS A 354 -6.84 -42.87 3.77
N ALA A 355 -6.57 -41.63 3.37
CA ALA A 355 -5.71 -41.38 2.21
C ALA A 355 -4.24 -41.56 2.51
N PHE A 356 -3.80 -41.30 3.75
CA PHE A 356 -2.38 -41.26 4.08
C PHE A 356 -1.91 -42.32 5.05
N ILE A 357 -2.82 -42.99 5.76
CA ILE A 357 -2.45 -43.99 6.77
C ILE A 357 -2.71 -45.37 6.19
N LEU A 358 -1.68 -46.21 6.19
CA LEU A 358 -1.78 -47.56 5.68
C LEU A 358 -1.27 -48.54 6.72
N SER A 359 -1.81 -49.75 6.68
CA SER A 359 -1.25 -50.82 7.49
C SER A 359 0.18 -51.10 7.03
N LYS A 360 1.05 -51.38 7.99
CA LYS A 360 2.45 -51.61 7.66
C LYS A 360 2.65 -52.86 6.82
N ASP A 361 1.65 -53.72 6.72
CA ASP A 361 1.68 -54.90 5.86
C ASP A 361 0.92 -54.70 4.56
N ASP A 362 0.42 -53.49 4.29
CA ASP A 362 -0.28 -53.24 3.04
C ASP A 362 0.69 -53.30 1.88
N VAL A 363 0.32 -54.03 0.82
CA VAL A 363 1.21 -54.20 -0.31
C VAL A 363 1.41 -52.88 -1.07
N LYS A 364 0.49 -51.92 -0.91
CA LYS A 364 0.65 -50.63 -1.57
C LYS A 364 1.88 -49.87 -1.09
N LEU A 365 2.40 -50.20 0.10
CA LEU A 365 3.62 -49.56 0.59
C LEU A 365 4.85 -49.91 -0.24
N ASN A 366 4.79 -50.96 -1.08
CA ASN A 366 5.88 -51.22 -2.00
C ASN A 366 6.06 -50.06 -2.98
N LEU A 367 4.98 -49.33 -3.27
CA LEU A 367 5.04 -48.19 -4.18
C LEU A 367 5.66 -46.95 -3.54
N VAL A 368 5.81 -46.91 -2.22
CA VAL A 368 6.25 -45.71 -1.52
C VAL A 368 7.69 -45.90 -1.06
N ASP A 369 8.57 -45.00 -1.51
CA ASP A 369 9.94 -44.97 -1.03
C ASP A 369 9.95 -44.78 0.48
N ASP A 370 10.83 -45.52 1.16
CA ASP A 370 10.81 -45.54 2.62
C ASP A 370 11.16 -44.19 3.22
N LYS A 371 11.76 -43.28 2.45
CA LYS A 371 12.03 -41.94 2.95
C LYS A 371 10.75 -41.17 3.23
N PHE A 372 9.63 -41.56 2.61
CA PHE A 372 8.34 -40.90 2.80
C PHE A 372 7.56 -41.48 3.97
N LEU A 373 7.99 -42.59 4.55
CA LEU A 373 7.17 -43.36 5.49
C LEU A 373 7.58 -43.06 6.93
N LYS A 374 6.59 -42.85 7.78
CA LYS A 374 6.78 -42.66 9.22
C LYS A 374 5.96 -43.68 9.99
N CYS A 375 6.49 -44.09 11.15
CA CYS A 375 5.71 -44.90 12.07
C CYS A 375 4.55 -44.09 12.64
N TRP A 376 3.40 -44.75 12.81
CA TRP A 376 2.16 -44.09 13.15
C TRP A 376 1.45 -44.89 14.24
N ILE A 377 1.07 -44.20 15.33
CA ILE A 377 0.41 -44.84 16.46
C ILE A 377 -0.88 -44.11 16.78
N LYS A 378 -1.78 -44.81 17.45
CA LYS A 378 -3.03 -44.28 17.95
C LYS A 378 -2.96 -44.10 19.46
N SER A 379 -3.99 -43.48 20.03
CA SER A 379 -3.99 -43.25 21.47
C SER A 379 -3.98 -44.55 22.25
N LYS A 380 -4.61 -45.60 21.74
CA LYS A 380 -4.62 -46.89 22.44
C LYS A 380 -3.25 -47.54 22.51
N ASN A 381 -2.28 -47.08 21.72
CA ASN A 381 -0.93 -47.63 21.76
C ASN A 381 -0.10 -47.06 22.89
N ILE A 382 -0.56 -46.00 23.54
CA ILE A 382 0.17 -45.41 24.67
C ILE A 382 -0.23 -46.17 25.93
N ASN A 383 0.74 -46.82 26.55
CA ASN A 383 0.60 -47.33 27.90
C ASN A 383 1.39 -46.43 28.85
N LYS A 384 1.34 -46.74 30.13
CA LYS A 384 2.26 -46.11 31.06
C LYS A 384 3.69 -46.51 30.70
N TYR A 385 4.55 -45.50 30.58
CA TYR A 385 6.00 -45.57 30.41
C TYR A 385 6.53 -45.96 29.02
N ILE A 386 5.73 -46.61 28.17
CA ILE A 386 6.23 -47.06 26.86
C ILE A 386 5.07 -47.20 25.90
N VAL A 387 5.40 -47.08 24.62
CA VAL A 387 4.44 -47.14 23.52
C VAL A 387 4.49 -48.53 22.91
N ASP A 388 3.33 -49.02 22.48
CA ASP A 388 3.28 -50.26 21.71
C ASP A 388 4.03 -50.10 20.39
N LYS A 389 4.44 -51.22 19.83
CA LYS A 389 5.02 -51.21 18.49
C LYS A 389 3.95 -50.80 17.47
N SER A 390 4.33 -49.92 16.56
CA SER A 390 3.35 -49.38 15.62
C SER A 390 2.94 -50.43 14.59
N GLU A 391 1.68 -50.36 14.19
CA GLU A 391 1.15 -51.21 13.13
C GLU A 391 0.79 -50.43 11.87
N TYR A 392 0.95 -49.11 11.89
CA TYR A 392 0.52 -48.27 10.79
C TYR A 392 1.66 -47.38 10.33
N ARG A 393 1.58 -46.96 9.07
CA ARG A 393 2.57 -46.09 8.47
C ARG A 393 1.89 -44.85 7.91
N LEU A 394 2.55 -43.71 8.05
CA LEU A 394 2.09 -42.46 7.47
C LEU A 394 2.91 -42.13 6.23
N ILE A 395 2.23 -41.79 5.14
CA ILE A 395 2.92 -41.27 3.97
C ILE A 395 3.08 -39.77 4.17
N TYR A 396 4.30 -39.32 4.47
CA TYR A 396 4.53 -37.89 4.66
C TYR A 396 4.58 -37.24 3.28
N SER A 397 3.38 -37.02 2.73
CA SER A 397 3.24 -36.59 1.34
C SER A 397 3.72 -35.17 1.09
N ASN A 398 4.02 -34.40 2.14
CA ASN A 398 4.57 -33.07 1.94
C ASN A 398 5.91 -33.12 1.20
N ASP A 399 6.65 -34.21 1.36
CA ASP A 399 7.97 -34.32 0.74
C ASP A 399 7.92 -34.82 -0.70
N ILE A 400 6.74 -35.12 -1.23
CA ILE A 400 6.59 -35.40 -2.65
C ILE A 400 6.72 -34.10 -3.43
N ASP A 401 7.77 -34.01 -4.26
CA ASP A 401 8.09 -32.74 -4.92
C ASP A 401 7.01 -32.34 -5.92
N ASN A 402 6.64 -33.25 -6.81
CA ASN A 402 5.70 -32.92 -7.88
C ASN A 402 4.97 -34.18 -8.31
N GLU A 403 3.95 -33.98 -9.15
CA GLU A 403 3.02 -35.05 -9.50
C GLU A 403 3.54 -35.98 -10.59
N ASN A 404 4.67 -35.69 -11.21
CA ASN A 404 5.22 -36.53 -12.27
C ASN A 404 6.29 -37.50 -11.78
N THR A 405 7.04 -37.13 -10.75
CA THR A 405 8.12 -38.01 -10.27
C THR A 405 7.58 -39.20 -9.49
N ASN A 406 6.52 -38.99 -8.69
CA ASN A 406 5.94 -40.04 -7.88
C ASN A 406 4.48 -40.27 -8.27
N LYS A 407 4.22 -40.35 -9.58
CA LYS A 407 2.84 -40.45 -10.07
C LYS A 407 2.13 -41.69 -9.54
N ARG A 408 2.86 -42.79 -9.34
CA ARG A 408 2.22 -44.02 -8.90
C ARG A 408 1.59 -43.86 -7.52
N ILE A 409 2.30 -43.18 -6.60
CA ILE A 409 1.76 -42.97 -5.26
C ILE A 409 0.49 -42.12 -5.32
N LEU A 410 0.52 -41.05 -6.14
CA LEU A 410 -0.65 -40.19 -6.24
C LEU A 410 -1.83 -40.90 -6.90
N ASP A 411 -1.56 -41.68 -7.95
CA ASP A 411 -2.67 -42.29 -8.69
C ASP A 411 -3.30 -43.44 -7.94
N GLU A 412 -2.48 -44.27 -7.28
CA GLU A 412 -2.99 -45.53 -6.74
C GLU A 412 -3.29 -45.50 -5.25
N ILE A 413 -2.76 -44.53 -4.50
CA ILE A 413 -2.97 -44.51 -3.05
C ILE A 413 -3.73 -43.26 -2.64
N ILE A 414 -3.10 -42.09 -2.81
CA ILE A 414 -3.67 -40.86 -2.30
C ILE A 414 -4.84 -40.39 -3.16
N GLY A 415 -4.72 -40.54 -4.48
CA GLY A 415 -5.74 -40.07 -5.40
C GLY A 415 -7.07 -40.79 -5.30
N LEU A 416 -7.12 -41.92 -4.60
CA LEU A 416 -8.40 -42.60 -4.40
C LEU A 416 -9.36 -41.77 -3.55
N TYR A 417 -8.88 -40.73 -2.89
CA TYR A 417 -9.69 -39.85 -2.05
C TYR A 417 -9.53 -38.40 -2.49
N LYS A 418 -9.20 -38.18 -3.77
CA LYS A 418 -8.84 -36.84 -4.23
C LYS A 418 -9.99 -35.85 -4.04
N THR A 419 -11.22 -36.27 -4.33
CA THR A 419 -12.37 -35.39 -4.18
C THR A 419 -12.48 -34.86 -2.76
N LYS A 420 -12.43 -35.77 -1.77
CA LYS A 420 -12.53 -35.34 -0.38
C LYS A 420 -11.32 -34.52 0.04
N LEU A 421 -10.13 -34.88 -0.43
CA LEU A 421 -8.94 -34.10 -0.12
C LEU A 421 -9.07 -32.66 -0.63
N GLU A 422 -9.72 -32.47 -1.78
CA GLU A 422 -9.86 -31.15 -2.36
C GLU A 422 -10.88 -30.29 -1.63
N ASN A 423 -11.72 -30.86 -0.78
CA ASN A 423 -12.69 -30.08 -0.04
C ASN A 423 -12.15 -29.55 1.28
N ARG A 424 -10.93 -29.91 1.65
CA ARG A 424 -10.31 -29.34 2.85
C ARG A 424 -10.10 -27.84 2.65
N ARG A 425 -10.15 -27.10 3.77
CA ARG A 425 -10.16 -25.64 3.69
C ARG A 425 -8.91 -25.11 3.00
N GLU A 426 -7.74 -25.65 3.35
CA GLU A 426 -6.50 -25.13 2.80
C GLU A 426 -6.30 -25.53 1.35
N CYS A 427 -6.94 -26.61 0.88
CA CYS A 427 -6.90 -26.94 -0.54
C CYS A 427 -7.81 -26.02 -1.35
N LYS A 428 -9.01 -25.72 -0.83
CA LYS A 428 -9.93 -24.84 -1.53
C LYS A 428 -9.35 -23.44 -1.71
N SER A 429 -8.51 -23.00 -0.77
CA SER A 429 -7.89 -21.69 -0.82
C SER A 429 -6.53 -21.69 -1.53
N GLY A 430 -6.07 -22.86 -1.99
CA GLY A 430 -4.81 -22.94 -2.69
C GLY A 430 -3.57 -22.93 -1.83
N ILE A 431 -3.73 -23.06 -0.50
CA ILE A 431 -2.57 -23.09 0.38
C ILE A 431 -1.89 -24.46 0.34
N ARG A 432 -2.66 -25.52 0.22
CA ARG A 432 -2.13 -26.88 0.15
C ARG A 432 -2.44 -27.49 -1.21
N LYS A 433 -1.48 -28.24 -1.75
CA LYS A 433 -1.79 -29.11 -2.87
C LYS A 433 -2.75 -30.20 -2.41
N TRP A 434 -3.52 -30.74 -3.35
CA TRP A 434 -4.57 -31.68 -3.00
C TRP A 434 -4.01 -32.94 -2.35
N TYR A 435 -2.74 -33.28 -2.59
CA TYR A 435 -2.15 -34.49 -2.03
C TYR A 435 -1.32 -34.21 -0.78
N GLU A 436 -1.26 -32.97 -0.32
CA GLU A 436 -0.45 -32.63 0.86
C GLU A 436 -1.24 -32.84 2.14
N LEU A 437 -0.52 -33.13 3.22
CA LEU A 437 -1.13 -33.17 4.54
C LEU A 437 -1.62 -31.77 4.92
N GLN A 438 -2.78 -31.71 5.56
CA GLN A 438 -3.35 -30.41 5.90
C GLN A 438 -2.48 -29.67 6.91
N TRP A 439 -2.12 -30.35 8.01
CA TRP A 439 -1.21 -29.79 9.01
C TRP A 439 -0.12 -30.82 9.27
N GLY A 440 0.93 -30.80 8.43
CA GLY A 440 2.03 -31.73 8.54
C GLY A 440 3.01 -31.44 9.65
N ARG A 441 2.87 -30.30 10.31
CA ARG A 441 3.70 -29.90 11.45
C ARG A 441 5.16 -29.86 11.00
N GLU A 442 6.08 -30.04 11.94
CA GLU A 442 7.51 -30.09 11.65
C GLU A 442 8.02 -31.50 11.94
N LYS A 443 8.63 -32.14 10.94
CA LYS A 443 9.08 -33.52 11.08
C LYS A 443 10.04 -33.68 12.25
N LEU A 444 10.97 -32.74 12.39
CA LEU A 444 12.03 -32.85 13.39
C LEU A 444 11.50 -32.82 14.82
N PHE A 445 10.29 -32.31 15.05
CA PHE A 445 9.71 -32.36 16.38
C PHE A 445 9.37 -33.79 16.79
N PHE A 446 8.97 -34.63 15.83
CA PHE A 446 8.60 -36.01 16.12
C PHE A 446 9.79 -36.96 16.12
N GLU A 447 10.81 -36.68 15.31
CA GLU A 447 11.92 -37.61 15.13
C GLU A 447 13.02 -37.34 16.15
N ARG A 448 12.65 -37.54 17.41
CA ARG A 448 13.53 -37.31 18.55
C ARG A 448 12.91 -38.00 19.76
N LYS A 449 13.73 -38.18 20.80
CA LYS A 449 13.23 -38.70 22.06
C LYS A 449 12.21 -37.73 22.65
N LYS A 450 11.05 -38.25 23.05
CA LYS A 450 9.98 -37.39 23.52
C LYS A 450 9.01 -38.21 24.36
N ILE A 451 8.11 -37.50 25.03
CA ILE A 451 7.05 -38.11 25.83
C ILE A 451 5.73 -37.91 25.11
N MET A 452 4.92 -38.97 25.06
CA MET A 452 3.63 -38.93 24.39
C MET A 452 2.55 -39.40 25.36
N TYR A 453 1.34 -38.86 25.19
CA TYR A 453 0.21 -39.22 26.04
C TYR A 453 -1.08 -39.11 25.25
N PRO A 454 -2.07 -39.97 25.52
CA PRO A 454 -3.33 -39.91 24.78
C PRO A 454 -4.15 -38.68 25.14
N TYR A 455 -4.91 -38.20 24.17
CA TYR A 455 -5.66 -36.96 24.38
C TYR A 455 -6.90 -37.16 25.24
N LYS A 456 -7.39 -38.39 25.36
CA LYS A 456 -8.52 -38.73 26.20
C LYS A 456 -8.24 -40.07 26.84
N SER A 457 -8.36 -40.15 28.16
CA SER A 457 -7.99 -41.37 28.85
C SER A 457 -8.66 -41.41 30.22
N ASN A 458 -8.71 -42.61 30.80
CA ASN A 458 -9.21 -42.80 32.15
C ASN A 458 -8.17 -42.55 33.22
N GLU A 459 -6.91 -42.42 32.84
CA GLU A 459 -5.82 -42.32 33.81
C GLU A 459 -4.60 -41.73 33.12
N ASN A 460 -3.62 -41.33 33.93
CA ASN A 460 -2.36 -40.81 33.40
C ASN A 460 -1.62 -41.93 32.67
N ARG A 461 -1.32 -41.68 31.40
CA ARG A 461 -0.51 -42.61 30.60
C ARG A 461 0.50 -41.77 29.83
N PHE A 462 1.65 -41.51 30.45
CA PHE A 462 2.73 -40.80 29.80
C PHE A 462 3.84 -41.79 29.47
N ALA A 463 4.26 -41.83 28.22
CA ALA A 463 5.23 -42.80 27.75
C ALA A 463 6.42 -42.10 27.10
N ILE A 464 7.60 -42.68 27.29
CA ILE A 464 8.77 -42.26 26.53
C ILE A 464 8.72 -42.95 25.17
N ASP A 465 8.84 -42.17 24.11
CA ASP A 465 8.89 -42.71 22.75
C ASP A 465 10.34 -42.77 22.29
N TYR A 466 10.81 -43.98 21.99
CA TYR A 466 12.16 -44.18 21.47
C TYR A 466 12.20 -44.38 19.96
N ASP A 467 11.06 -44.41 19.28
CA ASP A 467 11.00 -44.94 17.92
C ASP A 467 10.57 -43.89 16.89
N ASN A 468 10.69 -42.60 17.21
CA ASN A 468 10.34 -41.53 16.28
C ASN A 468 8.92 -41.69 15.76
N ASN A 469 7.99 -42.03 16.66
CA ASN A 469 6.61 -42.26 16.26
C ASN A 469 5.92 -40.95 15.92
N PHE A 470 5.15 -40.97 14.84
CA PHE A 470 4.21 -39.92 14.50
C PHE A 470 2.81 -40.33 14.95
N SER A 471 1.92 -39.35 15.04
CA SER A 471 0.55 -39.64 15.48
C SER A 471 -0.35 -38.50 15.03
N SER A 472 -1.65 -38.78 15.09
CA SER A 472 -2.66 -37.76 14.81
C SER A 472 -2.86 -36.90 16.07
N ALA A 473 -3.93 -36.11 16.07
CA ALA A 473 -4.23 -35.25 17.21
C ALA A 473 -4.83 -36.00 18.40
N ASP A 474 -4.99 -37.32 18.31
CA ASP A 474 -5.40 -38.09 19.48
C ASP A 474 -4.25 -38.43 20.40
N VAL A 475 -3.03 -38.01 20.04
CA VAL A 475 -1.84 -38.18 20.87
C VAL A 475 -1.09 -36.85 20.90
N TYR A 476 -0.74 -36.40 22.11
CA TYR A 476 0.08 -35.21 22.30
C TYR A 476 1.49 -35.61 22.70
N SER A 477 2.45 -34.75 22.37
CA SER A 477 3.85 -34.99 22.62
C SER A 477 4.48 -33.77 23.27
N PHE A 478 5.53 -33.99 24.06
CA PHE A 478 6.40 -32.90 24.46
C PHE A 478 7.81 -33.43 24.62
N PHE A 479 8.77 -32.51 24.51
CA PHE A 479 10.17 -32.79 24.80
C PHE A 479 10.71 -31.71 25.73
N ILE A 480 11.81 -32.03 26.39
CA ILE A 480 12.38 -31.19 27.43
C ILE A 480 13.28 -30.14 26.80
N LYS A 481 13.15 -28.90 27.25
CA LYS A 481 14.04 -27.84 26.80
C LYS A 481 15.47 -28.19 27.18
N GLU A 482 16.41 -27.77 26.33
CA GLU A 482 17.81 -28.15 26.51
C GLU A 482 18.36 -27.62 27.83
N GLU A 483 17.94 -26.40 28.22
CA GLU A 483 18.44 -25.80 29.46
C GLU A 483 17.90 -26.48 30.71
N TYR A 484 16.93 -27.38 30.59
CA TYR A 484 16.39 -28.11 31.73
C TYR A 484 16.74 -29.59 31.72
N LEU A 485 17.59 -30.02 30.79
CA LEU A 485 17.92 -31.44 30.71
C LEU A 485 18.76 -31.90 31.90
N ASP A 486 19.56 -31.02 32.48
CA ASP A 486 20.36 -31.39 33.64
C ASP A 486 19.56 -31.40 34.94
N LYS A 487 18.35 -30.85 34.95
CA LYS A 487 17.49 -30.91 36.12
C LYS A 487 16.45 -32.02 36.02
N PHE A 488 15.93 -32.30 34.83
CA PHE A 488 14.87 -33.28 34.64
C PHE A 488 15.21 -34.19 33.48
N SER A 489 15.06 -35.49 33.69
CA SER A 489 15.20 -36.50 32.65
C SER A 489 13.82 -37.05 32.29
N TYR A 490 13.74 -37.64 31.11
CA TYR A 490 12.47 -38.24 30.68
C TYR A 490 12.06 -39.37 31.62
N GLU A 491 13.04 -40.16 32.08
CA GLU A 491 12.74 -41.28 32.96
C GLU A 491 12.15 -40.80 34.29
N TYR A 492 12.70 -39.73 34.86
CA TYR A 492 12.12 -39.19 36.08
C TYR A 492 10.72 -38.64 35.83
N LEU A 493 10.50 -37.99 34.68
CA LEU A 493 9.22 -37.34 34.41
C LEU A 493 8.10 -38.37 34.28
N VAL A 494 8.31 -39.43 33.50
CA VAL A 494 7.28 -40.47 33.40
C VAL A 494 7.10 -41.20 34.73
N GLY A 495 8.11 -41.22 35.58
CA GLY A 495 7.94 -41.79 36.90
C GLY A 495 6.93 -41.05 37.75
N ILE A 496 7.08 -39.74 37.91
CA ILE A 496 6.13 -39.01 38.75
C ILE A 496 4.80 -38.82 38.03
N LEU A 497 4.82 -38.57 36.72
CA LEU A 497 3.59 -38.29 36.00
C LEU A 497 2.64 -39.50 35.97
N ASN A 498 3.18 -40.71 36.01
CA ASN A 498 2.36 -41.91 36.02
C ASN A 498 2.00 -42.38 37.42
N SER A 499 2.43 -41.68 38.46
CA SER A 499 2.16 -42.11 39.81
C SER A 499 0.70 -41.90 40.18
N SER A 500 0.26 -42.62 41.22
CA SER A 500 -1.09 -42.45 41.72
C SER A 500 -1.30 -41.05 42.27
N VAL A 501 -0.24 -40.45 42.82
CA VAL A 501 -0.34 -39.09 43.34
C VAL A 501 -0.69 -38.13 42.22
N TYR A 502 0.03 -38.21 41.11
CA TYR A 502 -0.20 -37.27 40.02
C TYR A 502 -1.46 -37.59 39.23
N ASP A 503 -1.87 -38.86 39.21
CA ASP A 503 -3.14 -39.19 38.60
C ASP A 503 -4.28 -38.48 39.31
N LYS A 504 -4.30 -38.55 40.64
CA LYS A 504 -5.29 -37.82 41.43
C LYS A 504 -5.11 -36.32 41.28
N TYR A 505 -3.86 -35.85 41.30
CA TYR A 505 -3.59 -34.42 41.22
C TYR A 505 -4.09 -33.81 39.92
N PHE A 506 -3.83 -34.48 38.79
CA PHE A 506 -4.29 -33.95 37.51
C PHE A 506 -5.82 -33.93 37.43
N LYS A 507 -6.47 -35.00 37.89
CA LYS A 507 -7.91 -35.12 37.75
C LYS A 507 -8.68 -34.12 38.62
N ILE A 508 -8.01 -33.46 39.57
CA ILE A 508 -8.69 -32.48 40.42
C ILE A 508 -9.22 -31.32 39.58
N THR A 509 -8.44 -30.88 38.59
CA THR A 509 -8.83 -29.76 37.74
C THR A 509 -9.02 -30.15 36.27
N ALA A 510 -8.87 -31.42 35.93
CA ALA A 510 -8.98 -31.84 34.55
C ALA A 510 -10.44 -31.76 34.06
N LYS A 511 -10.60 -31.80 32.74
CA LYS A 511 -11.90 -31.66 32.10
C LYS A 511 -12.51 -33.05 31.95
N LYS A 512 -13.63 -33.29 32.64
CA LYS A 512 -14.31 -34.57 32.61
C LYS A 512 -15.25 -34.61 31.40
N MET A 513 -15.02 -35.56 30.50
CA MET A 513 -15.70 -35.60 29.21
C MET A 513 -16.88 -36.57 29.19
N SER A 514 -16.62 -37.85 29.47
CA SER A 514 -17.64 -38.87 29.52
C SER A 514 -17.21 -39.88 30.56
N LYS A 515 -18.01 -40.92 30.73
CA LYS A 515 -17.75 -41.89 31.80
C LYS A 515 -16.36 -42.48 31.65
N ASN A 516 -15.52 -42.28 32.68
CA ASN A 516 -14.14 -42.78 32.72
C ASN A 516 -13.26 -42.15 31.65
N ILE A 517 -13.53 -40.91 31.23
CA ILE A 517 -12.70 -40.24 30.23
C ILE A 517 -12.47 -38.80 30.67
N TYR A 518 -11.20 -38.41 30.74
CA TYR A 518 -10.78 -37.04 30.91
C TYR A 518 -10.02 -36.57 29.67
N ASP A 519 -10.17 -35.30 29.35
CA ASP A 519 -9.30 -34.69 28.35
C ASP A 519 -7.89 -34.56 28.92
N TYR A 520 -6.90 -35.04 28.16
CA TYR A 520 -5.50 -34.81 28.46
C TYR A 520 -4.96 -33.93 27.33
N TYR A 521 -5.18 -32.62 27.47
CA TYR A 521 -4.80 -31.62 26.48
C TYR A 521 -3.76 -30.69 27.08
N PRO A 522 -2.89 -30.10 26.24
CA PRO A 522 -1.84 -29.23 26.78
C PRO A 522 -2.35 -28.06 27.59
N ASN A 523 -3.55 -27.54 27.29
CA ASN A 523 -4.03 -26.38 28.04
C ASN A 523 -4.19 -26.69 29.52
N LYS A 524 -4.30 -27.96 29.90
CA LYS A 524 -4.24 -28.37 31.30
C LYS A 524 -3.03 -29.22 31.64
N VAL A 525 -2.58 -30.09 30.72
CA VAL A 525 -1.44 -30.97 31.01
C VAL A 525 -0.19 -30.15 31.27
N MET A 526 0.02 -29.08 30.49
CA MET A 526 1.21 -28.27 30.67
C MET A 526 1.18 -27.41 31.93
N LYS A 527 0.03 -27.31 32.61
CA LYS A 527 -0.03 -26.62 33.88
C LYS A 527 0.38 -27.51 35.05
N ILE A 528 0.58 -28.81 34.81
CA ILE A 528 1.01 -29.72 35.86
C ILE A 528 2.33 -29.24 36.43
N ARG A 529 2.39 -29.10 37.75
CA ARG A 529 3.60 -28.65 38.42
C ARG A 529 4.41 -29.84 38.89
N ILE A 530 5.74 -29.70 38.83
CA ILE A 530 6.67 -30.78 39.16
C ILE A 530 7.71 -30.25 40.14
N PHE A 531 8.35 -31.19 40.83
CA PHE A 531 9.28 -30.88 41.91
C PHE A 531 10.60 -31.59 41.67
N ARG A 532 11.58 -31.26 42.50
CA ARG A 532 12.89 -31.88 42.43
C ARG A 532 13.53 -31.78 43.82
N ASP A 533 13.80 -32.92 44.45
CA ASP A 533 14.30 -32.93 45.82
C ASP A 533 15.18 -34.15 46.03
N ASN A 534 15.38 -34.52 47.30
CA ASN A 534 16.30 -35.58 47.68
C ASN A 534 15.89 -36.94 47.12
N ASN A 535 14.61 -37.13 46.79
CA ASN A 535 14.14 -38.42 46.29
C ASN A 535 14.31 -38.58 44.78
N TYR A 536 14.88 -37.56 44.10
CA TYR A 536 14.95 -37.57 42.65
C TYR A 536 15.61 -38.85 42.13
N GLU A 537 16.80 -39.17 42.67
CA GLU A 537 17.60 -40.26 42.12
C GLU A 537 16.91 -41.60 42.28
N GLU A 538 16.26 -41.84 43.43
CA GLU A 538 15.61 -43.12 43.64
C GLU A 538 14.33 -43.23 42.81
N ILE A 539 13.60 -42.13 42.64
CA ILE A 539 12.43 -42.15 41.77
C ILE A 539 12.85 -42.47 40.34
N GLU A 540 13.91 -41.82 39.87
CA GLU A 540 14.39 -42.07 38.52
C GLU A 540 14.86 -43.51 38.36
N ASN A 541 15.53 -44.05 39.37
CA ASN A 541 16.01 -45.43 39.28
C ASN A 541 14.86 -46.42 39.26
N LEU A 542 13.82 -46.19 40.08
CA LEU A 542 12.65 -47.04 40.02
C LEU A 542 11.97 -46.97 38.65
N SER A 543 11.91 -45.78 38.08
CA SER A 543 11.33 -45.62 36.75
C SER A 543 12.12 -46.41 35.70
N LYS A 544 13.45 -46.38 35.80
CA LYS A 544 14.26 -47.12 34.84
C LYS A 544 14.07 -48.63 35.01
N GLN A 545 13.86 -49.10 36.24
CA GLN A 545 13.56 -50.52 36.44
C GLN A 545 12.24 -50.89 35.80
N ILE A 546 11.22 -50.04 35.96
CA ILE A 546 9.91 -50.33 35.37
C ILE A 546 10.01 -50.39 33.86
N ILE A 547 10.68 -49.41 33.26
CA ILE A 547 10.83 -49.39 31.81
C ILE A 547 11.59 -50.64 31.34
N SER A 548 12.64 -51.02 32.07
CA SER A 548 13.43 -52.18 31.67
C SER A 548 12.59 -53.45 31.70
N ILE A 549 11.77 -53.62 32.74
CA ILE A 549 10.88 -54.78 32.80
C ILE A 549 9.86 -54.74 31.66
N LEU A 550 9.26 -53.57 31.42
CA LEU A 550 8.21 -53.48 30.42
C LEU A 550 8.72 -53.77 29.02
N LEU A 551 10.03 -53.63 28.78
CA LEU A 551 10.60 -53.77 27.45
C LEU A 551 11.24 -55.13 27.19
N ASN A 552 11.22 -56.06 28.15
CA ASN A 552 11.80 -57.37 27.89
C ASN A 552 10.72 -58.35 27.43
N LYS A 553 11.14 -59.58 27.14
CA LYS A 553 10.23 -60.52 26.48
C LYS A 553 9.35 -61.24 27.49
N SER A 554 9.97 -61.91 28.46
CA SER A 554 9.23 -62.63 29.50
C SER A 554 8.84 -61.65 30.61
N ILE A 555 7.88 -60.79 30.28
CA ILE A 555 7.58 -59.63 31.10
C ILE A 555 6.84 -60.06 32.37
N ASP A 556 7.30 -59.55 33.51
CA ASP A 556 6.60 -59.72 34.78
C ASP A 556 5.75 -58.49 35.02
N LYS A 557 4.44 -58.63 34.85
CA LYS A 557 3.52 -57.57 35.26
C LYS A 557 3.72 -57.23 36.73
N GLY A 558 3.82 -58.27 37.57
CA GLY A 558 3.68 -58.07 39.01
C GLY A 558 4.71 -57.16 39.61
N LYS A 559 6.00 -57.38 39.30
CA LYS A 559 7.04 -56.59 39.94
C LYS A 559 6.92 -55.11 39.59
N VAL A 560 6.41 -54.82 38.38
CA VAL A 560 6.19 -53.42 38.01
C VAL A 560 5.23 -52.75 38.99
N GLU A 561 4.17 -53.47 39.39
CA GLU A 561 3.22 -52.88 40.34
C GLU A 561 3.87 -52.62 41.69
N LYS A 562 4.71 -53.56 42.15
CA LYS A 562 5.43 -53.36 43.40
C LYS A 562 6.37 -52.15 43.31
N LEU A 563 7.09 -52.02 42.20
CA LEU A 563 7.96 -50.86 42.03
C LEU A 563 7.15 -49.56 42.00
N GLN A 564 5.97 -49.60 41.39
CA GLN A 564 5.12 -48.41 41.36
C GLN A 564 4.65 -48.02 42.76
N ILE A 565 4.31 -49.01 43.59
CA ILE A 565 3.90 -48.72 44.97
C ILE A 565 5.06 -48.07 45.74
N LYS A 566 6.26 -48.58 45.56
CA LYS A 566 7.43 -47.98 46.20
C LYS A 566 7.62 -46.54 45.74
N MET A 567 7.48 -46.28 44.44
CA MET A 567 7.66 -44.93 43.93
C MET A 567 6.57 -43.99 44.45
N ASP A 568 5.32 -44.47 44.53
CA ASP A 568 4.25 -43.66 45.08
C ASP A 568 4.55 -43.24 46.50
N ASN A 569 5.14 -44.15 47.30
CA ASN A 569 5.54 -43.80 48.65
C ASN A 569 6.60 -42.69 48.66
N LEU A 570 7.59 -42.80 47.76
CA LEU A 570 8.62 -41.77 47.67
C LEU A 570 7.99 -40.42 47.32
N ILE A 571 7.08 -40.41 46.35
CA ILE A 571 6.46 -39.16 45.91
C ILE A 571 5.59 -38.58 47.02
N MET A 572 4.81 -39.41 47.71
CA MET A 572 4.02 -38.91 48.82
C MET A 572 4.92 -38.37 49.93
N ASP A 573 6.04 -39.06 50.19
CA ASP A 573 7.01 -38.55 51.14
C ASP A 573 7.57 -37.19 50.69
N SER A 574 7.85 -37.05 49.40
CA SER A 574 8.42 -35.81 48.88
C SER A 574 7.45 -34.64 49.06
N LEU A 575 6.18 -34.83 48.74
CA LEU A 575 5.22 -33.75 48.74
C LEU A 575 4.53 -33.56 50.09
N GLY A 576 4.93 -34.30 51.11
CA GLY A 576 4.36 -34.13 52.43
C GLY A 576 2.89 -34.46 52.56
N ILE A 577 2.43 -35.47 51.83
CA ILE A 577 1.05 -35.93 51.94
C ILE A 577 1.03 -37.33 52.56
N GLY B 28 1.00 4.41 -16.45
CA GLY B 28 2.35 3.99 -16.76
C GLY B 28 2.69 4.04 -18.24
N ILE B 29 3.38 5.10 -18.65
CA ILE B 29 3.78 5.30 -20.05
C ILE B 29 5.31 5.38 -20.06
N TYR B 30 5.95 4.31 -20.53
CA TYR B 30 7.40 4.18 -20.49
C TYR B 30 7.95 4.06 -21.90
N TYR B 31 9.05 4.76 -22.15
CA TYR B 31 9.65 4.84 -23.48
C TYR B 31 10.88 3.93 -23.52
N THR B 32 10.83 2.93 -24.40
CA THR B 32 11.96 2.04 -24.63
C THR B 32 12.99 2.73 -25.52
N PRO B 33 14.28 2.66 -25.18
CA PRO B 33 15.32 3.29 -26.00
C PRO B 33 15.27 2.77 -27.43
N LYS B 34 15.54 3.66 -28.38
CA LYS B 34 15.37 3.32 -29.79
C LYS B 34 16.31 2.19 -30.20
N ILE B 35 17.52 2.18 -29.63
CA ILE B 35 18.47 1.11 -29.95
C ILE B 35 17.92 -0.25 -29.53
N ILE B 36 17.15 -0.29 -28.44
CA ILE B 36 16.51 -1.53 -28.01
C ILE B 36 15.38 -1.91 -28.97
N VAL B 37 14.54 -0.94 -29.33
CA VAL B 37 13.40 -1.23 -30.21
C VAL B 37 13.89 -1.71 -31.56
N ASP B 38 14.90 -1.05 -32.12
CA ASP B 38 15.44 -1.47 -33.41
C ASP B 38 15.97 -2.89 -33.34
N TYR B 39 16.68 -3.22 -32.26
CA TYR B 39 17.22 -4.57 -32.12
C TYR B 39 16.11 -5.61 -32.04
N ILE B 40 15.08 -5.34 -31.24
CA ILE B 40 14.02 -6.32 -31.05
C ILE B 40 13.24 -6.56 -32.34
N VAL B 41 12.92 -5.47 -33.05
CA VAL B 41 12.18 -5.61 -34.30
C VAL B 41 13.00 -6.34 -35.35
N LYS B 42 14.29 -6.00 -35.44
CA LYS B 42 15.17 -6.69 -36.38
C LYS B 42 15.31 -8.16 -36.03
N LYS B 43 15.38 -8.48 -34.74
CA LYS B 43 15.54 -9.88 -34.33
C LYS B 43 14.41 -10.74 -34.83
N THR B 44 13.17 -10.23 -34.78
CA THR B 44 12.03 -11.02 -35.21
C THR B 44 11.88 -11.07 -36.73
N LEU B 45 12.14 -9.96 -37.41
CA LEU B 45 11.75 -9.81 -38.81
C LEU B 45 12.89 -9.94 -39.81
N LYS B 46 14.16 -9.97 -39.37
CA LYS B 46 15.25 -9.81 -40.33
C LYS B 46 15.30 -10.94 -41.35
N ASN B 47 14.80 -12.13 -41.00
CA ASN B 47 14.90 -13.29 -41.89
C ASN B 47 13.55 -13.74 -42.42
N HIS B 48 12.52 -12.89 -42.32
CA HIS B 48 11.21 -13.26 -42.84
C HIS B 48 11.24 -13.34 -44.36
N ASP B 49 10.58 -14.37 -44.89
CA ASP B 49 10.47 -14.61 -46.34
C ASP B 49 9.16 -14.01 -46.81
N ILE B 50 9.22 -12.78 -47.33
CA ILE B 50 7.99 -12.08 -47.70
C ILE B 50 7.37 -12.69 -48.95
N ILE B 51 8.18 -13.26 -49.84
CA ILE B 51 7.62 -13.91 -51.04
C ILE B 51 6.78 -15.11 -50.64
N LYS B 52 7.29 -15.92 -49.72
CA LYS B 52 6.56 -17.12 -49.30
C LYS B 52 5.33 -16.76 -48.48
N ASN B 53 5.46 -15.79 -47.56
CA ASN B 53 4.34 -15.33 -46.73
C ASN B 53 4.27 -13.82 -46.78
N PRO B 54 3.49 -13.25 -47.69
CA PRO B 54 3.28 -11.80 -47.70
C PRO B 54 2.24 -11.30 -46.70
N TYR B 55 1.76 -12.13 -45.79
CA TYR B 55 0.79 -11.72 -44.77
C TYR B 55 1.29 -12.08 -43.37
N PRO B 56 2.42 -11.53 -42.94
CA PRO B 56 2.85 -11.77 -41.55
C PRO B 56 2.05 -10.90 -40.59
N ARG B 57 1.61 -11.52 -39.50
CA ARG B 57 0.91 -10.81 -38.43
C ARG B 57 1.90 -10.48 -37.34
N ILE B 58 2.18 -9.19 -37.16
CA ILE B 58 3.05 -8.69 -36.11
C ILE B 58 2.19 -7.97 -35.08
N LEU B 59 2.33 -8.35 -33.82
CA LEU B 59 1.46 -7.89 -32.75
C LEU B 59 2.26 -7.36 -31.56
N ASP B 60 1.77 -6.25 -31.00
CA ASP B 60 2.26 -5.73 -29.73
C ASP B 60 1.05 -5.54 -28.81
N ILE B 61 1.02 -6.27 -27.68
CA ILE B 61 -0.14 -6.26 -26.81
C ILE B 61 -0.03 -5.24 -25.69
N SER B 62 1.03 -4.45 -25.66
CA SER B 62 1.13 -3.27 -24.79
C SER B 62 1.76 -2.14 -25.59
N CYS B 63 1.20 -1.88 -26.77
CA CYS B 63 1.86 -1.07 -27.79
C CYS B 63 2.02 0.38 -27.39
N GLY B 64 1.20 0.89 -26.48
CA GLY B 64 1.33 2.30 -26.09
C GLY B 64 1.12 3.21 -27.29
N CYS B 65 2.00 4.21 -27.42
CA CYS B 65 1.93 5.13 -28.54
C CYS B 65 2.52 4.57 -29.83
N GLY B 66 3.14 3.40 -29.77
CA GLY B 66 3.62 2.75 -30.98
C GLY B 66 5.13 2.76 -31.13
N ASN B 67 5.85 2.73 -30.00
CA ASN B 67 7.31 2.70 -30.05
C ASN B 67 7.82 1.56 -30.93
N PHE B 68 7.20 0.38 -30.80
CA PHE B 68 7.60 -0.80 -31.57
C PHE B 68 6.87 -0.88 -32.91
N LEU B 69 5.56 -0.66 -32.92
CA LEU B 69 4.79 -0.89 -34.15
C LEU B 69 5.16 0.10 -35.25
N LEU B 70 5.50 1.34 -34.90
CA LEU B 70 5.91 2.30 -35.93
C LEU B 70 7.23 1.88 -36.56
N GLU B 71 8.15 1.33 -35.77
CA GLU B 71 9.35 0.73 -36.34
C GLU B 71 9.03 -0.51 -37.16
N VAL B 72 8.06 -1.30 -36.69
CA VAL B 72 7.61 -2.46 -37.46
C VAL B 72 7.09 -2.02 -38.82
N TYR B 73 6.38 -0.90 -38.87
CA TYR B 73 5.86 -0.41 -40.15
C TYR B 73 7.01 -0.11 -41.11
N ASP B 74 8.04 0.58 -40.63
CA ASP B 74 9.17 0.94 -41.50
C ASP B 74 9.89 -0.30 -42.02
N ILE B 75 10.12 -1.28 -41.15
CA ILE B 75 10.79 -2.51 -41.58
C ILE B 75 9.92 -3.25 -42.59
N LEU B 76 8.62 -3.37 -42.32
CA LEU B 76 7.73 -4.07 -43.25
C LEU B 76 7.67 -3.36 -44.59
N TYR B 77 7.60 -2.02 -44.58
CA TYR B 77 7.43 -1.28 -45.83
C TYR B 77 8.62 -1.49 -46.76
N ASP B 78 9.83 -1.44 -46.22
CA ASP B 78 11.03 -1.71 -47.02
C ASP B 78 11.03 -3.15 -47.52
N LEU B 79 10.59 -4.08 -46.68
CA LEU B 79 10.54 -5.48 -47.07
C LEU B 79 9.61 -5.69 -48.27
N PHE B 80 8.42 -5.08 -48.23
CA PHE B 80 7.51 -5.18 -49.36
C PHE B 80 8.06 -4.45 -50.59
N GLU B 81 8.61 -3.24 -50.40
CA GLU B 81 9.07 -2.46 -51.53
C GLU B 81 10.22 -3.15 -52.25
N GLU B 82 11.10 -3.82 -51.52
CA GLU B 82 12.24 -4.50 -52.12
C GLU B 82 11.81 -5.65 -53.02
N ASN B 83 10.66 -6.28 -52.73
CA ASN B 83 10.25 -7.49 -53.43
C ASN B 83 8.93 -7.30 -54.17
N ILE B 84 8.54 -6.06 -54.46
CA ILE B 84 7.18 -5.80 -54.93
C ILE B 84 6.92 -6.49 -56.26
N TYR B 85 7.91 -6.49 -57.17
CA TYR B 85 7.70 -7.10 -58.48
C TYR B 85 7.62 -8.63 -58.39
N GLU B 86 8.38 -9.26 -57.48
CA GLU B 86 8.24 -10.69 -57.28
C GLU B 86 6.87 -11.04 -56.75
N LEU B 87 6.36 -10.26 -55.78
CA LEU B 87 5.00 -10.46 -55.30
C LEU B 87 3.99 -10.20 -56.41
N LYS B 88 4.23 -9.17 -57.22
CA LYS B 88 3.35 -8.86 -58.33
C LYS B 88 3.26 -10.03 -59.32
N LYS B 89 4.39 -10.67 -59.59
CA LYS B 89 4.41 -11.76 -60.55
C LYS B 89 3.78 -13.03 -59.99
N LYS B 90 4.09 -13.35 -58.72
CA LYS B 90 3.64 -14.59 -58.10
C LYS B 90 2.17 -14.53 -57.69
N TYR B 91 1.68 -13.36 -57.30
CA TYR B 91 0.32 -13.18 -56.81
C TYR B 91 -0.43 -12.23 -57.75
N ASP B 92 -1.61 -11.77 -57.33
CA ASP B 92 -2.41 -10.86 -58.14
C ASP B 92 -1.64 -9.58 -58.47
N GLU B 93 -1.33 -9.37 -59.75
CA GLU B 93 -0.47 -8.26 -60.15
C GLU B 93 -1.16 -6.91 -60.11
N ASN B 94 -2.49 -6.87 -60.04
CA ASN B 94 -3.18 -5.60 -59.84
C ASN B 94 -3.05 -5.14 -58.38
N TYR B 95 -3.08 -6.09 -57.45
CA TYR B 95 -3.03 -5.75 -56.03
C TYR B 95 -1.66 -5.23 -55.63
N TRP B 96 -0.59 -5.86 -56.12
CA TRP B 96 0.75 -5.60 -55.60
C TRP B 96 1.39 -4.45 -56.38
N THR B 97 1.18 -3.25 -55.87
CA THR B 97 1.84 -2.04 -56.34
C THR B 97 2.44 -1.33 -55.13
N VAL B 98 3.44 -0.48 -55.39
CA VAL B 98 4.04 0.28 -54.30
C VAL B 98 2.97 1.15 -53.63
N ASP B 99 2.05 1.71 -54.42
CA ASP B 99 1.00 2.55 -53.88
C ASP B 99 0.07 1.80 -52.93
N ASN B 100 0.02 0.47 -53.02
CA ASN B 100 -0.89 -0.32 -52.18
C ASN B 100 -0.22 -0.89 -50.94
N ILE B 101 1.10 -0.73 -50.78
CA ILE B 101 1.80 -1.34 -49.65
C ILE B 101 1.27 -0.79 -48.33
N HIS B 102 1.05 0.53 -48.26
CA HIS B 102 0.60 1.16 -47.02
C HIS B 102 -0.73 0.57 -46.56
N ARG B 103 -1.69 0.44 -47.48
CA ARG B 103 -2.97 -0.14 -47.13
C ARG B 103 -2.83 -1.60 -46.73
N HIS B 104 -1.99 -2.35 -47.44
CA HIS B 104 -1.83 -3.78 -47.13
C HIS B 104 -1.25 -3.96 -45.74
N ILE B 105 -0.28 -3.14 -45.35
CA ILE B 105 0.36 -3.28 -44.05
C ILE B 105 -0.65 -3.06 -42.93
N LEU B 106 -1.48 -2.02 -43.05
CA LEU B 106 -2.44 -1.72 -42.00
C LEU B 106 -3.59 -2.70 -41.96
N ASN B 107 -4.01 -3.23 -43.11
CA ASN B 107 -5.13 -4.17 -43.12
C ASN B 107 -4.75 -5.52 -42.51
N TYR B 108 -3.60 -6.05 -42.87
CA TYR B 108 -3.32 -7.46 -42.62
C TYR B 108 -2.11 -7.74 -41.74
N CYS B 109 -1.22 -6.79 -41.51
CA CYS B 109 0.08 -7.11 -40.92
C CYS B 109 0.29 -6.57 -39.52
N ILE B 110 -0.16 -5.35 -39.21
CA ILE B 110 0.14 -4.71 -37.93
C ILE B 110 -1.06 -4.81 -37.02
N TYR B 111 -0.85 -5.37 -35.83
CA TYR B 111 -1.87 -5.50 -34.80
C TYR B 111 -1.33 -4.90 -33.50
N GLY B 112 -2.17 -4.16 -32.79
CA GLY B 112 -1.75 -3.55 -31.54
C GLY B 112 -2.88 -3.53 -30.54
N ALA B 113 -2.53 -3.62 -29.26
CA ALA B 113 -3.50 -3.55 -28.17
C ALA B 113 -2.90 -2.78 -27.00
N ASP B 114 -3.76 -2.03 -26.31
CA ASP B 114 -3.38 -1.26 -25.12
C ASP B 114 -4.65 -0.78 -24.42
N ILE B 115 -4.61 -0.71 -23.09
CA ILE B 115 -5.76 -0.24 -22.33
C ILE B 115 -5.94 1.27 -22.36
N ASP B 116 -4.92 2.01 -22.80
CA ASP B 116 -4.96 3.46 -22.83
C ASP B 116 -5.64 3.92 -24.12
N GLU B 117 -6.82 4.53 -24.00
CA GLU B 117 -7.52 5.00 -25.18
C GLU B 117 -6.76 6.14 -25.86
N LYS B 118 -6.16 7.04 -25.07
CA LYS B 118 -5.42 8.16 -25.66
C LYS B 118 -4.22 7.67 -26.46
N ALA B 119 -3.49 6.68 -25.92
CA ALA B 119 -2.33 6.15 -26.63
C ALA B 119 -2.73 5.46 -27.94
N ILE B 120 -3.82 4.69 -27.91
CA ILE B 120 -4.30 4.04 -29.13
C ILE B 120 -4.70 5.08 -30.17
N SER B 121 -5.34 6.17 -29.72
CA SER B 121 -5.73 7.23 -30.64
C SER B 121 -4.51 7.85 -31.31
N ILE B 122 -3.45 8.10 -30.54
CA ILE B 122 -2.24 8.70 -31.10
C ILE B 122 -1.57 7.74 -32.08
N LEU B 123 -1.50 6.45 -31.72
CA LEU B 123 -0.92 5.46 -32.62
C LEU B 123 -1.71 5.36 -33.91
N LYS B 124 -3.05 5.44 -33.81
CA LYS B 124 -3.89 5.39 -35.01
C LYS B 124 -3.57 6.54 -35.95
N ASP B 125 -3.35 7.74 -35.39
CA ASP B 125 -2.99 8.88 -36.23
C ASP B 125 -1.61 8.71 -36.83
N SER B 126 -0.65 8.20 -36.05
CA SER B 126 0.71 8.03 -36.56
C SER B 126 0.75 7.04 -37.71
N LEU B 127 0.06 5.90 -37.57
CA LEU B 127 0.00 4.92 -38.66
C LEU B 127 -0.72 5.51 -39.88
N THR B 128 -1.77 6.29 -39.63
CA THR B 128 -2.47 6.95 -40.73
C THR B 128 -1.56 7.92 -41.47
N ASN B 129 -0.70 8.63 -40.73
CA ASN B 129 0.15 9.65 -41.32
C ASN B 129 1.42 9.10 -41.95
N LYS B 130 1.64 7.79 -41.91
CA LYS B 130 2.78 7.21 -42.62
C LYS B 130 2.66 7.42 -44.12
N LYS B 131 1.44 7.46 -44.65
CA LYS B 131 1.19 7.68 -46.06
C LYS B 131 1.10 9.17 -46.35
N VAL B 132 1.93 9.62 -47.29
CA VAL B 132 1.95 11.04 -47.65
C VAL B 132 0.60 11.46 -48.23
N VAL B 133 0.05 10.63 -49.12
CA VAL B 133 -1.20 10.96 -49.80
C VAL B 133 -2.36 10.92 -48.81
N ASN B 134 -3.15 11.98 -48.80
CA ASN B 134 -4.37 12.06 -48.01
C ASN B 134 -5.57 12.02 -48.96
N ASP B 135 -6.61 11.30 -48.55
CA ASP B 135 -7.77 11.01 -49.40
C ASP B 135 -7.34 10.24 -50.65
N LEU B 136 -6.59 9.16 -50.43
CA LEU B 136 -6.18 8.29 -51.54
C LEU B 136 -7.36 7.52 -52.11
N ASP B 137 -8.17 6.92 -51.23
CA ASP B 137 -9.38 6.18 -51.61
C ASP B 137 -10.53 6.58 -50.67
N GLU B 138 -10.68 7.88 -50.46
CA GLU B 138 -11.69 8.45 -49.56
C GLU B 138 -11.43 8.10 -48.10
N SER B 139 -10.20 7.70 -47.77
CA SER B 139 -9.69 7.62 -46.39
C SER B 139 -10.55 6.69 -45.52
N ASP B 140 -10.50 5.41 -45.86
CA ASP B 140 -11.31 4.40 -45.17
C ASP B 140 -10.51 3.12 -44.92
N ILE B 141 -9.32 3.26 -44.34
CA ILE B 141 -8.41 2.13 -44.15
C ILE B 141 -8.71 1.44 -42.83
N LYS B 142 -8.85 0.10 -42.88
CA LYS B 142 -8.99 -0.69 -41.67
C LYS B 142 -7.65 -0.81 -40.95
N ILE B 143 -7.69 -0.63 -39.62
CA ILE B 143 -6.50 -0.73 -38.78
C ILE B 143 -6.82 -1.64 -37.61
N ASN B 144 -5.91 -2.57 -37.31
CA ASN B 144 -6.15 -3.56 -36.26
C ASN B 144 -5.55 -3.08 -34.94
N LEU B 145 -6.19 -2.07 -34.36
CA LEU B 145 -5.82 -1.55 -33.05
C LEU B 145 -6.98 -1.78 -32.08
N PHE B 146 -6.67 -2.30 -30.89
CA PHE B 146 -7.69 -2.65 -29.91
C PHE B 146 -7.39 -1.95 -28.60
N CYS B 147 -8.35 -1.18 -28.12
CA CYS B 147 -8.26 -0.59 -26.78
C CYS B 147 -8.96 -1.54 -25.82
N CYS B 148 -8.19 -2.34 -25.08
CA CYS B 148 -8.73 -3.41 -24.27
C CYS B 148 -7.65 -3.91 -23.33
N ASP B 149 -8.08 -4.77 -22.39
CA ASP B 149 -7.16 -5.50 -21.52
C ASP B 149 -6.63 -6.70 -22.30
N SER B 150 -5.34 -6.65 -22.64
CA SER B 150 -4.75 -7.71 -23.46
C SER B 150 -4.85 -9.07 -22.78
N LEU B 151 -4.82 -9.10 -21.45
CA LEU B 151 -4.88 -10.38 -20.73
C LEU B 151 -6.28 -10.97 -20.75
N LYS B 152 -7.29 -10.19 -21.11
CA LYS B 152 -8.67 -10.68 -21.16
C LYS B 152 -9.20 -10.87 -22.57
N LYS B 153 -8.56 -10.31 -23.58
CA LYS B 153 -9.12 -10.36 -24.93
C LYS B 153 -9.06 -11.77 -25.50
N LYS B 154 -10.16 -12.19 -26.13
CA LYS B 154 -10.22 -13.46 -26.83
C LYS B 154 -9.74 -13.24 -28.26
N TRP B 155 -8.59 -13.82 -28.60
CA TRP B 155 -8.02 -13.69 -29.94
C TRP B 155 -8.50 -14.83 -30.82
N ARG B 156 -9.00 -14.47 -32.01
CA ARG B 156 -9.55 -15.47 -32.92
C ARG B 156 -8.47 -16.31 -33.62
N TYR B 157 -7.22 -15.88 -33.59
CA TYR B 157 -6.14 -16.58 -34.28
C TYR B 157 -4.81 -16.19 -33.67
N LYS B 158 -3.78 -16.94 -34.02
CA LYS B 158 -2.43 -16.72 -33.50
C LYS B 158 -1.63 -15.81 -34.43
N PHE B 159 -0.44 -15.42 -33.96
CA PHE B 159 0.34 -14.37 -34.59
C PHE B 159 1.74 -14.85 -34.95
N ASP B 160 2.24 -14.38 -36.09
CA ASP B 160 3.56 -14.78 -36.58
C ASP B 160 4.66 -14.20 -35.71
N TYR B 161 4.55 -12.92 -35.34
CA TYR B 161 5.59 -12.25 -34.57
C TYR B 161 4.95 -11.39 -33.50
N ILE B 162 5.58 -11.35 -32.32
CA ILE B 162 5.11 -10.56 -31.20
C ILE B 162 6.31 -9.84 -30.58
N VAL B 163 6.19 -8.52 -30.43
CA VAL B 163 7.24 -7.68 -29.86
C VAL B 163 6.61 -6.73 -28.86
N GLY B 164 7.45 -6.18 -27.98
CA GLY B 164 7.03 -5.06 -27.17
C GLY B 164 7.65 -5.08 -25.79
N ASN B 165 7.12 -4.18 -24.95
CA ASN B 165 7.58 -3.95 -23.59
C ASN B 165 6.35 -3.97 -22.67
N PRO B 166 6.12 -5.05 -21.95
CA PRO B 166 4.88 -5.18 -21.16
C PRO B 166 4.95 -4.32 -19.92
N PRO B 167 3.80 -4.06 -19.27
CA PRO B 167 3.84 -3.36 -17.98
C PRO B 167 4.46 -4.22 -16.90
N TYR B 168 5.22 -3.59 -16.01
CA TYR B 168 5.76 -4.25 -14.82
C TYR B 168 5.01 -3.71 -13.62
N ILE B 169 4.22 -4.55 -12.96
CA ILE B 169 3.48 -4.15 -11.77
C ILE B 169 3.57 -5.27 -10.74
N GLY B 170 4.18 -4.98 -9.60
CA GLY B 170 4.39 -5.97 -8.55
C GLY B 170 3.21 -6.10 -7.61
N HIS B 171 3.41 -6.93 -6.58
CA HIS B 171 2.30 -7.31 -5.72
C HIS B 171 1.78 -6.15 -4.88
N LYS B 172 2.63 -5.16 -4.58
CA LYS B 172 2.16 -4.01 -3.82
C LYS B 172 1.32 -3.06 -4.67
N LYS B 173 1.76 -2.77 -5.90
CA LYS B 173 1.15 -1.73 -6.71
C LYS B 173 -0.04 -2.21 -7.53
N LEU B 174 -0.24 -3.52 -7.65
CA LEU B 174 -1.36 -4.04 -8.42
C LEU B 174 -2.62 -4.08 -7.56
N GLU B 175 -3.75 -3.72 -8.16
CA GLU B 175 -5.03 -3.70 -7.46
C GLU B 175 -5.51 -5.10 -7.15
N LYS B 176 -6.07 -5.28 -5.95
CA LYS B 176 -6.34 -6.63 -5.44
C LYS B 176 -7.45 -7.33 -6.22
N LYS B 177 -8.52 -6.61 -6.57
CA LYS B 177 -9.62 -7.24 -7.28
C LYS B 177 -9.14 -7.82 -8.61
N TYR B 178 -8.23 -7.13 -9.28
CA TYR B 178 -7.66 -7.66 -10.52
C TYR B 178 -6.86 -8.92 -10.25
N LYS B 179 -6.11 -8.96 -9.15
CA LYS B 179 -5.31 -10.13 -8.83
C LYS B 179 -6.14 -11.40 -8.75
N LYS B 180 -7.40 -11.28 -8.33
CA LYS B 180 -8.27 -12.45 -8.29
C LYS B 180 -8.47 -13.04 -9.67
N PHE B 181 -8.63 -12.19 -10.69
CA PHE B 181 -8.68 -12.68 -12.06
C PHE B 181 -7.37 -13.33 -12.47
N LEU B 182 -6.24 -12.71 -12.12
CA LEU B 182 -4.94 -13.28 -12.47
C LEU B 182 -4.72 -14.63 -11.78
N LEU B 183 -5.07 -14.71 -10.49
CA LEU B 183 -4.89 -15.96 -9.77
C LEU B 183 -5.79 -17.07 -10.29
N GLU B 184 -6.91 -16.72 -10.92
CA GLU B 184 -7.82 -17.75 -11.44
C GLU B 184 -7.39 -18.23 -12.82
N LYS B 185 -7.04 -17.30 -13.71
CA LYS B 185 -6.84 -17.60 -15.11
C LYS B 185 -5.37 -17.76 -15.50
N TYR B 186 -4.44 -17.21 -14.72
CA TYR B 186 -3.02 -17.27 -15.04
C TYR B 186 -2.22 -17.98 -13.96
N SER B 187 -2.85 -18.95 -13.29
CA SER B 187 -2.20 -19.61 -12.16
C SER B 187 -0.94 -20.37 -12.56
N GLU B 188 -0.82 -20.75 -13.83
CA GLU B 188 0.37 -21.47 -14.27
C GLU B 188 1.65 -20.65 -14.08
N VAL B 189 1.56 -19.32 -14.03
CA VAL B 189 2.76 -18.49 -13.91
C VAL B 189 2.62 -17.44 -12.82
N TYR B 190 1.40 -17.19 -12.36
CA TYR B 190 1.13 -16.10 -11.42
C TYR B 190 0.60 -16.65 -10.10
N LYS B 191 1.44 -16.57 -9.06
CA LYS B 191 1.04 -16.87 -7.69
C LYS B 191 1.84 -15.97 -6.75
N ASP B 192 1.28 -15.76 -5.56
CA ASP B 192 1.99 -15.15 -4.42
C ASP B 192 2.52 -13.79 -4.83
N LYS B 193 3.84 -13.55 -4.77
CA LYS B 193 4.42 -12.25 -5.07
C LYS B 193 4.89 -12.13 -6.51
N ALA B 194 4.23 -12.82 -7.44
CA ALA B 194 4.57 -12.73 -8.85
C ALA B 194 4.25 -11.34 -9.39
N ASP B 195 4.70 -11.08 -10.62
CA ASP B 195 4.54 -9.79 -11.26
C ASP B 195 3.62 -9.90 -12.47
N LEU B 196 2.97 -8.78 -12.81
CA LEU B 196 2.02 -8.77 -13.92
C LEU B 196 2.66 -9.22 -15.23
N TYR B 197 3.93 -8.86 -15.46
CA TYR B 197 4.57 -9.21 -16.72
C TYR B 197 4.78 -10.71 -16.86
N PHE B 198 4.68 -11.48 -15.76
CA PHE B 198 4.64 -12.93 -15.89
C PHE B 198 3.47 -13.34 -16.77
N CYS B 199 2.31 -12.73 -16.55
CA CYS B 199 1.12 -13.07 -17.31
C CYS B 199 1.25 -12.66 -18.78
N PHE B 200 1.95 -11.55 -19.04
CA PHE B 200 2.17 -11.14 -20.43
C PHE B 200 3.06 -12.14 -21.16
N TYR B 201 4.07 -12.69 -20.47
CA TYR B 201 4.84 -13.78 -21.06
C TYR B 201 3.93 -14.93 -21.46
N LYS B 202 3.05 -15.36 -20.55
CA LYS B 202 2.18 -16.49 -20.86
C LYS B 202 1.25 -16.19 -22.03
N LYS B 203 0.64 -15.00 -22.02
CA LYS B 203 -0.27 -14.64 -23.10
C LYS B 203 0.45 -14.61 -24.44
N ILE B 204 1.65 -14.02 -24.47
CA ILE B 204 2.43 -13.93 -25.71
C ILE B 204 2.74 -15.33 -26.23
N ILE B 205 3.18 -16.22 -25.34
CA ILE B 205 3.50 -17.58 -25.73
C ILE B 205 2.27 -18.29 -26.25
N ASP B 206 1.12 -18.08 -25.61
CA ASP B 206 -0.09 -18.83 -25.95
C ASP B 206 -0.65 -18.46 -27.32
N ILE B 207 -0.45 -17.21 -27.76
CA ILE B 207 -1.00 -16.75 -29.03
C ILE B 207 0.07 -16.63 -30.11
N LEU B 208 1.27 -17.15 -29.87
CA LEU B 208 2.31 -17.16 -30.89
C LEU B 208 2.07 -18.32 -31.85
N LYS B 209 2.03 -18.02 -33.15
CA LYS B 209 1.78 -19.04 -34.15
C LYS B 209 2.91 -20.07 -34.15
N GLN B 210 2.59 -21.28 -34.59
CA GLN B 210 3.62 -22.29 -34.78
C GLN B 210 4.66 -21.79 -35.79
N GLY B 211 5.92 -21.85 -35.40
CA GLY B 211 7.00 -21.31 -36.20
C GLY B 211 7.21 -19.82 -36.07
N GLY B 212 6.49 -19.15 -35.16
CA GLY B 212 6.64 -17.73 -34.99
C GLY B 212 7.74 -17.37 -34.00
N ILE B 213 8.04 -16.08 -33.93
CA ILE B 213 9.12 -15.55 -33.10
C ILE B 213 8.56 -14.45 -32.21
N GLY B 214 8.90 -14.49 -30.92
CA GLY B 214 8.57 -13.42 -30.00
C GLY B 214 9.83 -12.85 -29.39
N SER B 215 9.81 -11.54 -29.12
CA SER B 215 10.96 -10.86 -28.54
C SER B 215 10.48 -9.67 -27.71
N VAL B 216 10.82 -9.65 -26.43
CA VAL B 216 10.35 -8.65 -25.49
C VAL B 216 11.49 -8.19 -24.60
N ILE B 217 11.33 -7.01 -24.01
CA ILE B 217 12.20 -6.53 -22.95
C ILE B 217 11.37 -6.46 -21.68
N THR B 218 11.84 -7.13 -20.62
CA THR B 218 11.13 -7.23 -19.35
C THR B 218 12.15 -7.05 -18.23
N PRO B 219 11.72 -7.01 -16.96
CA PRO B 219 12.70 -7.10 -15.87
C PRO B 219 13.45 -8.43 -15.93
N ARG B 220 14.67 -8.41 -15.40
CA ARG B 220 15.52 -9.61 -15.37
C ARG B 220 15.27 -10.49 -14.16
N TYR B 221 14.46 -10.04 -13.19
CA TYR B 221 14.43 -10.71 -11.89
C TYR B 221 13.85 -12.11 -11.98
N PHE B 222 12.95 -12.37 -12.93
CA PHE B 222 12.37 -13.71 -13.05
C PHE B 222 13.41 -14.76 -13.41
N LEU B 223 14.57 -14.35 -13.92
CA LEU B 223 15.62 -15.32 -14.23
C LEU B 223 16.15 -16.02 -12.98
N GLU B 224 16.04 -15.38 -11.82
CA GLU B 224 16.59 -15.93 -10.59
C GLU B 224 15.63 -15.97 -9.42
N SER B 225 14.56 -15.17 -9.42
CA SER B 225 13.74 -15.00 -8.24
C SER B 225 12.93 -16.26 -7.90
N LEU B 226 12.54 -16.36 -6.63
CA LEU B 226 11.65 -17.43 -6.22
C LEU B 226 10.31 -17.34 -6.93
N SER B 227 9.78 -16.13 -7.10
CA SER B 227 8.46 -15.96 -7.70
C SER B 227 8.45 -16.44 -9.15
N GLY B 228 9.56 -16.35 -9.85
CA GLY B 228 9.61 -16.70 -11.25
C GLY B 228 9.75 -18.16 -11.56
N LYS B 229 9.70 -19.02 -10.54
CA LYS B 229 9.91 -20.45 -10.74
C LYS B 229 8.93 -21.03 -11.75
N ASP B 230 7.64 -20.77 -11.58
CA ASP B 230 6.65 -21.32 -12.50
C ASP B 230 6.78 -20.72 -13.89
N LEU B 231 7.09 -19.41 -13.98
CA LEU B 231 7.25 -18.77 -15.28
C LEU B 231 8.42 -19.38 -16.05
N ARG B 232 9.55 -19.62 -15.37
CA ARG B 232 10.68 -20.26 -16.02
C ARG B 232 10.30 -21.63 -16.56
N GLU B 233 9.54 -22.41 -15.78
CA GLU B 233 9.09 -23.72 -16.24
C GLU B 233 8.15 -23.58 -17.43
N TYR B 234 7.27 -22.59 -17.42
CA TYR B 234 6.35 -22.40 -18.53
C TYR B 234 7.08 -22.02 -19.81
N ILE B 235 8.07 -21.12 -19.70
CA ILE B 235 8.84 -20.72 -20.87
C ILE B 235 9.65 -21.89 -21.41
N LYS B 236 10.37 -22.58 -20.52
CA LYS B 236 11.30 -23.62 -20.96
C LYS B 236 10.59 -24.77 -21.66
N SER B 237 9.32 -25.01 -21.31
CA SER B 237 8.61 -26.18 -21.81
C SER B 237 7.64 -25.87 -22.94
N ASN B 238 7.50 -24.61 -23.37
CA ASN B 238 6.58 -24.26 -24.43
C ASN B 238 7.22 -23.55 -25.61
N VAL B 239 8.41 -22.95 -25.46
CA VAL B 239 9.10 -22.30 -26.56
C VAL B 239 10.57 -22.67 -26.51
N ASN B 240 11.24 -22.52 -27.65
CA ASN B 240 12.70 -22.56 -27.70
C ASN B 240 13.22 -21.15 -27.45
N VAL B 241 14.03 -20.97 -26.41
CA VAL B 241 14.61 -19.67 -26.13
C VAL B 241 15.81 -19.49 -27.05
N GLN B 242 15.70 -18.57 -28.01
CA GLN B 242 16.80 -18.32 -28.92
C GLN B 242 17.96 -17.62 -28.23
N GLU B 243 17.66 -16.62 -27.39
CA GLU B 243 18.69 -15.70 -26.93
C GLU B 243 18.20 -14.96 -25.69
N ILE B 244 19.12 -14.71 -24.76
CA ILE B 244 18.87 -13.91 -23.56
C ILE B 244 19.97 -12.86 -23.47
N VAL B 245 19.58 -11.59 -23.44
CA VAL B 245 20.50 -10.48 -23.25
C VAL B 245 20.27 -9.95 -21.85
N ASP B 246 21.23 -10.16 -20.96
CA ASP B 246 21.10 -9.76 -19.56
C ASP B 246 21.95 -8.53 -19.34
N PHE B 247 21.30 -7.41 -19.03
CA PHE B 247 22.00 -6.16 -18.74
C PHE B 247 22.41 -6.05 -17.28
N LEU B 248 22.13 -7.06 -16.46
CA LEU B 248 22.47 -7.10 -15.03
C LEU B 248 21.91 -5.83 -14.37
N GLY B 249 22.70 -5.08 -13.62
CA GLY B 249 22.24 -3.90 -12.93
C GLY B 249 22.31 -2.61 -13.73
N ALA B 250 22.61 -2.70 -15.02
CA ALA B 250 22.70 -1.49 -15.85
C ALA B 250 21.37 -0.77 -15.89
N ASN B 251 21.43 0.55 -16.11
CA ASN B 251 20.25 1.41 -16.10
C ASN B 251 19.86 1.69 -17.55
N ILE B 252 18.92 0.89 -18.07
CA ILE B 252 18.50 1.01 -19.46
C ILE B 252 17.42 2.08 -19.61
N PHE B 253 16.55 2.24 -18.62
CA PHE B 253 15.49 3.23 -18.65
C PHE B 253 15.88 4.39 -17.74
N LYS B 254 16.01 5.57 -18.33
CA LYS B 254 16.44 6.74 -17.57
C LYS B 254 15.43 7.07 -16.48
N ASN B 255 15.94 7.29 -15.27
CA ASN B 255 15.15 7.65 -14.09
C ASN B 255 14.15 6.56 -13.71
N ILE B 256 14.43 5.31 -14.07
CA ILE B 256 13.57 4.17 -13.70
C ILE B 256 14.43 3.17 -12.94
N GLY B 257 14.00 2.84 -11.73
CA GLY B 257 14.72 1.88 -10.91
C GLY B 257 14.38 0.44 -11.22
N VAL B 258 14.82 -0.07 -12.37
CA VAL B 258 14.55 -1.44 -12.77
C VAL B 258 15.76 -1.97 -13.53
N SER B 259 15.90 -3.30 -13.55
CA SER B 259 16.98 -3.97 -14.27
C SER B 259 16.38 -4.89 -15.33
N SER B 260 16.99 -4.87 -16.52
CA SER B 260 16.32 -5.31 -17.73
C SER B 260 17.01 -6.50 -18.37
N CYS B 261 16.23 -7.23 -19.16
CA CYS B 261 16.74 -8.28 -20.03
C CYS B 261 15.87 -8.35 -21.28
N ILE B 262 16.44 -8.90 -22.35
CA ILE B 262 15.74 -9.12 -23.61
C ILE B 262 15.67 -10.62 -23.85
N LEU B 263 14.46 -11.14 -24.03
CA LEU B 263 14.27 -12.55 -24.37
C LEU B 263 13.74 -12.68 -25.79
N THR B 264 14.37 -13.53 -26.58
CA THR B 264 13.87 -13.90 -27.90
C THR B 264 13.61 -15.39 -27.92
N PHE B 265 12.43 -15.78 -28.39
CA PHE B 265 12.02 -17.17 -28.38
C PHE B 265 11.20 -17.45 -29.63
N ASP B 266 11.01 -18.74 -29.92
CA ASP B 266 10.25 -19.14 -31.10
C ASP B 266 9.53 -20.46 -30.83
N LYS B 267 8.65 -20.81 -31.77
CA LYS B 267 8.00 -22.12 -31.80
C LYS B 267 8.38 -22.88 -33.07
N LYS B 268 9.64 -22.77 -33.46
CA LYS B 268 10.16 -23.51 -34.61
C LYS B 268 10.54 -24.93 -34.18
N LYS B 269 10.46 -25.84 -35.14
CA LYS B 269 10.94 -27.21 -34.92
C LYS B 269 12.46 -27.19 -34.91
N THR B 270 13.04 -27.17 -33.71
CA THR B 270 14.48 -27.17 -33.52
C THR B 270 14.92 -28.53 -33.00
N LYS B 271 16.22 -28.78 -33.08
CA LYS B 271 16.79 -30.06 -32.68
C LYS B 271 17.71 -29.94 -31.47
N GLU B 272 18.75 -29.10 -31.56
CA GLU B 272 19.74 -29.00 -30.49
C GLU B 272 19.35 -27.99 -29.42
N THR B 273 18.58 -26.96 -29.79
CA THR B 273 17.98 -25.96 -28.89
C THR B 273 18.99 -25.46 -27.83
N TYR B 274 19.98 -24.74 -28.33
CA TYR B 274 20.93 -24.00 -27.49
C TYR B 274 20.52 -22.54 -27.40
N ILE B 275 20.82 -21.93 -26.24
CA ILE B 275 20.50 -20.52 -25.98
C ILE B 275 21.75 -19.67 -26.13
N ASP B 276 21.66 -18.59 -26.91
CA ASP B 276 22.70 -17.58 -26.90
C ASP B 276 22.50 -16.69 -25.69
N VAL B 277 23.52 -16.60 -24.83
CA VAL B 277 23.44 -15.76 -23.64
C VAL B 277 24.49 -14.67 -23.77
N PHE B 278 24.05 -13.42 -23.76
CA PHE B 278 24.93 -12.26 -23.76
C PHE B 278 24.80 -11.59 -22.40
N LYS B 279 25.88 -11.61 -21.63
CA LYS B 279 25.90 -11.04 -20.29
C LYS B 279 26.84 -9.85 -20.27
N ILE B 280 26.35 -8.72 -19.76
CA ILE B 280 27.16 -7.51 -19.72
C ILE B 280 28.29 -7.68 -18.71
N LYS B 281 29.45 -7.10 -19.03
CA LYS B 281 30.63 -7.23 -18.18
C LYS B 281 30.75 -6.09 -17.18
N ASN B 282 30.37 -4.88 -17.57
CA ASN B 282 30.47 -3.71 -16.70
C ASN B 282 29.14 -3.00 -16.70
N GLU B 283 28.51 -2.89 -15.53
CA GLU B 283 27.19 -2.30 -15.41
C GLU B 283 27.18 -0.80 -15.63
N ASP B 284 28.33 -0.16 -15.75
CA ASP B 284 28.41 1.29 -15.89
C ASP B 284 28.31 1.78 -17.33
N ILE B 285 28.27 0.87 -18.31
CA ILE B 285 28.33 1.31 -19.71
C ILE B 285 27.02 1.99 -20.09
N CYS B 286 27.10 2.90 -21.06
CA CYS B 286 25.95 3.58 -21.61
C CYS B 286 25.50 2.89 -22.89
N ILE B 287 24.18 2.79 -23.07
CA ILE B 287 23.60 1.95 -24.10
C ILE B 287 23.85 2.44 -25.52
N ASN B 288 24.31 3.69 -25.69
CA ASN B 288 24.46 4.28 -27.02
C ASN B 288 25.91 4.31 -27.50
N LYS B 289 26.71 3.32 -27.13
CA LYS B 289 28.13 3.33 -27.50
C LYS B 289 28.29 3.25 -29.02
N PHE B 290 27.53 2.38 -29.68
CA PHE B 290 27.49 2.28 -31.13
C PHE B 290 26.12 2.72 -31.62
N GLU B 291 25.98 2.77 -32.95
CA GLU B 291 24.68 3.09 -33.52
C GLU B 291 23.68 1.96 -33.35
N THR B 292 24.15 0.74 -33.04
CA THR B 292 23.30 -0.44 -32.92
C THR B 292 23.63 -1.20 -31.64
N LEU B 293 22.67 -2.00 -31.19
CA LEU B 293 22.93 -2.87 -30.05
C LEU B 293 23.76 -4.09 -30.43
N GLU B 294 23.68 -4.53 -31.69
CA GLU B 294 24.43 -5.72 -32.11
C GLU B 294 25.92 -5.49 -31.96
N GLU B 295 26.40 -4.31 -32.33
CA GLU B 295 27.82 -3.99 -32.15
C GLU B 295 28.21 -4.07 -30.68
N LEU B 296 27.35 -3.56 -29.79
CA LEU B 296 27.63 -3.66 -28.37
C LEU B 296 27.71 -5.11 -27.92
N LEU B 297 26.80 -5.97 -28.40
CA LEU B 297 26.79 -7.36 -27.99
C LEU B 297 28.03 -8.10 -28.47
N LYS B 298 28.49 -7.80 -29.69
CA LYS B 298 29.67 -8.46 -30.24
C LYS B 298 30.98 -7.90 -29.69
N SER B 299 30.94 -6.78 -28.98
CA SER B 299 32.15 -6.13 -28.50
C SER B 299 32.65 -6.80 -27.22
N SER B 300 33.77 -6.27 -26.70
CA SER B 300 34.31 -6.75 -25.44
C SER B 300 33.47 -6.34 -24.24
N LYS B 301 32.47 -5.47 -24.45
CA LYS B 301 31.60 -5.05 -23.36
C LYS B 301 30.66 -6.17 -22.89
N PHE B 302 30.50 -7.22 -23.68
CA PHE B 302 29.61 -8.33 -23.34
C PHE B 302 30.35 -9.65 -23.42
N GLU B 303 29.89 -10.61 -22.64
CA GLU B 303 30.37 -11.98 -22.68
C GLU B 303 29.28 -12.86 -23.30
N HIS B 304 29.70 -13.73 -24.22
CA HIS B 304 28.78 -14.64 -24.87
C HIS B 304 29.12 -16.08 -24.51
N PHE B 305 28.09 -16.86 -24.21
CA PHE B 305 28.22 -18.30 -24.03
C PHE B 305 26.87 -18.94 -24.34
N ASN B 306 26.88 -20.26 -24.48
CA ASN B 306 25.68 -21.02 -24.80
C ASN B 306 25.24 -21.88 -23.61
N ILE B 307 23.92 -22.05 -23.50
CA ILE B 307 23.30 -22.90 -22.50
C ILE B 307 22.39 -23.87 -23.21
N ASN B 308 22.50 -25.16 -22.89
CA ASN B 308 21.62 -26.17 -23.43
C ASN B 308 20.29 -26.10 -22.69
N GLN B 309 19.24 -25.68 -23.39
CA GLN B 309 17.94 -25.51 -22.75
C GLN B 309 17.41 -26.83 -22.21
N ARG B 310 17.70 -27.94 -22.89
CA ARG B 310 17.24 -29.24 -22.42
C ARG B 310 17.82 -29.63 -21.06
N LEU B 311 18.96 -29.05 -20.69
CA LEU B 311 19.61 -29.37 -19.43
C LEU B 311 19.23 -28.43 -18.30
N LEU B 312 18.29 -27.51 -18.52
CA LEU B 312 17.90 -26.58 -17.46
C LEU B 312 17.06 -27.28 -16.40
N SER B 313 17.32 -26.94 -15.14
CA SER B 313 16.52 -27.38 -14.01
C SER B 313 15.43 -26.35 -13.72
N ASP B 314 14.81 -26.46 -12.54
CA ASP B 314 13.90 -25.40 -12.12
C ASP B 314 14.64 -24.08 -11.93
N GLU B 315 15.92 -24.15 -11.59
CA GLU B 315 16.80 -22.99 -11.59
C GLU B 315 17.43 -22.82 -12.98
N TRP B 316 17.56 -21.57 -13.41
CA TRP B 316 18.31 -21.22 -14.61
C TRP B 316 19.64 -20.62 -14.18
N ILE B 317 20.69 -21.45 -14.13
CA ILE B 317 22.01 -20.99 -13.77
C ILE B 317 22.74 -20.71 -15.08
N LEU B 318 22.63 -19.46 -15.52
CA LEU B 318 23.19 -19.03 -16.81
C LEU B 318 24.57 -18.46 -16.57
N VAL B 319 25.56 -19.34 -16.51
CA VAL B 319 26.95 -18.97 -16.28
C VAL B 319 27.84 -19.75 -17.24
N ASN B 320 29.08 -19.28 -17.40
CA ASN B 320 30.03 -19.91 -18.30
C ASN B 320 30.55 -21.21 -17.69
N LYS B 321 31.36 -21.93 -18.46
CA LYS B 321 31.80 -23.26 -18.04
C LYS B 321 32.62 -23.21 -16.76
N ASP B 322 33.48 -22.20 -16.63
CA ASP B 322 34.32 -22.10 -15.43
C ASP B 322 33.47 -21.96 -14.18
N ASP B 323 32.46 -21.08 -14.23
CA ASP B 323 31.60 -20.89 -13.06
C ASP B 323 30.80 -22.14 -12.75
N GLU B 324 30.32 -22.83 -13.78
CA GLU B 324 29.57 -24.07 -13.56
C GLU B 324 30.40 -25.12 -12.83
N THR B 325 31.66 -25.30 -13.25
CA THR B 325 32.55 -26.23 -12.57
C THR B 325 32.85 -25.75 -11.15
N PHE B 326 33.08 -24.45 -10.99
CA PHE B 326 33.36 -23.89 -9.67
C PHE B 326 32.17 -24.12 -8.73
N TYR B 327 30.96 -23.84 -9.21
CA TYR B 327 29.76 -24.02 -8.41
C TYR B 327 29.54 -25.50 -8.06
N ASN B 328 29.74 -26.40 -9.04
CA ASN B 328 29.51 -27.81 -8.79
C ASN B 328 30.50 -28.38 -7.79
N LYS B 329 31.75 -27.94 -7.84
CA LYS B 329 32.75 -28.42 -6.89
C LYS B 329 32.35 -28.08 -5.46
N ILE B 330 31.90 -26.85 -5.24
CA ILE B 330 31.50 -26.42 -3.91
C ILE B 330 30.24 -27.18 -3.46
N GLN B 331 29.24 -27.27 -4.34
CA GLN B 331 28.01 -27.96 -3.99
C GLN B 331 28.28 -29.40 -3.58
N GLU B 332 29.18 -30.07 -4.30
CA GLU B 332 29.41 -31.48 -4.03
C GLU B 332 30.22 -31.69 -2.75
N LYS B 333 31.15 -30.77 -2.46
CA LYS B 333 32.03 -30.97 -1.31
C LYS B 333 31.30 -30.70 0.01
N CYS B 334 30.31 -29.81 0.00
CA CYS B 334 29.64 -29.38 1.22
C CYS B 334 28.49 -30.32 1.54
N LYS B 335 28.52 -30.90 2.74
CA LYS B 335 27.50 -31.86 3.15
C LYS B 335 26.32 -31.21 3.86
N TYR B 336 26.39 -29.91 4.16
CA TYR B 336 25.35 -29.23 4.92
C TYR B 336 24.94 -27.95 4.20
N SER B 337 23.69 -27.55 4.41
CA SER B 337 23.21 -26.23 4.03
C SER B 337 22.94 -25.42 5.29
N LEU B 338 22.92 -24.09 5.14
CA LEU B 338 22.57 -23.24 6.28
C LEU B 338 21.19 -23.57 6.80
N GLU B 339 20.27 -23.92 5.91
CA GLU B 339 18.92 -24.28 6.34
C GLU B 339 18.94 -25.47 7.29
N ASP B 340 19.86 -26.42 7.07
CA ASP B 340 19.93 -27.60 7.92
C ASP B 340 20.31 -27.23 9.34
N ILE B 341 21.25 -26.29 9.52
CA ILE B 341 21.85 -26.06 10.83
C ILE B 341 21.32 -24.82 11.54
N ALA B 342 20.53 -23.98 10.87
CA ALA B 342 20.20 -22.67 11.42
C ALA B 342 18.69 -22.44 11.45
N ILE B 343 18.30 -21.53 12.33
CA ILE B 343 16.94 -21.00 12.38
C ILE B 343 17.00 -19.56 11.87
N SER B 344 16.24 -19.29 10.82
CA SER B 344 16.30 -18.02 10.10
C SER B 344 15.03 -17.22 10.32
N PHE B 345 15.15 -15.89 10.38
CA PHE B 345 13.94 -15.09 10.52
C PHE B 345 14.17 -13.67 10.00
N GLN B 346 13.09 -13.08 9.49
CA GLN B 346 13.09 -11.69 9.07
C GLN B 346 12.93 -10.77 10.28
N GLY B 347 13.41 -9.54 10.16
CA GLY B 347 13.35 -8.58 11.24
C GLY B 347 11.93 -8.10 11.54
N ILE B 348 11.86 -7.15 12.48
CA ILE B 348 10.60 -6.56 12.90
C ILE B 348 9.98 -5.77 11.75
N ILE B 349 8.66 -5.81 11.64
CA ILE B 349 7.93 -4.95 10.72
C ILE B 349 6.90 -4.19 11.56
N THR B 350 7.25 -2.96 11.94
CA THR B 350 6.35 -2.15 12.76
C THR B 350 5.08 -1.80 11.99
N GLY B 351 5.21 -1.50 10.70
CA GLY B 351 4.12 -0.98 9.92
C GLY B 351 4.08 0.53 9.81
N CYS B 352 4.74 1.23 10.75
CA CYS B 352 4.95 2.67 10.62
C CYS B 352 6.17 3.01 11.50
N ASP B 353 7.35 3.07 10.87
CA ASP B 353 8.58 3.18 11.64
C ASP B 353 8.64 4.51 12.40
N LYS B 354 8.11 5.58 11.82
CA LYS B 354 8.17 6.89 12.45
C LYS B 354 7.44 6.91 13.80
N ALA B 355 6.54 5.97 14.04
CA ALA B 355 5.80 5.92 15.29
C ALA B 355 6.53 5.17 16.40
N PHE B 356 7.51 4.33 16.07
CA PHE B 356 8.14 3.47 17.05
C PHE B 356 9.66 3.61 17.14
N ILE B 357 10.31 4.21 16.14
CA ILE B 357 11.77 4.28 16.07
C ILE B 357 12.18 5.71 16.39
N LEU B 358 13.05 5.86 17.37
CA LEU B 358 13.54 7.16 17.80
C LEU B 358 15.06 7.19 17.74
N SER B 359 15.61 8.32 17.32
CA SER B 359 17.02 8.56 17.50
C SER B 359 17.36 8.47 18.98
N LYS B 360 18.51 7.88 19.29
CA LYS B 360 18.80 7.64 20.69
C LYS B 360 19.14 8.92 21.43
N ASP B 361 19.30 10.04 20.72
CA ASP B 361 19.45 11.36 21.33
C ASP B 361 18.14 12.15 21.37
N ASP B 362 17.00 11.47 21.22
CA ASP B 362 15.69 12.12 21.20
C ASP B 362 15.18 12.28 22.63
N VAL B 363 14.72 13.50 22.94
CA VAL B 363 14.23 13.78 24.29
C VAL B 363 12.95 13.03 24.61
N LYS B 364 12.19 12.60 23.59
CA LYS B 364 10.98 11.83 23.85
C LYS B 364 11.29 10.47 24.47
N LEU B 365 12.55 10.02 24.39
CA LEU B 365 12.94 8.75 25.02
C LEU B 365 12.88 8.82 26.54
N ASN B 366 12.86 10.02 27.12
CA ASN B 366 12.72 10.13 28.57
C ASN B 366 11.33 9.71 29.04
N LEU B 367 10.34 9.72 28.14
CA LEU B 367 8.99 9.30 28.48
C LEU B 367 8.81 7.79 28.42
N VAL B 368 9.79 7.04 27.93
CA VAL B 368 9.66 5.60 27.72
C VAL B 368 10.50 4.88 28.76
N ASP B 369 9.85 3.99 29.51
CA ASP B 369 10.56 3.14 30.45
C ASP B 369 11.57 2.28 29.69
N ASP B 370 12.76 2.11 30.28
CA ASP B 370 13.83 1.39 29.59
C ASP B 370 13.47 -0.06 29.29
N LYS B 371 12.49 -0.62 30.02
CA LYS B 371 12.06 -1.98 29.72
C LYS B 371 11.38 -2.10 28.37
N PHE B 372 10.90 -1.00 27.79
CA PHE B 372 10.27 -1.01 26.48
C PHE B 372 11.24 -0.76 25.33
N LEU B 373 12.50 -0.41 25.63
CA LEU B 373 13.42 0.08 24.62
C LEU B 373 14.37 -1.02 24.15
N LYS B 374 14.57 -1.10 22.84
CA LYS B 374 15.48 -2.04 22.21
C LYS B 374 16.45 -1.29 21.31
N CYS B 375 17.66 -1.83 21.17
CA CYS B 375 18.60 -1.30 20.19
C CYS B 375 18.12 -1.65 18.78
N TRP B 376 18.37 -0.73 17.85
CA TRP B 376 17.77 -0.78 16.52
C TRP B 376 18.85 -0.43 15.49
N ILE B 377 19.13 -1.35 14.57
CA ILE B 377 20.15 -1.14 13.56
C ILE B 377 19.51 -1.20 12.18
N LYS B 378 20.19 -0.56 11.22
CA LYS B 378 19.81 -0.57 9.81
C LYS B 378 20.83 -1.37 9.02
N SER B 379 20.48 -1.64 7.76
CA SER B 379 21.33 -2.48 6.91
C SER B 379 22.75 -1.92 6.80
N LYS B 380 22.90 -0.60 6.81
CA LYS B 380 24.23 -0.01 6.69
C LYS B 380 25.11 -0.27 7.92
N ASN B 381 24.53 -0.70 9.04
CA ASN B 381 25.34 -0.94 10.23
C ASN B 381 26.07 -2.28 10.18
N ILE B 382 25.69 -3.18 9.28
CA ILE B 382 26.31 -4.51 9.22
C ILE B 382 27.63 -4.41 8.46
N ASN B 383 28.70 -4.84 9.10
CA ASN B 383 29.97 -5.06 8.44
C ASN B 383 30.28 -6.55 8.45
N LYS B 384 31.36 -6.92 7.76
CA LYS B 384 31.92 -8.24 7.98
C LYS B 384 32.29 -8.39 9.45
N TYR B 385 31.79 -9.45 10.08
CA TYR B 385 32.12 -9.95 11.41
C TYR B 385 31.55 -9.19 12.60
N ILE B 386 31.13 -7.93 12.47
CA ILE B 386 30.65 -7.16 13.62
C ILE B 386 29.70 -6.08 13.15
N VAL B 387 28.88 -5.59 14.07
CA VAL B 387 27.87 -4.58 13.82
C VAL B 387 28.32 -3.25 14.43
N ASP B 388 28.03 -2.16 13.73
CA ASP B 388 28.24 -0.83 14.29
C ASP B 388 27.28 -0.58 15.44
N LYS B 389 27.69 0.31 16.36
CA LYS B 389 26.82 0.67 17.47
C LYS B 389 25.52 1.27 16.93
N SER B 390 24.40 0.83 17.51
CA SER B 390 23.10 1.30 17.07
C SER B 390 22.90 2.78 17.43
N GLU B 391 22.27 3.51 16.51
CA GLU B 391 21.94 4.91 16.70
C GLU B 391 20.46 5.15 16.93
N TYR B 392 19.66 4.10 16.96
CA TYR B 392 18.21 4.23 17.09
C TYR B 392 17.71 3.30 18.19
N ARG B 393 16.52 3.60 18.69
CA ARG B 393 15.86 2.80 19.71
C ARG B 393 14.46 2.43 19.25
N LEU B 394 14.07 1.18 19.47
CA LEU B 394 12.73 0.71 19.17
C LEU B 394 11.89 0.68 20.43
N ILE B 395 10.66 1.19 20.33
CA ILE B 395 9.68 1.06 21.39
C ILE B 395 8.91 -0.24 21.13
N TYR B 396 9.22 -1.28 21.91
CA TYR B 396 8.54 -2.56 21.72
C TYR B 396 7.16 -2.45 22.36
N SER B 397 6.25 -1.83 21.60
CA SER B 397 4.93 -1.45 22.12
C SER B 397 4.03 -2.65 22.39
N ASN B 398 4.39 -3.85 21.94
CA ASN B 398 3.58 -5.01 22.26
C ASN B 398 3.55 -5.28 23.76
N ASP B 399 4.57 -4.83 24.50
CA ASP B 399 4.64 -5.05 25.93
C ASP B 399 3.86 -4.03 26.74
N ILE B 400 3.25 -3.04 26.09
CA ILE B 400 2.37 -2.08 26.79
C ILE B 400 1.04 -2.79 27.05
N ASP B 401 0.76 -3.03 28.33
CA ASP B 401 -0.40 -3.85 28.68
C ASP B 401 -1.72 -3.13 28.42
N ASN B 402 -1.94 -2.01 29.10
CA ASN B 402 -3.20 -1.28 29.02
C ASN B 402 -2.97 0.12 28.47
N GLU B 403 -4.04 0.68 27.89
CA GLU B 403 -3.94 1.99 27.27
C GLU B 403 -3.90 3.12 28.29
N ASN B 404 -4.30 2.86 29.53
CA ASN B 404 -4.30 3.91 30.55
C ASN B 404 -3.02 3.93 31.38
N THR B 405 -2.39 2.78 31.58
CA THR B 405 -1.24 2.71 32.47
C THR B 405 0.01 3.36 31.90
N ASN B 406 0.08 3.54 30.58
CA ASN B 406 1.22 4.15 29.89
C ASN B 406 0.75 5.26 28.97
N LYS B 407 -0.08 6.17 29.50
CA LYS B 407 -0.79 7.13 28.66
C LYS B 407 0.17 8.05 27.90
N ARG B 408 1.24 8.50 28.54
CA ARG B 408 2.12 9.49 27.92
C ARG B 408 2.75 8.95 26.65
N ILE B 409 3.19 7.69 26.65
CA ILE B 409 3.83 7.11 25.47
C ILE B 409 2.84 7.06 24.32
N LEU B 410 1.61 6.64 24.59
CA LEU B 410 0.60 6.54 23.54
C LEU B 410 0.22 7.91 23.00
N ASP B 411 0.03 8.89 23.87
CA ASP B 411 -0.47 10.19 23.42
C ASP B 411 0.60 10.98 22.67
N GLU B 412 1.84 10.98 23.16
CA GLU B 412 2.84 11.94 22.72
C GLU B 412 3.87 11.36 21.76
N ILE B 413 3.93 10.04 21.60
CA ILE B 413 4.91 9.44 20.70
C ILE B 413 4.20 8.63 19.62
N ILE B 414 3.50 7.58 20.03
CA ILE B 414 2.93 6.65 19.05
C ILE B 414 1.65 7.21 18.46
N GLY B 415 0.83 7.87 19.28
CA GLY B 415 -0.46 8.38 18.82
C GLY B 415 -0.36 9.45 17.75
N LEU B 416 0.81 10.06 17.59
CA LEU B 416 0.99 11.03 16.50
C LEU B 416 0.74 10.42 15.14
N TYR B 417 0.71 9.09 15.04
CA TYR B 417 0.51 8.38 13.80
C TYR B 417 -0.66 7.41 13.90
N LYS B 418 -1.61 7.73 14.78
CA LYS B 418 -2.72 6.82 15.06
C LYS B 418 -3.50 6.49 13.80
N THR B 419 -3.76 7.50 12.95
CA THR B 419 -4.54 7.27 11.75
C THR B 419 -3.82 6.31 10.80
N LYS B 420 -2.52 6.50 10.61
CA LYS B 420 -1.75 5.58 9.78
C LYS B 420 -1.71 4.20 10.40
N LEU B 421 -1.53 4.12 11.73
CA LEU B 421 -1.48 2.84 12.42
C LEU B 421 -2.80 2.09 12.33
N GLU B 422 -3.91 2.82 12.38
CA GLU B 422 -5.23 2.18 12.30
C GLU B 422 -5.58 1.68 10.91
N ASN B 423 -4.83 2.08 9.88
CA ASN B 423 -5.11 1.63 8.53
C ASN B 423 -4.38 0.34 8.17
N ARG B 424 -3.51 -0.16 9.05
CA ARG B 424 -2.84 -1.43 8.80
C ARG B 424 -3.84 -2.58 8.84
N ARG B 425 -3.54 -3.62 8.06
CA ARG B 425 -4.52 -4.67 7.81
C ARG B 425 -4.99 -5.34 9.11
N GLU B 426 -4.05 -5.65 10.02
CA GLU B 426 -4.41 -6.39 11.22
C GLU B 426 -5.16 -5.52 12.23
N CYS B 427 -4.96 -4.21 12.18
CA CYS B 427 -5.78 -3.31 13.01
C CYS B 427 -7.21 -3.27 12.50
N LYS B 428 -7.39 -3.19 11.17
CA LYS B 428 -8.74 -3.15 10.61
C LYS B 428 -9.49 -4.45 10.86
N SER B 429 -8.79 -5.58 10.95
CA SER B 429 -9.44 -6.84 11.25
C SER B 429 -9.63 -7.06 12.75
N GLY B 430 -9.06 -6.19 13.59
CA GLY B 430 -9.30 -6.21 15.02
C GLY B 430 -8.39 -7.10 15.83
N ILE B 431 -7.45 -7.81 15.22
CA ILE B 431 -6.59 -8.71 15.98
C ILE B 431 -5.34 -8.01 16.50
N ARG B 432 -5.04 -6.80 16.05
CA ARG B 432 -3.89 -6.03 16.51
C ARG B 432 -4.37 -4.69 17.02
N LYS B 433 -3.89 -4.29 18.20
CA LYS B 433 -4.23 -2.98 18.74
C LYS B 433 -3.56 -1.90 17.90
N TRP B 434 -4.16 -0.71 17.89
CA TRP B 434 -3.67 0.36 17.02
C TRP B 434 -2.25 0.78 17.38
N TYR B 435 -1.85 0.61 18.65
CA TYR B 435 -0.52 1.03 19.07
C TYR B 435 0.51 -0.09 19.03
N GLU B 436 0.12 -1.31 18.66
CA GLU B 436 1.02 -2.44 18.67
C GLU B 436 1.82 -2.52 17.37
N LEU B 437 2.99 -3.15 17.45
CA LEU B 437 3.76 -3.45 16.25
C LEU B 437 2.98 -4.41 15.37
N GLN B 438 3.02 -4.20 14.06
CA GLN B 438 2.25 -5.04 13.16
C GLN B 438 2.76 -6.48 13.18
N TRP B 439 4.06 -6.68 13.03
CA TRP B 439 4.67 -8.00 13.13
C TRP B 439 5.84 -7.87 14.10
N GLY B 440 5.56 -8.05 15.39
CA GLY B 440 6.55 -7.89 16.43
C GLY B 440 7.46 -9.08 16.62
N ARG B 441 7.21 -10.17 15.91
CA ARG B 441 8.04 -11.38 15.93
C ARG B 441 8.15 -11.87 17.37
N GLU B 442 9.30 -12.45 17.71
CA GLU B 442 9.52 -13.06 19.02
C GLU B 442 10.81 -12.50 19.61
N LYS B 443 10.69 -11.84 20.77
CA LYS B 443 11.84 -11.18 21.38
C LYS B 443 12.96 -12.18 21.70
N LEU B 444 12.58 -13.41 22.10
CA LEU B 444 13.58 -14.42 22.43
C LEU B 444 14.48 -14.75 21.24
N PHE B 445 14.04 -14.47 20.02
CA PHE B 445 14.88 -14.70 18.84
C PHE B 445 15.93 -13.61 18.68
N PHE B 446 15.60 -12.35 19.00
CA PHE B 446 16.55 -11.27 18.80
C PHE B 446 17.50 -11.11 19.97
N GLU B 447 17.04 -11.41 21.19
CA GLU B 447 17.84 -11.18 22.40
C GLU B 447 18.68 -12.41 22.71
N ARG B 448 19.62 -12.67 21.82
CA ARG B 448 20.57 -13.78 21.92
C ARG B 448 21.69 -13.54 20.94
N LYS B 449 22.79 -14.26 21.13
CA LYS B 449 23.86 -14.26 20.14
C LYS B 449 23.34 -14.79 18.82
N LYS B 450 23.61 -14.07 17.74
CA LYS B 450 23.09 -14.43 16.43
C LYS B 450 23.93 -13.79 15.35
N ILE B 451 23.68 -14.21 14.11
CA ILE B 451 24.33 -13.66 12.92
C ILE B 451 23.32 -12.82 12.17
N MET B 452 23.74 -11.62 11.77
CA MET B 452 22.87 -10.69 11.04
C MET B 452 23.55 -10.26 9.76
N TYR B 453 22.76 -10.10 8.69
CA TYR B 453 23.29 -9.66 7.41
C TYR B 453 22.31 -8.71 6.72
N PRO B 454 22.81 -7.79 5.90
CA PRO B 454 21.91 -6.86 5.21
C PRO B 454 21.09 -7.56 4.14
N TYR B 455 19.86 -7.08 3.94
CA TYR B 455 18.98 -7.74 2.98
C TYR B 455 19.36 -7.42 1.54
N LYS B 456 20.08 -6.34 1.31
CA LYS B 456 20.55 -5.96 -0.01
C LYS B 456 21.95 -5.41 0.16
N SER B 457 22.89 -5.86 -0.67
CA SER B 457 24.28 -5.48 -0.47
C SER B 457 25.08 -5.80 -1.72
N ASN B 458 26.27 -5.22 -1.81
CA ASN B 458 27.22 -5.49 -2.89
C ASN B 458 28.09 -6.70 -2.62
N GLU B 459 28.10 -7.22 -1.39
CA GLU B 459 29.04 -8.28 -1.04
C GLU B 459 28.55 -8.96 0.23
N ASN B 460 29.18 -10.10 0.54
CA ASN B 460 28.84 -10.85 1.73
C ASN B 460 29.22 -10.06 2.97
N ARG B 461 28.24 -9.80 3.84
CA ARG B 461 28.46 -9.09 5.11
C ARG B 461 27.67 -9.83 6.18
N PHE B 462 28.30 -10.81 6.82
CA PHE B 462 27.68 -11.56 7.91
C PHE B 462 28.41 -11.22 9.20
N ALA B 463 27.66 -10.78 10.21
CA ALA B 463 28.24 -10.28 11.44
C ALA B 463 27.64 -11.01 12.63
N ILE B 464 28.48 -11.28 13.63
CA ILE B 464 27.99 -11.80 14.89
C ILE B 464 27.49 -10.64 15.73
N ASP B 465 26.25 -10.73 16.21
CA ASP B 465 25.67 -9.70 17.05
C ASP B 465 25.73 -10.16 18.51
N TYR B 466 26.43 -9.39 19.34
CA TYR B 466 26.50 -9.67 20.77
C TYR B 466 25.59 -8.78 21.59
N ASP B 467 24.84 -7.88 20.96
CA ASP B 467 24.23 -6.76 21.67
C ASP B 467 22.71 -6.78 21.64
N ASN B 468 22.10 -7.92 21.33
CA ASN B 468 20.63 -8.06 21.30
C ASN B 468 19.99 -7.01 20.38
N ASN B 469 20.63 -6.76 19.24
CA ASN B 469 20.12 -5.78 18.29
C ASN B 469 18.82 -6.25 17.66
N PHE B 470 17.85 -5.35 17.58
CA PHE B 470 16.67 -5.54 16.76
C PHE B 470 16.85 -4.79 15.44
N SER B 471 16.01 -5.11 14.47
CA SER B 471 16.09 -4.43 13.18
C SER B 471 14.79 -4.64 12.42
N SER B 472 14.62 -3.85 11.37
CA SER B 472 13.49 -4.01 10.47
C SER B 472 13.82 -5.10 9.45
N ALA B 473 13.02 -5.19 8.40
CA ALA B 473 13.19 -6.24 7.40
C ALA B 473 14.32 -5.96 6.41
N ASP B 474 15.11 -4.91 6.65
CA ASP B 474 16.32 -4.70 5.85
C ASP B 474 17.52 -5.44 6.41
N VAL B 475 17.37 -6.14 7.54
CA VAL B 475 18.41 -6.96 8.14
C VAL B 475 17.80 -8.31 8.50
N TYR B 476 18.39 -9.38 8.00
CA TYR B 476 17.98 -10.74 8.36
C TYR B 476 18.90 -11.31 9.42
N SER B 477 18.40 -12.33 10.12
CA SER B 477 19.13 -12.93 11.23
C SER B 477 18.97 -14.44 11.19
N PHE B 478 19.96 -15.13 11.73
CA PHE B 478 19.79 -16.54 12.03
C PHE B 478 20.65 -16.91 13.22
N PHE B 479 20.24 -17.97 13.90
CA PHE B 479 21.06 -18.58 14.94
C PHE B 479 21.15 -20.07 14.68
N ILE B 480 22.13 -20.70 15.32
CA ILE B 480 22.47 -22.09 15.05
C ILE B 480 21.57 -22.99 15.89
N LYS B 481 21.05 -24.04 15.27
CA LYS B 481 20.21 -25.00 15.99
C LYS B 481 21.00 -25.67 17.10
N GLU B 482 20.29 -26.01 18.17
CA GLU B 482 20.94 -26.59 19.34
C GLU B 482 21.68 -27.87 18.99
N GLU B 483 21.10 -28.70 18.14
CA GLU B 483 21.70 -29.98 17.80
C GLU B 483 22.89 -29.86 16.86
N TYR B 484 23.22 -28.66 16.39
CA TYR B 484 24.39 -28.47 15.53
C TYR B 484 25.47 -27.63 16.18
N LEU B 485 25.26 -27.17 17.42
CA LEU B 485 26.25 -26.30 18.06
C LEU B 485 27.59 -27.01 18.27
N ASP B 486 27.57 -28.33 18.48
CA ASP B 486 28.81 -29.06 18.64
C ASP B 486 29.54 -29.30 17.32
N LYS B 487 28.90 -29.01 16.18
CA LYS B 487 29.53 -29.13 14.88
C LYS B 487 29.95 -27.79 14.29
N PHE B 488 29.16 -26.74 14.50
CA PHE B 488 29.42 -25.43 13.91
C PHE B 488 29.31 -24.35 14.97
N SER B 489 30.25 -23.40 14.92
CA SER B 489 30.25 -22.23 15.79
C SER B 489 30.00 -20.98 14.96
N TYR B 490 29.55 -19.93 15.64
CA TYR B 490 29.27 -18.67 14.96
C TYR B 490 30.54 -18.08 14.36
N GLU B 491 31.67 -18.26 15.03
CA GLU B 491 32.93 -17.71 14.55
C GLU B 491 33.40 -18.45 13.29
N TYR B 492 33.19 -19.77 13.24
CA TYR B 492 33.50 -20.50 12.01
C TYR B 492 32.59 -20.06 10.87
N LEU B 493 31.30 -19.86 11.15
CA LEU B 493 30.35 -19.54 10.09
C LEU B 493 30.65 -18.19 9.44
N VAL B 494 30.88 -17.16 10.24
CA VAL B 494 31.21 -15.86 9.66
C VAL B 494 32.56 -15.94 8.96
N GLY B 495 33.43 -16.85 9.40
CA GLY B 495 34.71 -17.01 8.74
C GLY B 495 34.56 -17.47 7.29
N ILE B 496 33.72 -18.48 7.06
CA ILE B 496 33.56 -18.96 5.70
C ILE B 496 32.61 -18.07 4.91
N LEU B 497 31.58 -17.51 5.56
CA LEU B 497 30.59 -16.72 4.83
C LEU B 497 31.15 -15.40 4.33
N ASN B 498 32.15 -14.84 5.00
CA ASN B 498 32.74 -13.56 4.62
C ASN B 498 33.95 -13.72 3.71
N SER B 499 34.25 -14.94 3.26
CA SER B 499 35.45 -15.18 2.46
C SER B 499 35.20 -14.82 1.00
N SER B 500 36.28 -14.52 0.30
CA SER B 500 36.20 -14.26 -1.13
C SER B 500 35.60 -15.44 -1.88
N VAL B 501 35.84 -16.66 -1.39
CA VAL B 501 35.27 -17.84 -2.03
C VAL B 501 33.74 -17.81 -1.95
N TYR B 502 33.21 -17.57 -0.75
CA TYR B 502 31.76 -17.61 -0.59
C TYR B 502 31.08 -16.38 -1.16
N ASP B 503 31.79 -15.25 -1.27
CA ASP B 503 31.23 -14.12 -1.98
C ASP B 503 31.00 -14.47 -3.45
N LYS B 504 32.02 -15.04 -4.09
CA LYS B 504 31.87 -15.48 -5.48
C LYS B 504 30.81 -16.58 -5.59
N TYR B 505 30.82 -17.52 -4.65
CA TYR B 505 29.91 -18.66 -4.71
C TYR B 505 28.45 -18.20 -4.62
N PHE B 506 28.14 -17.32 -3.68
CA PHE B 506 26.77 -16.86 -3.52
C PHE B 506 26.30 -16.09 -4.74
N LYS B 507 27.15 -15.23 -5.30
CA LYS B 507 26.76 -14.40 -6.43
C LYS B 507 26.60 -15.21 -7.72
N ILE B 508 26.98 -16.48 -7.73
CA ILE B 508 26.73 -17.32 -8.90
C ILE B 508 25.24 -17.37 -9.21
N THR B 509 24.41 -17.54 -8.18
CA THR B 509 22.96 -17.70 -8.34
C THR B 509 22.17 -16.63 -7.63
N ALA B 510 22.82 -15.61 -7.07
CA ALA B 510 22.11 -14.59 -6.32
C ALA B 510 21.26 -13.73 -7.25
N LYS B 511 20.27 -13.07 -6.66
CA LYS B 511 19.34 -12.21 -7.38
C LYS B 511 19.93 -10.82 -7.49
N LYS B 512 20.36 -10.44 -8.69
CA LYS B 512 20.95 -9.12 -8.93
C LYS B 512 19.83 -8.10 -9.13
N MET B 513 19.78 -7.11 -8.23
CA MET B 513 18.64 -6.21 -8.14
C MET B 513 18.86 -4.91 -8.89
N SER B 514 19.97 -4.23 -8.60
CA SER B 514 20.35 -3.00 -9.28
C SER B 514 21.87 -2.92 -9.25
N LYS B 515 22.41 -1.81 -9.73
CA LYS B 515 23.86 -1.67 -9.82
C LYS B 515 24.51 -1.86 -8.45
N ASN B 516 25.41 -2.84 -8.38
CA ASN B 516 26.15 -3.17 -7.16
C ASN B 516 25.25 -3.64 -6.02
N ILE B 517 24.09 -4.23 -6.34
CA ILE B 517 23.17 -4.67 -5.30
C ILE B 517 22.64 -6.07 -5.65
N TYR B 518 22.85 -7.02 -4.74
CA TYR B 518 22.20 -8.32 -4.78
C TYR B 518 21.25 -8.45 -3.60
N ASP B 519 20.17 -9.20 -3.80
CA ASP B 519 19.33 -9.57 -2.67
C ASP B 519 20.05 -10.61 -1.81
N TYR B 520 20.12 -10.35 -0.51
CA TYR B 520 20.57 -11.34 0.46
C TYR B 520 19.34 -11.71 1.29
N TYR B 521 18.53 -12.62 0.75
CA TYR B 521 17.30 -13.07 1.39
C TYR B 521 17.41 -14.54 1.75
N PRO B 522 16.68 -14.99 2.77
CA PRO B 522 16.77 -16.41 3.16
C PRO B 522 16.45 -17.38 2.05
N ASN B 523 15.61 -17.01 1.09
CA ASN B 523 15.26 -17.97 0.05
C ASN B 523 16.44 -18.36 -0.81
N LYS B 524 17.55 -17.62 -0.74
CA LYS B 524 18.81 -18.03 -1.33
C LYS B 524 19.96 -18.15 -0.33
N VAL B 525 19.98 -17.33 0.73
CA VAL B 525 21.05 -17.41 1.72
C VAL B 525 21.00 -18.74 2.46
N MET B 526 19.80 -19.19 2.83
CA MET B 526 19.69 -20.45 3.55
C MET B 526 20.00 -21.66 2.68
N LYS B 527 20.14 -21.48 1.37
CA LYS B 527 20.59 -22.55 0.49
C LYS B 527 22.10 -22.62 0.37
N ILE B 528 22.82 -21.64 0.92
CA ILE B 528 24.28 -21.68 0.90
C ILE B 528 24.75 -22.94 1.59
N ARG B 529 25.63 -23.69 0.91
CA ARG B 529 26.12 -24.95 1.43
C ARG B 529 27.47 -24.74 2.13
N ILE B 530 27.65 -25.47 3.24
CA ILE B 530 28.80 -25.29 4.10
C ILE B 530 29.42 -26.66 4.39
N PHE B 531 30.70 -26.64 4.77
CA PHE B 531 31.47 -27.84 4.99
C PHE B 531 32.12 -27.80 6.37
N ARG B 532 32.59 -28.96 6.81
CA ARG B 532 33.49 -29.02 7.96
C ARG B 532 34.49 -30.15 7.72
N ASP B 533 35.77 -29.85 7.87
CA ASP B 533 36.83 -30.81 7.59
C ASP B 533 38.02 -30.49 8.50
N ASN B 534 39.19 -31.02 8.15
CA ASN B 534 40.38 -30.89 8.99
C ASN B 534 40.83 -29.43 9.15
N ASN B 535 40.41 -28.53 8.26
CA ASN B 535 40.80 -27.13 8.37
C ASN B 535 39.91 -26.35 9.33
N TYR B 536 38.93 -27.00 9.96
CA TYR B 536 37.93 -26.29 10.76
C TYR B 536 38.58 -25.44 11.85
N GLU B 537 39.51 -26.02 12.62
CA GLU B 537 40.04 -25.32 13.78
C GLU B 537 40.86 -24.11 13.37
N GLU B 538 41.67 -24.22 12.31
CA GLU B 538 42.48 -23.09 11.87
C GLU B 538 41.61 -21.98 11.28
N ILE B 539 40.58 -22.34 10.53
CA ILE B 539 39.67 -21.33 10.00
C ILE B 539 38.98 -20.60 11.15
N GLU B 540 38.48 -21.36 12.13
CA GLU B 540 37.79 -20.75 13.25
C GLU B 540 38.71 -19.84 14.05
N ASN B 541 39.96 -20.26 14.24
CA ASN B 541 40.90 -19.44 15.00
C ASN B 541 41.23 -18.15 14.27
N LEU B 542 41.37 -18.20 12.94
CA LEU B 542 41.63 -16.98 12.18
C LEU B 542 40.45 -16.02 12.29
N SER B 543 39.23 -16.54 12.26
CA SER B 543 38.05 -15.70 12.43
C SER B 543 38.03 -15.03 13.79
N LYS B 544 38.39 -15.78 14.84
CA LYS B 544 38.44 -15.19 16.18
C LYS B 544 39.51 -14.10 16.28
N GLN B 545 40.65 -14.31 15.63
CA GLN B 545 41.68 -13.27 15.62
C GLN B 545 41.17 -12.01 14.93
N ILE B 546 40.47 -12.17 13.80
CA ILE B 546 39.92 -11.02 13.08
C ILE B 546 38.94 -10.26 13.96
N ILE B 547 38.04 -10.99 14.62
CA ILE B 547 37.04 -10.35 15.48
C ILE B 547 37.72 -9.58 16.60
N SER B 548 38.78 -10.17 17.19
CA SER B 548 39.50 -9.48 18.25
C SER B 548 40.09 -8.17 17.78
N ILE B 549 40.68 -8.17 16.57
CA ILE B 549 41.27 -6.94 16.04
C ILE B 549 40.20 -5.89 15.77
N LEU B 550 39.07 -6.31 15.19
CA LEU B 550 38.00 -5.37 14.87
C LEU B 550 37.42 -4.73 16.12
N LEU B 551 37.39 -5.46 17.24
CA LEU B 551 36.87 -4.93 18.49
C LEU B 551 37.90 -4.16 19.30
N ASN B 552 39.16 -4.15 18.84
CA ASN B 552 40.22 -3.46 19.57
C ASN B 552 40.08 -1.94 19.43
N LYS B 553 40.85 -1.22 20.25
CA LYS B 553 40.86 0.23 20.17
C LYS B 553 41.53 0.70 18.88
N SER B 554 42.79 0.34 18.68
CA SER B 554 43.48 0.60 17.42
C SER B 554 43.30 -0.61 16.51
N ILE B 555 42.66 -0.40 15.36
CA ILE B 555 42.40 -1.47 14.41
C ILE B 555 43.53 -1.49 13.37
N ASP B 556 44.20 -2.63 13.26
CA ASP B 556 45.24 -2.84 12.25
C ASP B 556 44.56 -3.45 11.02
N LYS B 557 44.20 -2.59 10.07
CA LYS B 557 43.53 -3.07 8.87
C LYS B 557 44.44 -3.97 8.04
N GLY B 558 45.74 -3.72 8.05
CA GLY B 558 46.66 -4.58 7.32
C GLY B 558 46.68 -5.99 7.85
N LYS B 559 46.73 -6.14 9.18
CA LYS B 559 46.77 -7.47 9.78
C LYS B 559 45.49 -8.25 9.47
N VAL B 560 44.34 -7.57 9.52
CA VAL B 560 43.08 -8.24 9.19
C VAL B 560 43.11 -8.78 7.77
N GLU B 561 43.65 -7.99 6.84
CA GLU B 561 43.73 -8.44 5.46
C GLU B 561 44.63 -9.66 5.31
N LYS B 562 45.78 -9.66 6.00
CA LYS B 562 46.66 -10.83 5.98
C LYS B 562 45.92 -12.07 6.49
N LEU B 563 45.22 -11.94 7.62
CA LEU B 563 44.47 -13.07 8.16
C LEU B 563 43.36 -13.50 7.22
N GLN B 564 42.67 -12.53 6.62
CA GLN B 564 41.59 -12.85 5.70
C GLN B 564 42.11 -13.60 4.46
N ILE B 565 43.25 -13.17 3.93
CA ILE B 565 43.85 -13.86 2.79
C ILE B 565 44.25 -15.28 3.20
N LYS B 566 44.83 -15.42 4.39
CA LYS B 566 45.22 -16.74 4.89
C LYS B 566 44.00 -17.65 5.03
N MET B 567 42.89 -17.10 5.52
CA MET B 567 41.66 -17.88 5.62
C MET B 567 41.09 -18.21 4.25
N ASP B 568 41.15 -17.25 3.31
CA ASP B 568 40.65 -17.51 1.97
C ASP B 568 41.35 -18.71 1.35
N ASN B 569 42.68 -18.77 1.48
CA ASN B 569 43.43 -19.88 0.90
C ASN B 569 43.08 -21.20 1.56
N LEU B 570 42.88 -21.20 2.88
CA LEU B 570 42.48 -22.42 3.57
C LEU B 570 41.15 -22.94 3.05
N ILE B 571 40.19 -22.04 2.82
CA ILE B 571 38.89 -22.45 2.29
C ILE B 571 39.03 -22.93 0.85
N MET B 572 39.86 -22.26 0.05
CA MET B 572 40.12 -22.72 -1.31
C MET B 572 40.72 -24.11 -1.31
N ASP B 573 41.65 -24.37 -0.37
CA ASP B 573 42.23 -25.69 -0.26
C ASP B 573 41.19 -26.73 0.13
N SER B 574 40.30 -26.39 1.06
CA SER B 574 39.31 -27.36 1.53
C SER B 574 38.33 -27.74 0.43
N LEU B 575 37.90 -26.77 -0.38
CA LEU B 575 36.90 -27.03 -1.41
C LEU B 575 37.52 -27.50 -2.72
N GLY B 576 38.84 -27.61 -2.80
CA GLY B 576 39.48 -28.10 -4.01
C GLY B 576 39.35 -27.18 -5.20
N ILE B 577 39.39 -25.88 -4.97
CA ILE B 577 39.35 -24.91 -6.07
C ILE B 577 40.66 -24.13 -6.10
N GLY C 28 5.25 49.33 -1.05
CA GLY C 28 3.87 49.57 -1.46
C GLY C 28 3.59 51.01 -1.80
N ILE C 29 2.41 51.49 -1.41
CA ILE C 29 1.95 52.86 -1.65
C ILE C 29 1.86 53.11 -3.15
N TYR C 30 0.89 52.47 -3.81
CA TYR C 30 0.66 52.64 -5.24
C TYR C 30 -0.71 53.31 -5.42
N TYR C 31 -0.71 54.51 -5.96
CA TYR C 31 -1.93 55.31 -6.08
C TYR C 31 -2.68 54.90 -7.34
N THR C 32 -3.83 54.27 -7.16
CA THR C 32 -4.68 53.91 -8.30
C THR C 32 -5.41 55.15 -8.80
N PRO C 33 -5.49 55.38 -10.12
CA PRO C 33 -6.21 56.57 -10.62
C PRO C 33 -7.66 56.59 -10.18
N LYS C 34 -8.18 57.81 -9.98
CA LYS C 34 -9.51 57.96 -9.37
C LYS C 34 -10.60 57.35 -10.23
N ILE C 35 -10.51 57.49 -11.55
CA ILE C 35 -11.58 56.99 -12.42
C ILE C 35 -11.63 55.47 -12.39
N ILE C 36 -10.49 54.80 -12.24
CA ILE C 36 -10.49 53.35 -12.11
C ILE C 36 -11.06 52.93 -10.77
N VAL C 37 -10.74 53.67 -9.71
CA VAL C 37 -11.31 53.38 -8.39
C VAL C 37 -12.82 53.50 -8.44
N ASP C 38 -13.33 54.60 -9.02
CA ASP C 38 -14.77 54.80 -9.11
C ASP C 38 -15.41 53.70 -9.94
N TYR C 39 -14.78 53.31 -11.04
CA TYR C 39 -15.32 52.26 -11.89
C TYR C 39 -15.42 50.93 -11.14
N ILE C 40 -14.40 50.60 -10.35
CA ILE C 40 -14.41 49.33 -9.62
C ILE C 40 -15.48 49.34 -8.54
N VAL C 41 -15.62 50.45 -7.81
CA VAL C 41 -16.66 50.56 -6.80
C VAL C 41 -18.03 50.50 -7.45
N LYS C 42 -18.20 51.18 -8.60
CA LYS C 42 -19.46 51.11 -9.31
C LYS C 42 -19.76 49.69 -9.79
N LYS C 43 -18.74 48.99 -10.29
CA LYS C 43 -18.95 47.62 -10.77
C LYS C 43 -19.42 46.67 -9.67
N THR C 44 -19.14 46.99 -8.41
CA THR C 44 -19.52 46.11 -7.30
C THR C 44 -20.84 46.54 -6.65
N LEU C 45 -21.08 47.84 -6.50
CA LEU C 45 -22.20 48.33 -5.71
C LEU C 45 -23.37 48.84 -6.54
N LYS C 46 -23.29 48.81 -7.88
CA LYS C 46 -24.30 49.47 -8.70
C LYS C 46 -25.69 48.89 -8.49
N ASN C 47 -25.78 47.57 -8.27
CA ASN C 47 -27.07 46.88 -8.25
C ASN C 47 -27.44 46.36 -6.87
N HIS C 48 -26.80 46.85 -5.81
CA HIS C 48 -27.12 46.37 -4.47
C HIS C 48 -28.44 46.95 -4.00
N ASP C 49 -29.33 46.08 -3.54
CA ASP C 49 -30.63 46.48 -2.99
C ASP C 49 -30.42 46.75 -1.51
N ILE C 50 -30.31 48.03 -1.15
CA ILE C 50 -29.96 48.43 0.21
C ILE C 50 -31.15 48.21 1.14
N ILE C 51 -32.29 47.82 0.56
CA ILE C 51 -33.48 47.52 1.34
C ILE C 51 -33.61 46.03 1.61
N LYS C 52 -33.31 45.19 0.61
CA LYS C 52 -33.30 43.75 0.84
C LYS C 52 -32.19 43.37 1.81
N ASN C 53 -31.00 43.95 1.64
CA ASN C 53 -29.87 43.69 2.53
C ASN C 53 -29.28 45.03 2.97
N PRO C 54 -29.77 45.58 4.08
CA PRO C 54 -29.17 46.83 4.60
C PRO C 54 -27.83 46.64 5.27
N TYR C 55 -27.26 45.43 5.27
CA TYR C 55 -25.99 45.14 5.94
C TYR C 55 -25.01 44.54 4.94
N PRO C 56 -24.47 45.35 4.03
CA PRO C 56 -23.44 44.86 3.11
C PRO C 56 -22.06 44.95 3.75
N ARG C 57 -21.20 44.04 3.33
CA ARG C 57 -19.84 43.97 3.86
C ARG C 57 -18.86 44.03 2.69
N ILE C 58 -18.27 45.21 2.49
CA ILE C 58 -17.30 45.46 1.44
C ILE C 58 -15.91 45.40 2.04
N LEU C 59 -15.00 44.68 1.40
CA LEU C 59 -13.67 44.44 1.92
C LEU C 59 -12.61 44.83 0.90
N ASP C 60 -11.54 45.46 1.38
CA ASP C 60 -10.33 45.69 0.59
C ASP C 60 -9.19 44.95 1.28
N ILE C 61 -8.66 43.93 0.61
CA ILE C 61 -7.65 43.06 1.21
C ILE C 61 -6.26 43.71 1.25
N SER C 62 -6.03 44.74 0.44
CA SER C 62 -4.76 45.48 0.40
C SER C 62 -5.05 46.98 0.38
N CYS C 63 -5.85 47.43 1.36
CA CYS C 63 -6.51 48.73 1.28
C CYS C 63 -5.53 49.89 1.22
N GLY C 64 -4.33 49.73 1.76
CA GLY C 64 -3.40 50.85 1.79
C GLY C 64 -3.95 51.99 2.61
N CYS C 65 -3.81 53.21 2.08
CA CYS C 65 -4.36 54.39 2.76
C CYS C 65 -5.87 54.51 2.58
N GLY C 66 -6.48 53.70 1.72
CA GLY C 66 -7.91 53.70 1.57
C GLY C 66 -8.40 54.37 0.30
N ASN C 67 -7.67 54.17 -0.81
CA ASN C 67 -8.12 54.71 -2.09
C ASN C 67 -9.50 54.21 -2.44
N PHE C 68 -9.73 52.90 -2.33
CA PHE C 68 -11.02 52.32 -2.66
C PHE C 68 -12.03 52.48 -1.53
N LEU C 69 -11.59 52.29 -0.28
CA LEU C 69 -12.52 52.24 0.84
C LEU C 69 -13.20 53.59 1.08
N LEU C 70 -12.45 54.69 0.91
CA LEU C 70 -13.04 56.00 1.09
C LEU C 70 -14.13 56.26 0.04
N GLU C 71 -13.91 55.82 -1.19
CA GLU C 71 -14.95 55.93 -2.21
C GLU C 71 -16.13 55.03 -1.89
N VAL C 72 -15.87 53.84 -1.32
CA VAL C 72 -16.95 52.98 -0.86
C VAL C 72 -17.76 53.68 0.21
N TYR C 73 -17.09 54.39 1.11
CA TYR C 73 -17.78 55.13 2.16
C TYR C 73 -18.73 56.17 1.57
N ASP C 74 -18.25 56.94 0.57
CA ASP C 74 -19.09 57.98 -0.03
C ASP C 74 -20.29 57.39 -0.75
N ILE C 75 -20.09 56.31 -1.51
CA ILE C 75 -21.18 55.69 -2.24
C ILE C 75 -22.22 55.11 -1.28
N LEU C 76 -21.76 54.44 -0.22
CA LEU C 76 -22.69 53.91 0.78
C LEU C 76 -23.45 55.03 1.48
N TYR C 77 -22.77 56.12 1.82
CA TYR C 77 -23.43 57.23 2.51
C TYR C 77 -24.57 57.81 1.67
N ASP C 78 -24.32 58.01 0.38
CA ASP C 78 -25.38 58.50 -0.50
C ASP C 78 -26.50 57.48 -0.63
N LEU C 79 -26.17 56.20 -0.71
CA LEU C 79 -27.18 55.16 -0.87
C LEU C 79 -28.08 55.08 0.37
N PHE C 80 -27.49 55.14 1.56
CA PHE C 80 -28.30 55.11 2.78
C PHE C 80 -29.15 56.37 2.91
N GLU C 81 -28.57 57.53 2.60
CA GLU C 81 -29.31 58.78 2.69
C GLU C 81 -30.48 58.81 1.71
N GLU C 82 -30.29 58.20 0.54
CA GLU C 82 -31.31 58.22 -0.50
C GLU C 82 -32.53 57.37 -0.13
N ASN C 83 -32.34 56.34 0.70
CA ASN C 83 -33.39 55.39 1.04
C ASN C 83 -33.77 55.44 2.51
N ILE C 84 -33.61 56.59 3.15
CA ILE C 84 -33.73 56.66 4.60
C ILE C 84 -35.18 56.45 5.05
N TYR C 85 -36.14 57.01 4.33
CA TYR C 85 -37.53 56.89 4.75
C TYR C 85 -38.02 55.45 4.62
N GLU C 86 -37.64 54.76 3.55
CA GLU C 86 -38.00 53.35 3.41
C GLU C 86 -37.32 52.50 4.47
N LEU C 87 -36.09 52.86 4.86
CA LEU C 87 -35.42 52.15 5.94
C LEU C 87 -36.17 52.30 7.26
N LYS C 88 -36.66 53.52 7.54
CA LYS C 88 -37.43 53.76 8.75
C LYS C 88 -38.79 53.08 8.75
N LYS C 89 -39.36 52.82 7.56
CA LYS C 89 -40.65 52.14 7.50
C LYS C 89 -40.49 50.63 7.56
N LYS C 90 -39.58 50.08 6.76
CA LYS C 90 -39.43 48.63 6.71
C LYS C 90 -38.72 48.09 7.95
N TYR C 91 -37.79 48.86 8.51
CA TYR C 91 -36.99 48.44 9.64
C TYR C 91 -37.27 49.36 10.83
N ASP C 92 -36.44 49.24 11.86
CA ASP C 92 -36.54 50.07 13.05
C ASP C 92 -36.65 51.54 12.67
N GLU C 93 -37.77 52.17 13.04
CA GLU C 93 -37.97 53.58 12.73
C GLU C 93 -36.94 54.44 13.45
N ASN C 94 -36.63 54.13 14.70
CA ASN C 94 -35.70 54.94 15.48
C ASN C 94 -34.25 54.72 15.07
N TYR C 95 -33.88 53.48 14.74
CA TYR C 95 -32.48 53.18 14.44
C TYR C 95 -32.02 53.81 13.14
N TRP C 96 -32.84 53.73 12.10
CA TRP C 96 -32.48 54.24 10.77
C TRP C 96 -32.69 55.75 10.75
N THR C 97 -31.65 56.48 11.12
CA THR C 97 -31.66 57.94 11.09
C THR C 97 -30.42 58.45 10.35
N VAL C 98 -30.50 59.70 9.90
CA VAL C 98 -29.36 60.31 9.22
C VAL C 98 -28.18 60.49 10.17
N ASP C 99 -28.46 60.77 11.45
CA ASP C 99 -27.41 60.95 12.45
C ASP C 99 -26.60 59.67 12.69
N ASN C 100 -27.17 58.48 12.45
CA ASN C 100 -26.50 57.22 12.72
C ASN C 100 -25.92 56.55 11.47
N ILE C 101 -25.99 57.20 10.31
CA ILE C 101 -25.48 56.60 9.08
C ILE C 101 -23.97 56.40 9.16
N HIS C 102 -23.27 57.40 9.70
CA HIS C 102 -21.81 57.32 9.83
C HIS C 102 -21.40 56.11 10.68
N ARG C 103 -22.02 55.96 11.85
CA ARG C 103 -21.69 54.85 12.74
C ARG C 103 -22.06 53.51 12.12
N HIS C 104 -23.19 53.45 11.41
CA HIS C 104 -23.62 52.20 10.80
C HIS C 104 -22.64 51.74 9.73
N ILE C 105 -22.16 52.65 8.89
CA ILE C 105 -21.22 52.29 7.82
C ILE C 105 -19.91 51.80 8.43
N LEU C 106 -19.40 52.52 9.43
CA LEU C 106 -18.09 52.18 9.98
C LEU C 106 -18.12 50.91 10.82
N ASN C 107 -19.27 50.58 11.41
CA ASN C 107 -19.35 49.44 12.31
C ASN C 107 -19.68 48.14 11.58
N TYR C 108 -20.55 48.18 10.57
CA TYR C 108 -21.08 46.98 9.96
C TYR C 108 -20.71 46.78 8.49
N CYS C 109 -20.23 47.81 7.79
CA CYS C 109 -20.16 47.76 6.33
C CYS C 109 -18.76 47.73 5.76
N ILE C 110 -17.81 48.48 6.30
CA ILE C 110 -16.49 48.64 5.69
C ILE C 110 -15.48 47.76 6.41
N TYR C 111 -14.68 47.03 5.64
CA TYR C 111 -13.60 46.20 6.15
C TYR C 111 -12.34 46.45 5.32
N GLY C 112 -11.20 46.55 6.00
CA GLY C 112 -9.94 46.78 5.32
C GLY C 112 -8.80 46.06 6.00
N ALA C 113 -7.78 45.71 5.21
CA ALA C 113 -6.61 45.02 5.70
C ALA C 113 -5.37 45.46 4.93
N ASP C 114 -4.23 45.47 5.61
CA ASP C 114 -2.95 45.84 5.01
C ASP C 114 -1.83 45.56 6.02
N ILE C 115 -0.64 45.30 5.50
CA ILE C 115 0.49 44.96 6.37
C ILE C 115 1.13 46.21 6.95
N ASP C 116 1.01 47.36 6.27
CA ASP C 116 1.63 48.58 6.75
C ASP C 116 0.75 49.21 7.82
N GLU C 117 1.28 49.33 9.04
CA GLU C 117 0.49 49.90 10.12
C GLU C 117 0.32 51.40 9.94
N LYS C 118 1.29 52.06 9.31
CA LYS C 118 1.17 53.51 9.09
C LYS C 118 0.03 53.82 8.13
N ALA C 119 -0.13 53.00 7.08
CA ALA C 119 -1.22 53.19 6.14
C ALA C 119 -2.58 53.00 6.81
N ILE C 120 -2.69 51.99 7.67
CA ILE C 120 -3.95 51.74 8.36
C ILE C 120 -4.26 52.86 9.34
N SER C 121 -3.24 53.43 9.97
CA SER C 121 -3.44 54.59 10.83
C SER C 121 -3.97 55.77 10.03
N ILE C 122 -3.43 56.00 8.83
CA ILE C 122 -3.92 57.08 7.98
C ILE C 122 -5.38 56.86 7.62
N LEU C 123 -5.72 55.63 7.22
CA LEU C 123 -7.10 55.33 6.83
C LEU C 123 -8.05 55.46 8.01
N LYS C 124 -7.64 55.03 9.20
CA LYS C 124 -8.49 55.16 10.37
C LYS C 124 -8.78 56.62 10.69
N ASP C 125 -7.76 57.48 10.59
CA ASP C 125 -7.97 58.91 10.79
C ASP C 125 -8.88 59.49 9.73
N SER C 126 -8.69 59.10 8.47
CA SER C 126 -9.51 59.62 7.38
C SER C 126 -10.96 59.18 7.52
N LEU C 127 -11.19 57.92 7.91
CA LEU C 127 -12.56 57.46 8.11
C LEU C 127 -13.21 58.16 9.30
N THR C 128 -12.45 58.42 10.36
CA THR C 128 -12.99 59.14 11.50
C THR C 128 -13.39 60.56 11.12
N ASN C 129 -12.59 61.22 10.29
CA ASN C 129 -12.87 62.59 9.88
C ASN C 129 -13.95 62.67 8.81
N LYS C 130 -14.27 61.57 8.14
CA LYS C 130 -15.28 61.59 7.09
C LYS C 130 -16.68 61.55 7.68
N ILE C 141 -17.64 53.88 18.50
CA ILE C 141 -17.76 53.34 17.15
C ILE C 141 -16.46 52.66 16.74
N LYS C 142 -16.51 51.35 16.55
CA LYS C 142 -15.34 50.57 16.15
C LYS C 142 -15.28 50.44 14.64
N ILE C 143 -14.11 50.72 14.08
CA ILE C 143 -13.86 50.57 12.64
C ILE C 143 -13.17 49.23 12.43
N ASN C 144 -13.49 48.58 11.31
CA ASN C 144 -13.01 47.23 11.03
C ASN C 144 -11.80 47.29 10.11
N LEU C 145 -10.67 47.64 10.68
CA LEU C 145 -9.38 47.61 9.98
C LEU C 145 -8.46 46.64 10.70
N PHE C 146 -7.80 45.76 9.93
CA PHE C 146 -6.91 44.75 10.47
C PHE C 146 -5.54 44.94 9.87
N CYS C 147 -4.52 45.13 10.72
CA CYS C 147 -3.14 45.19 10.27
C CYS C 147 -2.53 43.79 10.39
N CYS C 148 -2.34 43.13 9.25
CA CYS C 148 -1.88 41.75 9.22
C CYS C 148 -1.53 41.37 7.79
N ASP C 149 -1.00 40.16 7.64
CA ASP C 149 -0.80 39.56 6.33
C ASP C 149 -2.12 39.01 5.85
N SER C 150 -2.67 39.64 4.81
CA SER C 150 -4.01 39.28 4.35
C SER C 150 -4.10 37.85 3.86
N LEU C 151 -2.99 37.31 3.35
CA LEU C 151 -2.98 35.91 2.92
C LEU C 151 -2.96 34.95 4.10
N LYS C 152 -2.73 35.45 5.32
CA LYS C 152 -2.69 34.63 6.52
C LYS C 152 -3.83 34.85 7.48
N LYS C 153 -4.53 35.99 7.40
CA LYS C 153 -5.60 36.30 8.33
C LYS C 153 -6.76 35.32 8.22
N LYS C 154 -6.99 34.55 9.28
CA LYS C 154 -8.10 33.61 9.30
C LYS C 154 -9.42 34.39 9.32
N TRP C 155 -10.12 34.38 8.20
CA TRP C 155 -11.36 35.14 8.10
C TRP C 155 -12.53 34.33 8.65
N ARG C 156 -13.27 34.92 9.59
CA ARG C 156 -14.36 34.23 10.25
C ARG C 156 -15.69 34.36 9.53
N TYR C 157 -15.78 35.17 8.48
CA TYR C 157 -17.02 35.33 7.73
C TYR C 157 -16.70 35.78 6.32
N LYS C 158 -17.56 35.39 5.38
CA LYS C 158 -17.38 35.77 3.98
C LYS C 158 -17.92 37.18 3.75
N PHE C 159 -17.75 37.68 2.53
CA PHE C 159 -18.01 39.08 2.23
C PHE C 159 -18.87 39.22 0.99
N ASP C 160 -19.72 40.26 0.99
CA ASP C 160 -20.60 40.52 -0.14
C ASP C 160 -19.84 41.10 -1.32
N TYR C 161 -18.92 42.04 -1.07
CA TYR C 161 -18.20 42.71 -2.14
C TYR C 161 -16.74 42.88 -1.75
N ILE C 162 -15.86 42.68 -2.73
CA ILE C 162 -14.42 42.82 -2.54
C ILE C 162 -13.87 43.67 -3.68
N VAL C 163 -13.14 44.73 -3.33
CA VAL C 163 -12.52 45.63 -4.30
C VAL C 163 -11.06 45.83 -3.91
N GLY C 164 -10.29 46.37 -4.83
CA GLY C 164 -8.97 46.87 -4.48
C GLY C 164 -7.93 46.54 -5.51
N ASN C 165 -6.69 46.87 -5.16
CA ASN C 165 -5.53 46.79 -6.03
C ASN C 165 -4.41 46.08 -5.28
N PRO C 166 -4.23 44.77 -5.50
CA PRO C 166 -3.30 43.98 -4.68
C PRO C 166 -1.86 44.32 -5.02
N PRO C 167 -0.90 43.89 -4.19
CA PRO C 167 0.50 44.09 -4.53
C PRO C 167 0.97 43.08 -5.58
N TYR C 168 1.81 43.55 -6.50
CA TYR C 168 2.41 42.70 -7.52
C TYR C 168 3.89 42.52 -7.19
N ILE C 169 4.30 41.28 -6.95
CA ILE C 169 5.69 40.97 -6.63
C ILE C 169 6.06 39.68 -7.35
N GLY C 170 6.97 39.78 -8.33
CA GLY C 170 7.39 38.64 -9.10
C GLY C 170 8.38 37.76 -8.38
N HIS C 171 8.84 36.72 -9.09
CA HIS C 171 9.66 35.69 -8.47
C HIS C 171 11.01 36.20 -8.02
N LYS C 172 11.54 37.24 -8.67
CA LYS C 172 12.84 37.76 -8.29
C LYS C 172 12.78 38.53 -6.97
N LYS C 173 11.78 39.39 -6.82
CA LYS C 173 11.74 40.37 -5.74
C LYS C 173 11.02 39.86 -4.49
N LEU C 174 10.53 38.62 -4.48
CA LEU C 174 9.81 38.07 -3.35
C LEU C 174 10.76 37.25 -2.49
N GLU C 175 10.71 37.47 -1.17
CA GLU C 175 11.61 36.80 -0.25
C GLU C 175 11.41 35.29 -0.30
N LYS C 176 12.53 34.56 -0.33
CA LYS C 176 12.46 33.11 -0.52
C LYS C 176 11.74 32.41 0.62
N LYS C 177 11.96 32.87 1.85
CA LYS C 177 11.29 32.24 3.00
C LYS C 177 9.78 32.38 2.89
N TYR C 178 9.31 33.53 2.42
CA TYR C 178 7.87 33.71 2.21
C TYR C 178 7.35 32.85 1.07
N LYS C 179 8.18 32.59 0.05
CA LYS C 179 7.76 31.73 -1.05
C LYS C 179 7.45 30.31 -0.58
N LYS C 180 8.17 29.83 0.43
CA LYS C 180 7.91 28.48 0.93
C LYS C 180 6.50 28.37 1.49
N PHE C 181 6.05 29.39 2.22
CA PHE C 181 4.66 29.41 2.66
C PHE C 181 3.70 29.49 1.49
N LEU C 182 4.00 30.32 0.49
CA LEU C 182 3.13 30.41 -0.68
C LEU C 182 3.06 29.09 -1.43
N LEU C 183 4.21 28.43 -1.62
CA LEU C 183 4.22 27.15 -2.30
C LEU C 183 3.51 26.06 -1.52
N GLU C 184 3.33 26.25 -0.20
CA GLU C 184 2.63 25.26 0.60
C GLU C 184 1.12 25.44 0.53
N LYS C 185 0.62 26.60 0.95
CA LYS C 185 -0.81 26.81 1.12
C LYS C 185 -1.49 27.40 -0.12
N TYR C 186 -0.74 27.92 -1.09
CA TYR C 186 -1.33 28.53 -2.27
C TYR C 186 -0.89 27.81 -3.54
N SER C 187 -0.60 26.51 -3.44
CA SER C 187 -0.11 25.75 -4.58
C SER C 187 -1.13 25.67 -5.71
N GLU C 188 -2.42 25.90 -5.42
CA GLU C 188 -3.44 25.83 -6.46
C GLU C 188 -3.19 26.85 -7.56
N VAL C 189 -2.59 28.00 -7.23
CA VAL C 189 -2.33 29.03 -8.22
C VAL C 189 -0.87 29.45 -8.28
N TYR C 190 -0.04 29.11 -7.30
CA TYR C 190 1.32 29.64 -7.20
C TYR C 190 2.33 28.51 -7.29
N LYS C 191 3.07 28.48 -8.40
CA LYS C 191 4.27 27.65 -8.55
C LYS C 191 5.26 28.40 -9.42
N ASP C 192 6.51 27.94 -9.38
CA ASP C 192 7.56 28.31 -10.33
C ASP C 192 7.67 29.84 -10.38
N LYS C 193 7.57 30.46 -11.55
CA LYS C 193 7.77 31.90 -11.70
C LYS C 193 6.49 32.71 -11.51
N ALA C 194 5.52 32.18 -10.75
CA ALA C 194 4.27 32.88 -10.54
C ALA C 194 4.49 34.17 -9.74
N ASP C 195 3.43 34.96 -9.63
CA ASP C 195 3.47 36.25 -8.97
C ASP C 195 2.57 36.23 -7.73
N LEU C 196 2.86 37.15 -6.80
CA LEU C 196 2.10 37.21 -5.55
C LEU C 196 0.63 37.50 -5.80
N TYR C 197 0.32 38.38 -6.77
CA TYR C 197 -1.07 38.75 -7.00
C TYR C 197 -1.91 37.57 -7.48
N PHE C 198 -1.28 36.47 -7.91
CA PHE C 198 -2.04 35.24 -8.15
C PHE C 198 -2.71 34.78 -6.86
N CYS C 199 -1.98 34.84 -5.75
CA CYS C 199 -2.50 34.38 -4.47
C CYS C 199 -3.60 35.29 -3.95
N PHE C 200 -3.48 36.60 -4.20
CA PHE C 200 -4.54 37.53 -3.80
C PHE C 200 -5.84 37.25 -4.54
N TYR C 201 -5.75 36.88 -5.83
CA TYR C 201 -6.92 36.42 -6.55
C TYR C 201 -7.57 35.24 -5.85
N LYS C 202 -6.77 34.25 -5.45
CA LYS C 202 -7.33 33.06 -4.82
C LYS C 202 -7.97 33.40 -3.47
N LYS C 203 -7.31 34.23 -2.65
CA LYS C 203 -7.88 34.58 -1.36
C LYS C 203 -9.17 35.37 -1.52
N ILE C 204 -9.22 36.27 -2.51
CA ILE C 204 -10.44 37.05 -2.75
C ILE C 204 -11.58 36.13 -3.18
N ILE C 205 -11.30 35.18 -4.07
CA ILE C 205 -12.32 34.24 -4.52
C ILE C 205 -12.83 33.41 -3.35
N ASP C 206 -11.93 33.01 -2.44
CA ASP C 206 -12.30 32.07 -1.38
C ASP C 206 -13.16 32.73 -0.31
N ILE C 207 -12.87 33.98 0.03
CA ILE C 207 -13.61 34.68 1.08
C ILE C 207 -14.76 35.51 0.51
N LEU C 208 -15.15 35.27 -0.74
CA LEU C 208 -16.30 35.93 -1.32
C LEU C 208 -17.56 35.11 -1.05
N LYS C 209 -18.61 35.76 -0.54
CA LYS C 209 -19.84 35.05 -0.23
C LYS C 209 -20.59 34.69 -1.50
N GLN C 210 -21.53 33.76 -1.37
CA GLN C 210 -22.34 33.34 -2.51
C GLN C 210 -23.20 34.49 -3.02
N GLY C 211 -23.17 34.72 -4.32
CA GLY C 211 -23.85 35.85 -4.91
C GLY C 211 -23.08 37.16 -4.84
N GLY C 212 -21.90 37.17 -4.24
CA GLY C 212 -21.12 38.38 -4.13
C GLY C 212 -20.38 38.71 -5.40
N ILE C 213 -19.81 39.91 -5.43
CA ILE C 213 -19.14 40.45 -6.61
C ILE C 213 -17.74 40.91 -6.21
N GLY C 214 -16.75 40.53 -7.02
CA GLY C 214 -15.39 41.01 -6.84
C GLY C 214 -14.93 41.78 -8.06
N SER C 215 -14.12 42.82 -7.82
CA SER C 215 -13.61 43.66 -8.90
C SER C 215 -12.24 44.19 -8.49
N VAL C 216 -11.22 43.88 -9.29
CA VAL C 216 -9.84 44.26 -8.96
C VAL C 216 -9.13 44.75 -10.22
N ILE C 217 -8.08 45.54 -10.00
CA ILE C 217 -7.13 45.88 -11.05
C ILE C 217 -5.80 45.21 -10.71
N THR C 218 -5.29 44.42 -11.66
CA THR C 218 -4.06 43.65 -11.50
C THR C 218 -3.25 43.76 -12.79
N PRO C 219 -2.04 43.20 -12.86
CA PRO C 219 -1.37 43.12 -14.16
C PRO C 219 -2.15 42.23 -15.11
N ARG C 220 -2.03 42.52 -16.41
CA ARG C 220 -2.71 41.76 -17.43
C ARG C 220 -2.00 40.46 -17.81
N TYR C 221 -0.77 40.26 -17.33
CA TYR C 221 0.09 39.22 -17.89
C TYR C 221 -0.46 37.82 -17.65
N PHE C 222 -1.20 37.60 -16.57
CA PHE C 222 -1.71 36.27 -16.27
C PHE C 222 -2.71 35.79 -17.32
N LEU C 223 -3.27 36.70 -18.12
CA LEU C 223 -4.23 36.31 -19.15
C LEU C 223 -3.59 35.46 -20.24
N GLU C 224 -2.30 35.63 -20.48
CA GLU C 224 -1.60 34.92 -21.55
C GLU C 224 -0.40 34.11 -21.08
N SER C 225 0.16 34.41 -19.91
CA SER C 225 1.45 33.85 -19.53
C SER C 225 1.35 32.36 -19.20
N LEU C 226 2.49 31.68 -19.33
CA LEU C 226 2.58 30.29 -18.92
C LEU C 226 2.36 30.14 -17.42
N SER C 227 2.90 31.08 -16.63
CA SER C 227 2.79 30.98 -15.18
C SER C 227 1.35 31.11 -14.70
N GLY C 228 0.50 31.78 -15.47
CA GLY C 228 -0.87 32.02 -15.07
C GLY C 228 -1.85 30.92 -15.44
N LYS C 229 -1.37 29.79 -15.96
CA LYS C 229 -2.28 28.74 -16.42
C LYS C 229 -3.14 28.21 -15.28
N ASP C 230 -2.54 27.95 -14.12
CA ASP C 230 -3.31 27.43 -12.99
C ASP C 230 -4.25 28.49 -12.44
N LEU C 231 -3.81 29.76 -12.42
CA LEU C 231 -4.68 30.83 -11.93
C LEU C 231 -5.91 30.97 -12.82
N ARG C 232 -5.73 30.94 -14.14
CA ARG C 232 -6.86 31.04 -15.05
C ARG C 232 -7.85 29.89 -14.84
N GLU C 233 -7.32 28.68 -14.64
CA GLU C 233 -8.17 27.54 -14.36
C GLU C 233 -8.96 27.74 -13.06
N TYR C 234 -8.29 28.25 -12.02
CA TYR C 234 -8.96 28.49 -10.75
C TYR C 234 -10.06 29.53 -10.90
N ILE C 235 -9.78 30.61 -11.63
CA ILE C 235 -10.78 31.65 -11.83
C ILE C 235 -11.96 31.12 -12.64
N LYS C 236 -11.67 30.46 -13.76
CA LYS C 236 -12.72 30.04 -14.66
C LYS C 236 -13.65 29.01 -14.02
N SER C 237 -13.14 28.21 -13.08
CA SER C 237 -13.93 27.15 -12.47
C SER C 237 -14.68 27.59 -11.24
N ASN C 238 -14.31 28.71 -10.61
CA ASN C 238 -14.86 29.07 -9.32
C ASN C 238 -15.72 30.32 -9.31
N VAL C 239 -15.61 31.19 -10.32
CA VAL C 239 -16.45 32.39 -10.40
C VAL C 239 -16.94 32.57 -11.83
N ASN C 240 -18.05 33.29 -11.96
CA ASN C 240 -18.50 33.79 -13.26
C ASN C 240 -17.77 35.09 -13.53
N VAL C 241 -17.06 35.16 -14.65
CA VAL C 241 -16.32 36.37 -15.03
C VAL C 241 -17.29 37.28 -15.78
N GLN C 242 -17.65 38.41 -15.16
CA GLN C 242 -18.56 39.34 -15.81
C GLN C 242 -17.88 40.10 -16.95
N GLU C 243 -16.68 40.60 -16.70
CA GLU C 243 -16.09 41.58 -17.60
C GLU C 243 -14.58 41.64 -17.42
N ILE C 244 -13.87 41.83 -18.53
CA ILE C 244 -12.43 42.06 -18.53
C ILE C 244 -12.18 43.35 -19.30
N VAL C 245 -11.51 44.30 -18.66
CA VAL C 245 -11.04 45.51 -19.31
C VAL C 245 -9.53 45.37 -19.45
N ASP C 246 -9.06 45.29 -20.69
CA ASP C 246 -7.64 45.06 -20.98
C ASP C 246 -7.07 46.33 -21.57
N PHE C 247 -6.15 46.96 -20.86
CA PHE C 247 -5.50 48.18 -21.32
C PHE C 247 -4.28 47.91 -22.18
N LEU C 248 -3.94 46.64 -22.43
CA LEU C 248 -2.78 46.24 -23.24
C LEU C 248 -1.56 46.99 -22.71
N GLY C 249 -0.75 47.60 -23.57
CA GLY C 249 0.47 48.26 -23.13
C GLY C 249 0.31 49.68 -22.64
N ALA C 250 -0.93 50.13 -22.41
CA ALA C 250 -1.14 51.50 -21.95
C ALA C 250 -0.55 51.70 -20.57
N ASN C 251 -0.21 52.95 -20.25
CA ASN C 251 0.43 53.32 -19.00
C ASN C 251 -0.62 53.90 -18.06
N ILE C 252 -1.14 53.06 -17.17
CA ILE C 252 -2.17 53.48 -16.24
C ILE C 252 -1.56 54.14 -15.01
N PHE C 253 -0.46 53.58 -14.50
CA PHE C 253 0.22 54.11 -13.33
C PHE C 253 1.42 54.94 -13.78
N LYS C 254 1.42 56.22 -13.41
CA LYS C 254 2.49 57.11 -13.82
C LYS C 254 3.83 56.64 -13.26
N ASN C 255 4.84 56.61 -14.13
CA ASN C 255 6.21 56.26 -13.74
C ASN C 255 6.31 54.82 -13.23
N ILE C 256 5.38 53.96 -13.65
CA ILE C 256 5.40 52.55 -13.30
C ILE C 256 5.40 51.73 -14.58
N GLY C 257 6.33 50.79 -14.68
CA GLY C 257 6.42 49.94 -15.85
C GLY C 257 5.60 48.67 -15.75
N VAL C 258 4.27 48.82 -15.75
CA VAL C 258 3.36 47.69 -15.66
C VAL C 258 2.18 47.92 -16.59
N SER C 259 1.61 46.84 -17.10
CA SER C 259 0.41 46.87 -17.91
C SER C 259 -0.74 46.24 -17.15
N SER C 260 -1.93 46.82 -17.28
CA SER C 260 -3.00 46.61 -16.32
C SER C 260 -4.25 46.01 -16.97
N CYS C 261 -5.08 45.41 -16.13
CA CYS C 261 -6.41 44.99 -16.54
C CYS C 261 -7.34 45.06 -15.33
N ILE C 262 -8.63 45.21 -15.60
CA ILE C 262 -9.66 45.23 -14.57
C ILE C 262 -10.53 44.00 -14.77
N LEU C 263 -10.71 43.22 -13.72
CA LEU C 263 -11.47 41.98 -13.77
C LEU C 263 -12.64 42.04 -12.81
N THR C 264 -13.84 41.82 -13.32
CA THR C 264 -15.06 41.82 -12.50
C THR C 264 -15.71 40.45 -12.60
N PHE C 265 -16.03 39.87 -11.44
CA PHE C 265 -16.49 38.50 -11.36
C PHE C 265 -17.49 38.37 -10.22
N ASP C 266 -18.23 37.27 -10.23
CA ASP C 266 -19.26 37.04 -9.22
C ASP C 266 -19.43 35.55 -8.98
N LYS C 267 -20.13 35.24 -7.89
CA LYS C 267 -20.52 33.88 -7.53
C LYS C 267 -22.04 33.73 -7.55
N LYS C 268 -22.69 34.29 -8.57
CA LYS C 268 -24.14 34.30 -8.65
C LYS C 268 -24.64 33.09 -9.45
N LYS C 269 -25.96 32.98 -9.55
CA LYS C 269 -26.55 31.91 -10.34
C LYS C 269 -26.16 32.05 -11.80
N THR C 270 -25.44 31.05 -12.31
CA THR C 270 -24.91 31.12 -13.67
C THR C 270 -26.03 31.20 -14.69
N LYS C 271 -25.86 32.06 -15.68
CA LYS C 271 -26.87 32.37 -16.68
C LYS C 271 -26.25 32.15 -18.06
N GLU C 272 -26.88 32.69 -19.10
CA GLU C 272 -26.31 32.72 -20.44
C GLU C 272 -24.83 33.11 -20.38
N THR C 273 -24.50 34.11 -19.56
CA THR C 273 -23.14 34.34 -19.04
C THR C 273 -22.11 34.44 -20.17
N TYR C 274 -22.24 35.51 -20.95
CA TYR C 274 -21.15 35.93 -21.83
C TYR C 274 -20.26 36.92 -21.08
N ILE C 275 -18.96 36.75 -21.22
CA ILE C 275 -18.00 37.70 -20.65
C ILE C 275 -17.90 38.90 -21.59
N ASP C 276 -18.08 40.09 -21.04
CA ASP C 276 -17.85 41.31 -21.80
C ASP C 276 -16.36 41.63 -21.76
N VAL C 277 -15.73 41.73 -22.92
CA VAL C 277 -14.29 41.98 -22.99
C VAL C 277 -14.08 43.32 -23.70
N PHE C 278 -13.37 44.22 -23.06
CA PHE C 278 -12.99 45.51 -23.64
C PHE C 278 -11.48 45.53 -23.84
N LYS C 279 -11.05 45.67 -25.09
CA LYS C 279 -9.63 45.78 -25.43
C LYS C 279 -9.36 47.16 -26.01
N ILE C 280 -8.40 47.86 -25.43
CA ILE C 280 -8.07 49.20 -25.88
C ILE C 280 -7.51 49.15 -27.30
N LYS C 281 -7.94 50.09 -28.13
CA LYS C 281 -7.52 50.13 -29.52
C LYS C 281 -6.27 50.99 -29.72
N ASN C 282 -6.01 51.94 -28.83
CA ASN C 282 -4.86 52.82 -28.93
C ASN C 282 -4.15 52.84 -27.58
N GLU C 283 -2.93 52.29 -27.53
CA GLU C 283 -2.18 52.21 -26.28
C GLU C 283 -1.64 53.56 -25.83
N ASP C 284 -1.73 54.60 -26.66
CA ASP C 284 -1.14 55.89 -26.35
C ASP C 284 -2.03 56.80 -25.51
N ILE C 285 -3.25 56.37 -25.18
CA ILE C 285 -4.16 57.25 -24.47
C ILE C 285 -3.61 57.56 -23.07
N CYS C 286 -3.90 58.77 -22.60
CA CYS C 286 -3.55 59.19 -21.25
C CYS C 286 -4.79 59.05 -20.37
N ILE C 287 -4.66 58.28 -19.28
CA ILE C 287 -5.81 57.95 -18.45
C ILE C 287 -6.35 59.19 -17.75
N ASN C 288 -5.49 60.12 -17.36
CA ASN C 288 -5.89 61.28 -16.58
C ASN C 288 -6.74 62.28 -17.36
N LYS C 289 -6.85 62.13 -18.68
CA LYS C 289 -7.52 63.11 -19.52
C LYS C 289 -9.01 62.77 -19.75
N PHE C 290 -9.59 61.90 -18.93
CA PHE C 290 -10.98 61.49 -19.11
C PHE C 290 -11.73 61.61 -17.79
N GLU C 291 -12.98 62.06 -17.87
CA GLU C 291 -13.78 62.26 -16.66
C GLU C 291 -14.24 60.94 -16.07
N THR C 292 -14.61 59.98 -16.92
CA THR C 292 -15.04 58.67 -16.47
C THR C 292 -14.39 57.60 -17.34
N LEU C 293 -14.29 56.39 -16.78
CA LEU C 293 -13.82 55.26 -17.58
C LEU C 293 -14.87 54.82 -18.60
N GLU C 294 -16.16 54.99 -18.28
CA GLU C 294 -17.21 54.63 -19.21
C GLU C 294 -17.14 55.44 -20.50
N GLU C 295 -16.65 56.68 -20.42
CA GLU C 295 -16.45 57.47 -21.63
C GLU C 295 -15.47 56.79 -22.57
N LEU C 296 -14.38 56.24 -22.03
CA LEU C 296 -13.44 55.48 -22.84
C LEU C 296 -14.06 54.21 -23.39
N LEU C 297 -14.69 53.42 -22.51
CA LEU C 297 -15.19 52.09 -22.91
C LEU C 297 -16.27 52.18 -23.97
N LYS C 298 -17.14 53.19 -23.88
CA LYS C 298 -18.26 53.35 -24.79
C LYS C 298 -17.91 54.19 -26.01
N SER C 299 -16.64 54.20 -26.42
CA SER C 299 -16.18 55.05 -27.50
C SER C 299 -15.42 54.22 -28.53
N SER C 300 -14.87 54.92 -29.54
CA SER C 300 -14.07 54.27 -30.56
C SER C 300 -12.70 53.82 -30.04
N LYS C 301 -12.32 54.26 -28.84
CA LYS C 301 -11.01 53.92 -28.28
C LYS C 301 -10.95 52.50 -27.75
N PHE C 302 -12.08 51.80 -27.65
CA PHE C 302 -12.13 50.46 -27.09
C PHE C 302 -12.98 49.56 -27.97
N GLU C 303 -12.44 48.39 -28.32
CA GLU C 303 -13.24 47.35 -28.96
C GLU C 303 -13.88 46.47 -27.90
N HIS C 304 -15.13 46.09 -28.14
CA HIS C 304 -15.85 45.18 -27.27
C HIS C 304 -16.28 43.94 -28.03
N PHE C 305 -16.26 42.79 -27.34
CA PHE C 305 -16.80 41.55 -27.89
C PHE C 305 -17.14 40.62 -26.73
N ASN C 306 -17.94 39.60 -27.04
CA ASN C 306 -18.39 38.63 -26.05
C ASN C 306 -17.56 37.35 -26.15
N ILE C 307 -17.26 36.79 -24.98
CA ILE C 307 -16.56 35.51 -24.88
C ILE C 307 -17.41 34.56 -24.05
N ASN C 308 -17.62 33.35 -24.55
CA ASN C 308 -18.31 32.33 -23.78
C ASN C 308 -17.34 31.66 -22.82
N GLN C 309 -17.61 31.79 -21.52
CA GLN C 309 -16.72 31.23 -20.51
C GLN C 309 -16.65 29.71 -20.58
N ARG C 310 -17.77 29.06 -20.92
CA ARG C 310 -17.79 27.60 -21.01
C ARG C 310 -16.87 27.08 -22.12
N LEU C 311 -16.52 27.91 -23.09
CA LEU C 311 -15.69 27.50 -24.20
C LEU C 311 -14.21 27.84 -24.01
N LEU C 312 -13.83 28.41 -22.89
CA LEU C 312 -12.43 28.68 -22.62
C LEU C 312 -11.68 27.39 -22.34
N SER C 313 -10.49 27.27 -22.93
CA SER C 313 -9.58 26.16 -22.66
C SER C 313 -8.63 26.57 -21.53
N ASP C 314 -7.54 25.82 -21.33
CA ASP C 314 -6.50 26.25 -20.40
C ASP C 314 -5.87 27.57 -20.81
N GLU C 315 -5.96 27.93 -22.09
CA GLU C 315 -5.52 29.23 -22.58
C GLU C 315 -6.74 30.04 -22.99
N TRP C 316 -6.73 31.33 -22.66
CA TRP C 316 -7.86 32.23 -22.91
C TRP C 316 -7.60 33.02 -24.17
N ILE C 317 -8.25 32.63 -25.27
CA ILE C 317 -8.11 33.32 -26.55
C ILE C 317 -9.20 34.39 -26.58
N LEU C 318 -8.86 35.58 -26.10
CA LEU C 318 -9.81 36.68 -26.02
C LEU C 318 -9.69 37.51 -27.30
N VAL C 319 -10.40 37.07 -28.34
CA VAL C 319 -10.37 37.72 -29.65
C VAL C 319 -11.78 37.74 -30.21
N ASN C 320 -11.98 38.55 -31.26
CA ASN C 320 -13.29 38.63 -31.91
C ASN C 320 -13.47 37.44 -32.85
N LYS C 321 -14.65 37.40 -33.49
CA LYS C 321 -14.99 36.27 -34.35
C LYS C 321 -14.05 36.15 -35.54
N ASP C 322 -13.67 37.29 -36.14
CA ASP C 322 -12.79 37.25 -37.31
C ASP C 322 -11.43 36.65 -36.95
N ASP C 323 -10.83 37.12 -35.86
CA ASP C 323 -9.52 36.60 -35.45
C ASP C 323 -9.61 35.12 -35.07
N GLU C 324 -10.70 34.73 -34.41
CA GLU C 324 -10.89 33.33 -34.04
C GLU C 324 -10.91 32.44 -35.27
N THR C 325 -11.68 32.84 -36.30
CA THR C 325 -11.72 32.08 -37.54
C THR C 325 -10.36 32.05 -38.23
N PHE C 326 -9.70 33.20 -38.30
CA PHE C 326 -8.37 33.28 -38.90
C PHE C 326 -7.39 32.36 -38.18
N TYR C 327 -7.40 32.42 -36.84
CA TYR C 327 -6.49 31.60 -36.05
C TYR C 327 -6.79 30.12 -36.23
N ASN C 328 -8.06 29.74 -36.22
CA ASN C 328 -8.40 28.32 -36.31
C ASN C 328 -8.06 27.75 -37.69
N LYS C 329 -8.21 28.55 -38.74
CA LYS C 329 -7.85 28.10 -40.08
C LYS C 329 -6.37 27.74 -40.16
N ILE C 330 -5.51 28.61 -39.62
CA ILE C 330 -4.07 28.36 -39.66
C ILE C 330 -3.71 27.14 -38.81
N GLN C 331 -4.31 27.02 -37.63
CA GLN C 331 -4.01 25.89 -36.75
C GLN C 331 -4.38 24.56 -37.39
N GLU C 332 -5.54 24.51 -38.06
CA GLU C 332 -5.98 23.26 -38.69
C GLU C 332 -5.17 22.93 -39.94
N LYS C 333 -4.74 23.94 -40.70
CA LYS C 333 -4.09 23.68 -41.98
C LYS C 333 -2.67 23.17 -41.82
N CYS C 334 -1.99 23.53 -40.73
CA CYS C 334 -0.57 23.25 -40.56
C CYS C 334 -0.36 21.92 -39.85
N LYS C 335 0.47 21.07 -40.43
CA LYS C 335 0.74 19.74 -39.89
C LYS C 335 1.91 19.71 -38.92
N TYR C 336 2.74 20.74 -38.90
CA TYR C 336 3.92 20.80 -38.04
C TYR C 336 3.84 21.99 -37.10
N SER C 337 4.64 21.94 -36.04
CA SER C 337 4.95 23.10 -35.22
C SER C 337 6.45 23.30 -35.23
N LEU C 338 6.88 24.49 -34.81
CA LEU C 338 8.32 24.75 -34.75
C LEU C 338 9.02 23.80 -33.79
N GLU C 339 8.38 23.50 -32.66
CA GLU C 339 8.95 22.57 -31.71
C GLU C 339 9.19 21.20 -32.32
N ASP C 340 8.34 20.79 -33.26
CA ASP C 340 8.50 19.49 -33.91
C ASP C 340 9.79 19.41 -34.71
N ILE C 341 10.18 20.51 -35.37
CA ILE C 341 11.25 20.47 -36.35
C ILE C 341 12.53 21.15 -35.90
N ALA C 342 12.55 21.81 -34.76
CA ALA C 342 13.69 22.65 -34.40
C ALA C 342 14.10 22.42 -32.95
N ILE C 343 15.39 22.66 -32.68
CA ILE C 343 15.93 22.68 -31.33
C ILE C 343 16.05 24.13 -30.90
N SER C 344 15.38 24.48 -29.80
CA SER C 344 15.35 25.84 -29.29
C SER C 344 16.23 25.97 -28.06
N PHE C 345 16.86 27.14 -27.90
CA PHE C 345 17.65 27.36 -26.69
C PHE C 345 17.78 28.85 -26.40
N GLN C 346 17.93 29.16 -25.11
CA GLN C 346 18.15 30.52 -24.62
C GLN C 346 19.63 30.87 -24.68
N GLY C 347 19.92 32.16 -24.72
CA GLY C 347 21.28 32.63 -24.88
C GLY C 347 22.13 32.45 -23.64
N ILE C 348 23.38 32.90 -23.75
CA ILE C 348 24.31 32.88 -22.62
C ILE C 348 23.76 33.76 -21.50
N ILE C 349 23.90 33.29 -20.27
CA ILE C 349 23.64 34.11 -19.08
C ILE C 349 24.94 34.14 -18.29
N THR C 350 25.70 35.22 -18.44
CA THR C 350 26.99 35.31 -17.78
C THR C 350 26.84 35.46 -16.27
N GLY C 351 25.79 36.15 -15.83
CA GLY C 351 25.61 36.51 -14.44
C GLY C 351 26.14 37.88 -14.08
N CYS C 352 27.09 38.40 -14.87
CA CYS C 352 27.56 39.77 -14.71
C CYS C 352 28.17 40.19 -16.05
N ASP C 353 27.39 40.91 -16.86
CA ASP C 353 27.83 41.20 -18.22
C ASP C 353 29.05 42.12 -18.24
N LYS C 354 29.13 43.06 -17.30
CA LYS C 354 30.24 44.00 -17.26
C LYS C 354 31.58 43.31 -17.07
N ALA C 355 31.59 42.06 -16.60
CA ALA C 355 32.82 41.32 -16.39
C ALA C 355 33.25 40.52 -17.60
N PHE C 356 32.36 40.27 -18.57
CA PHE C 356 32.66 39.40 -19.69
C PHE C 356 32.45 40.02 -21.06
N ILE C 357 31.73 41.14 -21.16
CA ILE C 357 31.37 41.74 -22.43
C ILE C 357 32.16 43.01 -22.63
N LEU C 358 32.87 43.11 -23.76
CA LEU C 358 33.65 44.28 -24.10
C LEU C 358 33.26 44.78 -25.48
N SER C 359 33.36 46.10 -25.66
CA SER C 359 33.26 46.67 -27.00
C SER C 359 34.41 46.18 -27.86
N LYS C 360 34.15 45.94 -29.14
CA LYS C 360 35.18 45.35 -29.98
C LYS C 360 36.34 46.29 -30.23
N ASP C 361 36.19 47.59 -29.93
CA ASP C 361 37.29 48.54 -30.02
C ASP C 361 37.99 48.76 -28.68
N ASP C 362 37.64 48.00 -27.65
CA ASP C 362 38.28 48.17 -26.35
C ASP C 362 39.69 47.60 -26.37
N VAL C 363 40.66 48.41 -25.94
CA VAL C 363 42.06 47.99 -25.96
C VAL C 363 42.33 46.85 -24.99
N LYS C 364 41.47 46.67 -23.97
CA LYS C 364 41.64 45.55 -23.06
C LYS C 364 41.53 44.21 -23.77
N LEU C 365 40.93 44.18 -24.96
CA LEU C 365 40.90 42.95 -25.74
C LEU C 365 42.29 42.52 -26.21
N ASN C 366 43.29 43.40 -26.10
CA ASN C 366 44.67 42.98 -26.35
C ASN C 366 45.15 41.96 -25.31
N LEU C 367 44.50 41.90 -24.15
CA LEU C 367 44.86 40.95 -23.12
C LEU C 367 44.26 39.56 -23.35
N VAL C 368 43.30 39.43 -24.25
CA VAL C 368 42.52 38.20 -24.41
C VAL C 368 42.92 37.55 -25.73
N ASP C 369 43.32 36.28 -25.64
CA ASP C 369 43.61 35.50 -26.84
C ASP C 369 42.34 35.37 -27.69
N ASP C 370 42.51 35.40 -29.01
CA ASP C 370 41.36 35.40 -29.91
C ASP C 370 40.51 34.15 -29.74
N LYS C 371 41.11 33.04 -29.33
CA LYS C 371 40.37 31.79 -29.20
C LYS C 371 39.30 31.86 -28.12
N PHE C 372 39.40 32.81 -27.20
CA PHE C 372 38.41 32.99 -26.14
C PHE C 372 37.29 33.96 -26.51
N LEU C 373 37.39 34.65 -27.63
CA LEU C 373 36.50 35.75 -27.96
C LEU C 373 35.39 35.30 -28.91
N LYS C 374 34.16 35.64 -28.59
CA LYS C 374 32.99 35.36 -29.40
C LYS C 374 32.32 36.67 -29.80
N CYS C 375 31.65 36.65 -30.96
CA CYS C 375 30.81 37.78 -31.34
C CYS C 375 29.54 37.80 -30.48
N TRP C 376 29.12 39.01 -30.11
CA TRP C 376 28.08 39.22 -29.11
C TRP C 376 27.07 40.22 -29.67
N ILE C 377 25.83 39.78 -29.89
CA ILE C 377 24.78 40.65 -30.40
C ILE C 377 23.74 40.88 -29.31
N LYS C 378 23.02 41.98 -29.45
CA LYS C 378 21.90 42.33 -28.58
C LYS C 378 20.61 42.26 -29.38
N SER C 379 19.49 42.43 -28.66
CA SER C 379 18.18 42.28 -29.29
C SER C 379 17.96 43.30 -30.41
N LYS C 380 18.54 44.50 -30.28
CA LYS C 380 18.35 45.52 -31.31
C LYS C 380 19.09 45.18 -32.60
N ASN C 381 20.03 44.24 -32.57
CA ASN C 381 20.76 43.86 -33.78
C ASN C 381 19.94 42.96 -34.71
N ILE C 382 18.81 42.42 -34.25
CA ILE C 382 18.02 41.51 -35.08
C ILE C 382 17.07 42.33 -35.94
N ASN C 383 17.16 42.15 -37.26
CA ASN C 383 16.15 42.63 -38.20
C ASN C 383 15.42 41.44 -38.78
N LYS C 384 14.43 41.72 -39.61
CA LYS C 384 13.85 40.67 -40.44
C LYS C 384 14.92 40.13 -41.39
N TYR C 385 15.11 38.81 -41.35
CA TYR C 385 15.97 38.01 -42.22
C TYR C 385 17.48 38.08 -41.99
N ILE C 386 17.99 39.08 -41.27
CA ILE C 386 19.44 39.25 -41.13
C ILE C 386 19.76 39.97 -39.83
N VAL C 387 21.02 39.83 -39.41
CA VAL C 387 21.53 40.36 -38.16
C VAL C 387 22.54 41.47 -38.46
N ASP C 388 22.48 42.55 -37.68
CA ASP C 388 23.50 43.59 -37.78
C ASP C 388 24.85 43.05 -37.36
N LYS C 389 25.92 43.65 -37.91
CA LYS C 389 27.26 43.31 -37.49
C LYS C 389 27.44 43.57 -36.00
N SER C 390 28.08 42.65 -35.29
CA SER C 390 28.18 42.75 -33.85
C SER C 390 29.20 43.82 -33.45
N GLU C 391 28.89 44.54 -32.37
CA GLU C 391 29.76 45.58 -31.84
C GLU C 391 30.44 45.17 -30.54
N TYR C 392 30.15 43.97 -30.02
CA TYR C 392 30.67 43.53 -28.74
C TYR C 392 31.34 42.17 -28.89
N ARG C 393 32.18 41.85 -27.91
CA ARG C 393 32.84 40.56 -27.84
C ARG C 393 32.60 39.95 -26.47
N LEU C 394 32.41 38.63 -26.43
CA LEU C 394 32.20 37.89 -25.19
C LEU C 394 33.46 37.10 -24.88
N ILE C 395 33.94 37.22 -23.63
CA ILE C 395 35.03 36.38 -23.17
C ILE C 395 34.42 35.07 -22.67
N TYR C 396 34.60 33.99 -23.44
CA TYR C 396 34.04 32.70 -23.07
C TYR C 396 34.99 32.05 -22.06
N SER C 397 34.89 32.52 -20.81
CA SER C 397 35.87 32.18 -19.78
C SER C 397 35.82 30.72 -19.35
N ASN C 398 34.81 29.96 -19.76
CA ASN C 398 34.77 28.54 -19.44
C ASN C 398 35.90 27.77 -20.13
N ASP C 399 36.52 28.34 -21.15
CA ASP C 399 37.61 27.69 -21.85
C ASP C 399 38.97 28.02 -21.24
N ILE C 400 39.00 28.75 -20.13
CA ILE C 400 40.22 28.93 -19.34
C ILE C 400 40.23 27.82 -18.28
N ASP C 401 41.21 26.92 -18.38
CA ASP C 401 41.14 25.68 -17.62
C ASP C 401 41.34 25.91 -16.12
N ASN C 402 42.25 26.81 -15.74
CA ASN C 402 42.49 27.10 -14.34
C ASN C 402 42.92 28.55 -14.19
N GLU C 403 43.09 28.99 -12.94
CA GLU C 403 43.38 30.39 -12.68
C GLU C 403 44.80 30.77 -13.10
N ASN C 404 45.74 29.82 -13.10
CA ASN C 404 47.15 30.15 -13.22
C ASN C 404 47.66 30.17 -14.66
N THR C 405 46.91 29.67 -15.62
CA THR C 405 47.40 29.66 -17.01
C THR C 405 47.25 31.01 -17.68
N ASN C 406 46.08 31.65 -17.52
CA ASN C 406 45.78 32.93 -18.16
C ASN C 406 45.46 34.01 -17.13
N LYS C 407 46.33 34.13 -16.12
CA LYS C 407 46.04 34.97 -14.96
C LYS C 407 45.66 36.39 -15.34
N ARG C 408 46.27 36.93 -16.40
CA ARG C 408 46.08 38.34 -16.72
C ARG C 408 44.63 38.66 -17.07
N ILE C 409 43.94 37.75 -17.76
CA ILE C 409 42.54 37.99 -18.10
C ILE C 409 41.70 38.09 -16.84
N LEU C 410 41.91 37.17 -15.90
CA LEU C 410 41.15 37.19 -14.65
C LEU C 410 41.51 38.39 -13.79
N ASP C 411 42.77 38.80 -13.79
CA ASP C 411 43.20 39.89 -12.91
C ASP C 411 42.72 41.24 -13.41
N GLU C 412 42.75 41.45 -14.73
CA GLU C 412 42.55 42.79 -15.28
C GLU C 412 41.17 43.02 -15.87
N ILE C 413 40.41 41.97 -16.16
CA ILE C 413 39.09 42.16 -16.76
C ILE C 413 38.00 41.56 -15.88
N ILE C 414 38.04 40.23 -15.72
CA ILE C 414 36.95 39.54 -15.05
C ILE C 414 36.96 39.86 -13.55
N GLY C 415 38.15 39.87 -12.93
CA GLY C 415 38.25 40.03 -11.49
C GLY C 415 37.86 41.38 -10.96
N LEU C 416 37.65 42.36 -11.83
CA LEU C 416 37.14 43.66 -11.38
C LEU C 416 35.76 43.53 -10.76
N TYR C 417 35.04 42.44 -11.03
CA TYR C 417 33.74 42.17 -10.45
C TYR C 417 33.73 40.86 -9.68
N LYS C 418 34.89 40.51 -9.08
CA LYS C 418 35.04 39.21 -8.45
C LYS C 418 34.05 39.03 -7.30
N THR C 419 33.84 40.09 -6.51
CA THR C 419 32.88 40.00 -5.41
C THR C 419 31.47 39.70 -5.94
N LYS C 420 31.06 40.41 -7.00
CA LYS C 420 29.76 40.16 -7.59
C LYS C 420 29.67 38.73 -8.14
N LEU C 421 30.73 38.29 -8.82
CA LEU C 421 30.74 36.94 -9.39
C LEU C 421 30.67 35.88 -8.30
N GLU C 422 31.39 36.09 -7.19
CA GLU C 422 31.39 35.13 -6.10
C GLU C 422 30.04 35.02 -5.40
N ASN C 423 29.15 35.99 -5.60
CA ASN C 423 27.84 35.97 -4.97
C ASN C 423 26.80 35.20 -5.78
N ARG C 424 27.13 34.77 -6.99
CA ARG C 424 26.19 33.98 -7.78
C ARG C 424 25.95 32.63 -7.12
N ARG C 425 24.74 32.09 -7.34
CA ARG C 425 24.30 30.93 -6.58
C ARG C 425 25.21 29.73 -6.81
N GLU C 426 25.59 29.48 -8.07
CA GLU C 426 26.40 28.31 -8.38
C GLU C 426 27.83 28.46 -7.91
N CYS C 427 28.29 29.70 -7.68
CA CYS C 427 29.61 29.89 -7.09
C CYS C 427 29.58 29.63 -5.59
N LYS C 428 28.48 30.02 -4.93
CA LYS C 428 28.38 29.79 -3.49
C LYS C 428 28.24 28.31 -3.15
N SER C 429 27.60 27.54 -4.03
CA SER C 429 27.54 26.10 -3.85
C SER C 429 28.81 25.39 -4.32
N GLY C 430 29.74 26.11 -4.95
CA GLY C 430 31.04 25.58 -5.29
C GLY C 430 31.10 24.79 -6.58
N ILE C 431 30.01 24.68 -7.33
CA ILE C 431 30.04 23.92 -8.58
C ILE C 431 30.49 24.78 -9.76
N ARG C 432 30.57 26.09 -9.59
CA ARG C 432 31.00 27.01 -10.64
C ARG C 432 32.15 27.85 -10.10
N LYS C 433 33.23 27.93 -10.86
CA LYS C 433 34.34 28.80 -10.49
C LYS C 433 33.92 30.27 -10.59
N TRP C 434 34.61 31.12 -9.82
CA TRP C 434 34.19 32.52 -9.74
C TRP C 434 34.31 33.22 -11.08
N TYR C 435 35.28 32.84 -11.90
CA TYR C 435 35.51 33.51 -13.17
C TYR C 435 34.77 32.88 -14.34
N GLU C 436 34.05 31.79 -14.13
CA GLU C 436 33.32 31.14 -15.21
C GLU C 436 31.97 31.81 -15.42
N LEU C 437 31.46 31.70 -16.65
CA LEU C 437 30.10 32.16 -16.96
C LEU C 437 29.10 31.34 -16.16
N GLN C 438 28.03 32.00 -15.69
CA GLN C 438 27.07 31.29 -14.84
C GLN C 438 26.34 30.20 -15.62
N TRP C 439 25.82 30.53 -16.80
CA TRP C 439 25.17 29.56 -17.68
C TRP C 439 25.79 29.71 -19.07
N GLY C 440 26.84 28.92 -19.35
CA GLY C 440 27.58 29.02 -20.59
C GLY C 440 27.02 28.25 -21.77
N ARG C 441 26.03 27.40 -21.53
CA ARG C 441 25.33 26.63 -22.57
C ARG C 441 26.35 25.77 -23.31
N GLU C 442 26.08 25.47 -24.58
CA GLU C 442 26.99 24.70 -25.44
C GLU C 442 27.44 25.57 -26.59
N LYS C 443 28.77 25.68 -26.78
CA LYS C 443 29.29 26.46 -27.90
C LYS C 443 28.81 25.89 -29.23
N LEU C 444 28.73 24.56 -29.32
CA LEU C 444 28.31 23.91 -30.55
C LEU C 444 26.91 24.31 -30.98
N PHE C 445 26.06 24.77 -30.05
CA PHE C 445 24.74 25.25 -30.44
C PHE C 445 24.83 26.62 -31.10
N PHE C 446 25.69 27.50 -30.59
CA PHE C 446 25.77 28.85 -31.13
C PHE C 446 26.59 28.91 -32.41
N GLU C 447 27.65 28.11 -32.49
CA GLU C 447 28.62 28.19 -33.58
C GLU C 447 28.18 27.34 -34.76
N ARG C 448 27.05 27.73 -35.33
CA ARG C 448 26.46 27.03 -36.47
C ARG C 448 25.45 27.96 -37.12
N LYS C 449 24.99 27.57 -38.31
CA LYS C 449 23.91 28.28 -38.95
C LYS C 449 22.62 28.09 -38.15
N LYS C 450 21.91 29.18 -37.87
CA LYS C 450 20.74 29.12 -37.01
C LYS C 450 19.88 30.36 -37.25
N ILE C 451 18.72 30.37 -36.61
CA ILE C 451 17.79 31.50 -36.65
C ILE C 451 17.75 32.13 -35.27
N MET C 452 17.84 33.45 -35.22
CA MET C 452 17.81 34.22 -33.98
C MET C 452 16.68 35.24 -34.03
N TYR C 453 16.08 35.52 -32.88
CA TYR C 453 15.02 36.50 -32.81
C TYR C 453 15.06 37.19 -31.45
N PRO C 454 14.67 38.46 -31.38
CA PRO C 454 14.70 39.17 -30.10
C PRO C 454 13.63 38.65 -29.14
N TYR C 455 13.94 38.69 -27.85
CA TYR C 455 13.02 38.17 -26.84
C TYR C 455 11.86 39.11 -26.58
N LYS C 456 11.97 40.38 -26.96
CA LYS C 456 10.91 41.36 -26.81
C LYS C 456 10.93 42.26 -28.04
N SER C 457 9.77 42.44 -28.67
CA SER C 457 9.75 43.12 -29.96
C SER C 457 8.34 43.62 -30.24
N ASN C 458 8.25 44.53 -31.20
CA ASN C 458 6.98 45.02 -31.70
C ASN C 458 6.43 44.17 -32.84
N GLU C 459 7.22 43.27 -33.39
CA GLU C 459 6.84 42.54 -34.60
C GLU C 459 7.71 41.30 -34.72
N ASN C 460 7.34 40.42 -35.64
CA ASN C 460 8.14 39.24 -35.92
C ASN C 460 9.45 39.67 -36.56
N ARG C 461 10.57 39.31 -35.93
CA ARG C 461 11.90 39.57 -36.46
C ARG C 461 12.72 38.29 -36.31
N PHE C 462 12.65 37.44 -37.32
CA PHE C 462 13.40 36.18 -37.35
C PHE C 462 14.50 36.30 -38.40
N ALA C 463 15.75 36.16 -37.96
CA ALA C 463 16.90 36.37 -38.84
C ALA C 463 17.75 35.12 -38.91
N ILE C 464 18.35 34.90 -40.06
CA ILE C 464 19.34 33.84 -40.22
C ILE C 464 20.70 34.38 -39.78
N ASP C 465 21.37 33.65 -38.90
CA ASP C 465 22.70 34.03 -38.44
C ASP C 465 23.74 33.19 -39.18
N TYR C 466 24.63 33.87 -39.91
CA TYR C 466 25.73 33.21 -40.62
C TYR C 466 27.07 33.37 -39.92
N ASP C 467 27.14 34.13 -38.83
CA ASP C 467 28.40 34.61 -38.28
C ASP C 467 28.71 34.04 -36.89
N ASN C 468 28.06 32.95 -36.50
CA ASN C 468 28.31 32.31 -35.22
C ASN C 468 28.15 33.30 -34.06
N ASN C 469 27.04 34.02 -34.07
CA ASN C 469 26.80 35.06 -33.08
C ASN C 469 26.36 34.45 -31.74
N PHE C 470 26.99 34.88 -30.67
CA PHE C 470 26.52 34.61 -29.32
C PHE C 470 25.66 35.78 -28.83
N SER C 471 24.81 35.49 -27.86
CA SER C 471 23.93 36.52 -27.32
C SER C 471 23.54 36.16 -25.89
N SER C 472 23.03 37.15 -25.17
CA SER C 472 22.47 36.93 -23.85
C SER C 472 21.04 36.41 -24.00
N ALA C 473 20.29 36.42 -22.89
CA ALA C 473 18.92 35.94 -22.90
C ALA C 473 17.94 36.91 -23.56
N ASP C 474 18.42 38.03 -24.08
CA ASP C 474 17.55 38.92 -24.84
C ASP C 474 17.39 38.50 -26.29
N VAL C 475 18.11 37.47 -26.73
CA VAL C 475 17.98 36.91 -28.06
C VAL C 475 17.85 35.40 -27.93
N TYR C 476 16.83 34.83 -28.56
CA TYR C 476 16.66 33.39 -28.60
C TYR C 476 17.10 32.85 -29.96
N SER C 477 17.44 31.55 -29.96
CA SER C 477 17.95 30.89 -31.15
C SER C 477 17.27 29.54 -31.32
N PHE C 478 17.19 29.08 -32.57
CA PHE C 478 16.88 27.69 -32.84
C PHE C 478 17.55 27.27 -34.14
N PHE C 479 17.81 25.98 -34.25
CA PHE C 479 18.29 25.37 -35.48
C PHE C 479 17.41 24.17 -35.82
N ILE C 480 17.39 23.81 -37.09
CA ILE C 480 16.51 22.77 -37.58
C ILE C 480 17.12 21.40 -37.27
N LYS C 481 16.28 20.46 -36.87
CA LYS C 481 16.73 19.10 -36.61
C LYS C 481 17.25 18.45 -37.89
N GLU C 482 18.23 17.56 -37.73
CA GLU C 482 18.84 16.91 -38.88
C GLU C 482 17.81 16.12 -39.69
N GLU C 483 16.87 15.47 -39.00
CA GLU C 483 15.87 14.68 -39.70
C GLU C 483 14.91 15.53 -40.51
N TYR C 484 14.84 16.84 -40.24
CA TYR C 484 13.92 17.72 -40.94
C TYR C 484 14.61 18.65 -41.93
N LEU C 485 15.92 18.46 -42.17
CA LEU C 485 16.63 19.36 -43.07
C LEU C 485 16.20 19.16 -44.52
N ASP C 486 15.77 17.96 -44.89
CA ASP C 486 15.30 17.71 -46.24
C ASP C 486 13.84 18.11 -46.46
N LYS C 487 13.17 18.62 -45.41
CA LYS C 487 11.82 19.15 -45.54
C LYS C 487 11.74 20.66 -45.38
N PHE C 488 12.61 21.26 -44.56
CA PHE C 488 12.55 22.67 -44.27
C PHE C 488 13.94 23.28 -44.37
N SER C 489 14.00 24.53 -44.84
CA SER C 489 15.22 25.30 -44.91
C SER C 489 15.09 26.54 -44.03
N TYR C 490 16.23 27.11 -43.66
CA TYR C 490 16.22 28.36 -42.90
C TYR C 490 15.61 29.49 -43.72
N GLU C 491 15.92 29.53 -45.03
CA GLU C 491 15.39 30.58 -45.88
C GLU C 491 13.87 30.50 -45.97
N TYR C 492 13.32 29.29 -46.10
CA TYR C 492 11.87 29.15 -46.11
C TYR C 492 11.26 29.57 -44.77
N LEU C 493 11.90 29.19 -43.67
CA LEU C 493 11.33 29.46 -42.35
C LEU C 493 11.28 30.95 -42.07
N VAL C 494 12.39 31.66 -42.29
CA VAL C 494 12.37 33.11 -42.06
C VAL C 494 11.44 33.79 -43.05
N GLY C 495 11.24 33.20 -44.23
CA GLY C 495 10.29 33.77 -45.17
C GLY C 495 8.88 33.80 -44.63
N ILE C 496 8.41 32.67 -44.10
CA ILE C 496 7.04 32.63 -43.61
C ILE C 496 6.93 33.24 -42.23
N LEU C 497 7.97 33.11 -41.40
CA LEU C 497 7.89 33.63 -40.03
C LEU C 497 7.85 35.14 -39.99
N ASN C 498 8.44 35.82 -40.98
CA ASN C 498 8.46 37.27 -41.04
C ASN C 498 7.28 37.84 -41.81
N SER C 499 6.38 37.00 -42.32
CA SER C 499 5.30 37.46 -43.17
C SER C 499 4.22 38.17 -42.36
N SER C 500 3.42 38.97 -43.06
CA SER C 500 2.31 39.65 -42.42
C SER C 500 1.31 38.65 -41.84
N VAL C 501 1.11 37.53 -42.54
CA VAL C 501 0.20 36.50 -42.04
C VAL C 501 0.66 35.98 -40.69
N TYR C 502 1.94 35.64 -40.58
CA TYR C 502 2.44 35.05 -39.34
C TYR C 502 2.65 36.11 -38.26
N ASP C 503 2.86 37.37 -38.63
CA ASP C 503 2.93 38.43 -37.64
C ASP C 503 1.60 38.56 -36.90
N LYS C 504 0.49 38.64 -37.65
CA LYS C 504 -0.83 38.68 -37.04
C LYS C 504 -1.14 37.39 -36.32
N TYR C 505 -0.75 36.25 -36.89
CA TYR C 505 -1.06 34.95 -36.31
C TYR C 505 -0.40 34.78 -34.95
N PHE C 506 0.87 35.18 -34.82
CA PHE C 506 1.54 35.05 -33.53
C PHE C 506 0.91 35.97 -32.48
N LYS C 507 0.65 37.23 -32.85
CA LYS C 507 0.16 38.22 -31.91
C LYS C 507 -1.24 37.92 -31.40
N ILE C 508 -1.95 36.97 -32.01
CA ILE C 508 -3.27 36.58 -31.51
C ILE C 508 -3.16 36.06 -30.08
N THR C 509 -2.12 35.29 -29.79
CA THR C 509 -1.93 34.70 -28.47
C THR C 509 -0.68 35.18 -27.75
N ALA C 510 0.12 36.05 -28.38
CA ALA C 510 1.36 36.48 -27.76
C ALA C 510 1.10 37.25 -26.46
N LYS C 511 2.14 37.37 -25.65
CA LYS C 511 2.06 38.00 -24.34
C LYS C 511 2.42 39.47 -24.49
N LYS C 512 1.43 40.35 -24.31
CA LYS C 512 1.66 41.79 -24.43
C LYS C 512 2.29 42.31 -23.14
N MET C 513 3.50 42.86 -23.26
CA MET C 513 4.29 43.26 -22.10
C MET C 513 4.14 44.74 -21.79
N SER C 514 4.47 45.60 -22.75
CA SER C 514 4.36 47.04 -22.59
C SER C 514 3.99 47.62 -23.94
N LYS C 515 3.92 48.95 -23.99
CA LYS C 515 3.55 49.63 -25.23
C LYS C 515 4.46 49.19 -26.37
N ASN C 516 3.84 48.60 -27.41
CA ASN C 516 4.53 48.14 -28.62
C ASN C 516 5.54 47.03 -28.35
N ILE C 517 5.37 46.24 -27.30
CA ILE C 517 6.31 45.18 -26.98
C ILE C 517 5.55 43.90 -26.65
N TYR C 518 5.80 42.85 -27.42
CA TYR C 518 5.33 41.50 -27.12
C TYR C 518 6.51 40.63 -26.68
N ASP C 519 6.23 39.67 -25.80
CA ASP C 519 7.22 38.65 -25.50
C ASP C 519 7.34 37.69 -26.68
N TYR C 520 8.58 37.49 -27.13
CA TYR C 520 8.89 36.45 -28.10
C TYR C 520 9.77 35.43 -27.39
N TYR C 521 9.12 34.50 -26.68
CA TYR C 521 9.74 33.46 -25.90
C TYR C 521 9.42 32.10 -26.49
N PRO C 522 10.29 31.11 -26.31
CA PRO C 522 10.02 29.78 -26.87
C PRO C 522 8.73 29.16 -26.39
N ASN C 523 8.28 29.49 -25.17
CA ASN C 523 7.05 28.87 -24.66
C ASN C 523 5.85 29.21 -25.52
N LYS C 524 5.93 30.26 -26.34
CA LYS C 524 4.92 30.52 -27.35
C LYS C 524 5.45 30.50 -28.78
N VAL C 525 6.72 30.85 -29.00
CA VAL C 525 7.26 30.83 -30.36
C VAL C 525 7.35 29.40 -30.88
N MET C 526 7.74 28.46 -30.02
CA MET C 526 7.87 27.07 -30.45
C MET C 526 6.51 26.41 -30.71
N LYS C 527 5.41 27.04 -30.33
CA LYS C 527 4.08 26.53 -30.65
C LYS C 527 3.57 27.01 -32.02
N ILE C 528 4.31 27.89 -32.69
CA ILE C 528 3.89 28.36 -34.01
C ILE C 528 3.82 27.19 -34.97
N ARG C 529 2.69 27.05 -35.66
CA ARG C 529 2.50 25.94 -36.58
C ARG C 529 3.00 26.33 -37.97
N ILE C 530 3.54 25.32 -38.67
CA ILE C 530 4.22 25.50 -39.95
C ILE C 530 3.58 24.56 -40.97
N PHE C 531 3.61 24.97 -42.23
CA PHE C 531 3.04 24.18 -43.31
C PHE C 531 4.10 23.93 -44.38
N ARG C 532 3.80 22.98 -45.26
CA ARG C 532 4.70 22.62 -46.36
C ARG C 532 3.83 22.11 -47.50
N ASP C 533 3.90 22.79 -48.64
CA ASP C 533 2.98 22.49 -49.75
C ASP C 533 3.62 22.96 -51.06
N ASN C 534 2.81 23.04 -52.12
CA ASN C 534 3.34 23.30 -53.46
C ASN C 534 3.92 24.70 -53.63
N ASN C 535 3.60 25.63 -52.73
CA ASN C 535 4.16 26.98 -52.80
C ASN C 535 5.52 27.08 -52.13
N TYR C 536 6.07 25.97 -51.67
CA TYR C 536 7.31 25.99 -50.90
C TYR C 536 8.46 26.57 -51.72
N GLU C 537 8.62 26.11 -52.97
CA GLU C 537 9.79 26.49 -53.76
C GLU C 537 9.81 27.99 -54.05
N GLU C 538 8.67 28.57 -54.40
CA GLU C 538 8.64 29.99 -54.72
C GLU C 538 8.69 30.86 -53.46
N ILE C 539 8.10 30.40 -52.36
CA ILE C 539 8.24 31.13 -51.10
C ILE C 539 9.70 31.19 -50.69
N GLU C 540 10.40 30.04 -50.79
CA GLU C 540 11.83 30.00 -50.49
C GLU C 540 12.62 30.87 -51.45
N ASN C 541 12.27 30.84 -52.74
CA ASN C 541 12.99 31.66 -53.72
C ASN C 541 12.82 33.14 -53.42
N LEU C 542 11.61 33.58 -53.09
CA LEU C 542 11.39 34.99 -52.75
C LEU C 542 12.18 35.38 -51.51
N SER C 543 12.23 34.49 -50.52
CA SER C 543 13.02 34.76 -49.32
C SER C 543 14.50 34.91 -49.65
N LYS C 544 15.02 34.05 -50.53
CA LYS C 544 16.40 34.17 -50.94
C LYS C 544 16.68 35.51 -51.62
N GLN C 545 15.75 35.95 -52.48
CA GLN C 545 15.92 37.24 -53.15
C GLN C 545 15.94 38.38 -52.14
N ILE C 546 15.06 38.33 -51.14
CA ILE C 546 15.02 39.38 -50.12
C ILE C 546 16.33 39.42 -49.35
N ILE C 547 16.82 38.25 -48.94
CA ILE C 547 18.09 38.17 -48.22
C ILE C 547 19.21 38.74 -49.08
N SER C 548 19.22 38.41 -50.37
CA SER C 548 20.27 38.92 -51.26
C SER C 548 20.25 40.44 -51.32
N ILE C 549 19.06 41.04 -51.43
CA ILE C 549 18.96 42.50 -51.51
C ILE C 549 19.36 43.13 -50.18
N LEU C 550 18.93 42.54 -49.05
CA LEU C 550 19.24 43.13 -47.76
C LEU C 550 20.73 43.12 -47.46
N LEU C 551 21.47 42.16 -48.02
CA LEU C 551 22.90 42.05 -47.78
C LEU C 551 23.73 42.89 -48.73
N ASN C 552 23.11 43.63 -49.64
CA ASN C 552 23.83 44.39 -50.65
C ASN C 552 24.03 45.83 -50.19
N LYS C 553 24.72 46.61 -51.02
CA LYS C 553 25.02 48.00 -50.69
C LYS C 553 23.84 48.92 -50.95
N SER C 554 23.38 48.99 -52.21
CA SER C 554 22.28 49.87 -52.60
C SER C 554 20.97 49.08 -52.50
N ILE C 555 20.36 49.12 -51.32
CA ILE C 555 19.16 48.34 -51.04
C ILE C 555 17.94 49.07 -51.57
N ASP C 556 17.26 48.47 -52.53
CA ASP C 556 15.98 48.97 -53.02
C ASP C 556 14.89 48.44 -52.09
N LYS C 557 14.42 49.30 -51.19
CA LYS C 557 13.38 48.89 -50.25
C LYS C 557 12.07 48.58 -50.98
N GLY C 558 11.80 49.31 -52.06
CA GLY C 558 10.61 49.02 -52.84
C GLY C 558 10.64 47.64 -53.47
N LYS C 559 11.82 47.21 -53.92
CA LYS C 559 11.96 45.86 -54.45
C LYS C 559 11.68 44.82 -53.38
N VAL C 560 12.18 45.05 -52.16
CA VAL C 560 11.93 44.11 -51.06
C VAL C 560 10.44 44.05 -50.75
N GLU C 561 9.78 45.21 -50.68
CA GLU C 561 8.37 45.24 -50.30
C GLU C 561 7.51 44.45 -51.28
N LYS C 562 7.74 44.65 -52.59
CA LYS C 562 6.99 43.91 -53.60
C LYS C 562 7.25 42.41 -53.50
N LEU C 563 8.50 42.02 -53.24
CA LEU C 563 8.80 40.61 -53.03
C LEU C 563 8.07 40.07 -51.81
N GLN C 564 8.05 40.84 -50.73
CA GLN C 564 7.35 40.40 -49.52
C GLN C 564 5.85 40.27 -49.76
N ILE C 565 5.27 41.18 -50.54
CA ILE C 565 3.85 41.10 -50.87
C ILE C 565 3.55 39.83 -51.66
N LYS C 566 4.39 39.52 -52.65
CA LYS C 566 4.24 38.29 -53.42
C LYS C 566 4.27 37.07 -52.52
N MET C 567 5.22 37.02 -51.58
CA MET C 567 5.30 35.90 -50.65
C MET C 567 4.08 35.83 -49.75
N ASP C 568 3.61 36.99 -49.27
CA ASP C 568 2.43 37.01 -48.41
C ASP C 568 1.21 36.44 -49.12
N ASN C 569 1.05 36.76 -50.41
CA ASN C 569 -0.08 36.23 -51.16
C ASN C 569 0.01 34.71 -51.31
N LEU C 570 1.22 34.19 -51.52
CA LEU C 570 1.41 32.74 -51.60
C LEU C 570 1.04 32.07 -50.29
N ILE C 571 1.45 32.66 -49.16
CA ILE C 571 1.14 32.09 -47.86
C ILE C 571 -0.36 32.11 -47.60
N MET C 572 -1.02 33.21 -47.96
CA MET C 572 -2.48 33.26 -47.83
C MET C 572 -3.14 32.22 -48.71
N ASP C 573 -2.65 32.05 -49.94
CA ASP C 573 -3.18 31.02 -50.82
C ASP C 573 -2.97 29.63 -50.23
N SER C 574 -1.80 29.39 -49.64
CA SER C 574 -1.52 28.07 -49.06
C SER C 574 -2.45 27.77 -47.89
N LEU C 575 -2.68 28.77 -47.04
CA LEU C 575 -3.45 28.57 -45.81
C LEU C 575 -4.94 28.76 -46.01
N GLY C 576 -5.38 29.04 -47.23
CA GLY C 576 -6.81 29.20 -47.48
C GLY C 576 -7.43 30.40 -46.83
N ILE C 577 -6.65 31.43 -46.51
CA ILE C 577 -7.16 32.64 -45.89
C ILE C 577 -7.12 33.79 -46.89
#